data_8PH5
# 
_entry.id   8PH5 
# 
_audit_conform.dict_name       mmcif_pdbx.dic 
_audit_conform.dict_version    5.398 
_audit_conform.dict_location   http://mmcif.pdb.org/dictionaries/ascii/mmcif_pdbx.dic 
# 
loop_
_database_2.database_id 
_database_2.database_code 
_database_2.pdbx_database_accession 
_database_2.pdbx_DOI 
PDB   8PH5         pdb_00008ph5 10.2210/pdb8ph5/pdb 
WWPDB D_1292131301 ?            ?                   
# 
loop_
_pdbx_audit_revision_history.ordinal 
_pdbx_audit_revision_history.data_content_type 
_pdbx_audit_revision_history.major_revision 
_pdbx_audit_revision_history.minor_revision 
_pdbx_audit_revision_history.revision_date 
1 'Structure model' 1 0 2023-09-13 
2 'Structure model' 1 1 2023-09-20 
3 'Structure model' 1 2 2024-11-13 
# 
_pdbx_audit_revision_details.ordinal             1 
_pdbx_audit_revision_details.revision_ordinal    1 
_pdbx_audit_revision_details.data_content_type   'Structure model' 
_pdbx_audit_revision_details.provider            repository 
_pdbx_audit_revision_details.type                'Initial release' 
_pdbx_audit_revision_details.description         ? 
_pdbx_audit_revision_details.details             ? 
# 
loop_
_pdbx_audit_revision_group.ordinal 
_pdbx_audit_revision_group.revision_ordinal 
_pdbx_audit_revision_group.data_content_type 
_pdbx_audit_revision_group.group 
1 2 'Structure model' 'Database references' 
2 3 'Structure model' 'Structure summary'   
# 
loop_
_pdbx_audit_revision_category.ordinal 
_pdbx_audit_revision_category.revision_ordinal 
_pdbx_audit_revision_category.data_content_type 
_pdbx_audit_revision_category.category 
1 2 'Structure model' citation                  
2 3 'Structure model' pdbx_entry_details        
3 3 'Structure model' pdbx_modification_feature 
# 
loop_
_pdbx_audit_revision_item.ordinal 
_pdbx_audit_revision_item.revision_ordinal 
_pdbx_audit_revision_item.data_content_type 
_pdbx_audit_revision_item.item 
1 2 'Structure model' '_citation.journal_volume'                     
2 3 'Structure model' '_pdbx_entry_details.has_protein_modification' 
# 
_pdbx_database_status.status_code                     REL 
_pdbx_database_status.status_code_sf                  REL 
_pdbx_database_status.status_code_mr                  ? 
_pdbx_database_status.entry_id                        8PH5 
_pdbx_database_status.recvd_initial_deposition_date   2023-06-19 
_pdbx_database_status.SG_entry                        N 
_pdbx_database_status.deposit_site                    PDBE 
_pdbx_database_status.process_site                    PDBE 
_pdbx_database_status.status_code_cs                  ? 
_pdbx_database_status.status_code_nmr_data            ? 
_pdbx_database_status.methods_development_category    ? 
_pdbx_database_status.pdb_format_compatible           N 
# 
_pdbx_contact_author.id                 4 
_pdbx_contact_author.email              aaronter@ucm.es 
_pdbx_contact_author.name_first         Aaron 
_pdbx_contact_author.name_last          Teran 
_pdbx_contact_author.name_mi            ? 
_pdbx_contact_author.role               'principal investigator/group leader' 
_pdbx_contact_author.identifier_ORCID   0000-0001-6126-6230 
# 
loop_
_audit_author.name 
_audit_author.pdbx_ordinal 
_audit_author.identifier_ORCID 
'Teran, A.'   1 ? 
'Ferraro, G.' 2 ? 
'Merlino, A.' 3 ? 
# 
_citation.abstract                  ? 
_citation.abstract_id_CAS           ? 
_citation.book_id_ISBN              ? 
_citation.book_publisher            ? 
_citation.book_publisher_city       ? 
_citation.book_title                ? 
_citation.coordinate_linkage        ? 
_citation.country                   UK 
_citation.database_id_Medline       ? 
_citation.details                   ? 
_citation.id                        primary 
_citation.journal_abbrev            Int.J.Biol.Macromol. 
_citation.journal_id_ASTM           IJBMDR 
_citation.journal_id_CSD            0708 
_citation.journal_id_ISSN           0141-8130 
_citation.journal_full              ? 
_citation.journal_issue             ? 
_citation.journal_volume            253 
_citation.language                  ? 
_citation.page_first                126666 
_citation.page_last                 126666 
_citation.title                     
'Steric hindrance and charge influence on the cytotoxic activity and protein binding properties of diruthenium complexes.' 
_citation.year                      2023 
_citation.database_id_CSD           ? 
_citation.pdbx_database_id_DOI      10.1016/j.ijbiomac.2023.126666 
_citation.pdbx_database_id_PubMed   37660867 
_citation.pdbx_database_id_patent   ? 
_citation.unpublished_flag          ? 
# 
loop_
_citation_author.citation_id 
_citation_author.name 
_citation_author.ordinal 
_citation_author.identifier_ORCID 
primary 'Teran, A.'            1 ? 
primary 'Ferraro, G.'          2 ? 
primary 'Imbimbo, P.'          3 ? 
primary 'Sanchez-Pelaez, A.E.' 4 ? 
primary 'Monti, D.M.'          5 ? 
primary 'Herrero, S.'          6 ? 
primary 'Merlino, A.'          7 ? 
# 
loop_
_entity.id 
_entity.type 
_entity.src_method 
_entity.pdbx_description 
_entity.formula_weight 
_entity.pdbx_number_of_molecules 
_entity.pdbx_ec 
_entity.pdbx_mutation 
_entity.pdbx_fragment 
_entity.details 
1 polymer     nat 'Lysozyme C' 14331.160 1   3.2.1.17 ? ? ? 
2 non-polymer syn '4-(2-HYDROXYETHYL)-1-PIPERAZINE ETHANESULFONIC ACID' 238.305   1   ?        ? ? ? 
3 non-polymer syn 
'1-oxidanyl-6,8,9,11-tetraphenyl-2,4-dioxa-6,8,9,11-tetraza-1$l^{5},5$l^{4}-diruthenatricyclo[3.3.3.0^{1,5}]undecane' 657.668   2 
?        ? ? ? 
4 water       nat water 18.015    110 ?        ? ? ? 
# 
_entity_name_com.entity_id   1 
_entity_name_com.name        '1,4-beta-N-acetylmuramidase C,Allergen Gal d IV' 
# 
_entity_poly.entity_id                      1 
_entity_poly.type                           'polypeptide(L)' 
_entity_poly.nstd_linkage                   no 
_entity_poly.nstd_monomer                   no 
_entity_poly.pdbx_seq_one_letter_code       
;KVFGRCELAAAMKRHGLDNYRGYSLGNWVCAAKFESNFNTQATNRNTDGSTDYGILQINSRWWCNDGRTPGSRNLCNIPC
SALLSSDITASVNCAKKIVSDGNGMNAWVAWRNRCKGTDVQAWIRGCRL
;
_entity_poly.pdbx_seq_one_letter_code_can   
;KVFGRCELAAAMKRHGLDNYRGYSLGNWVCAAKFESNFNTQATNRNTDGSTDYGILQINSRWWCNDGRTPGSRNLCNIPC
SALLSSDITASVNCAKKIVSDGNGMNAWVAWRNRCKGTDVQAWIRGCRL
;
_entity_poly.pdbx_strand_id                 AAA 
_entity_poly.pdbx_target_identifier         ? 
# 
loop_
_pdbx_entity_nonpoly.entity_id 
_pdbx_entity_nonpoly.name 
_pdbx_entity_nonpoly.comp_id 
2 '4-(2-HYDROXYETHYL)-1-PIPERAZINE ETHANESULFONIC ACID'                                                                 EPE 
3 '1-oxidanyl-6,8,9,11-tetraphenyl-2,4-dioxa-6,8,9,11-tetraza-1$l^{5},5$l^{4}-diruthenatricyclo[3.3.3.0^{1,5}]undecane' ZJK 
4 water                                                                                                                 HOH 
# 
loop_
_entity_poly_seq.entity_id 
_entity_poly_seq.num 
_entity_poly_seq.mon_id 
_entity_poly_seq.hetero 
1 1   LYS n 
1 2   VAL n 
1 3   PHE n 
1 4   GLY n 
1 5   ARG n 
1 6   CYS n 
1 7   GLU n 
1 8   LEU n 
1 9   ALA n 
1 10  ALA n 
1 11  ALA n 
1 12  MET n 
1 13  LYS n 
1 14  ARG n 
1 15  HIS n 
1 16  GLY n 
1 17  LEU n 
1 18  ASP n 
1 19  ASN n 
1 20  TYR n 
1 21  ARG n 
1 22  GLY n 
1 23  TYR n 
1 24  SER n 
1 25  LEU n 
1 26  GLY n 
1 27  ASN n 
1 28  TRP n 
1 29  VAL n 
1 30  CYS n 
1 31  ALA n 
1 32  ALA n 
1 33  LYS n 
1 34  PHE n 
1 35  GLU n 
1 36  SER n 
1 37  ASN n 
1 38  PHE n 
1 39  ASN n 
1 40  THR n 
1 41  GLN n 
1 42  ALA n 
1 43  THR n 
1 44  ASN n 
1 45  ARG n 
1 46  ASN n 
1 47  THR n 
1 48  ASP n 
1 49  GLY n 
1 50  SER n 
1 51  THR n 
1 52  ASP n 
1 53  TYR n 
1 54  GLY n 
1 55  ILE n 
1 56  LEU n 
1 57  GLN n 
1 58  ILE n 
1 59  ASN n 
1 60  SER n 
1 61  ARG n 
1 62  TRP n 
1 63  TRP n 
1 64  CYS n 
1 65  ASN n 
1 66  ASP n 
1 67  GLY n 
1 68  ARG n 
1 69  THR n 
1 70  PRO n 
1 71  GLY n 
1 72  SER n 
1 73  ARG n 
1 74  ASN n 
1 75  LEU n 
1 76  CYS n 
1 77  ASN n 
1 78  ILE n 
1 79  PRO n 
1 80  CYS n 
1 81  SER n 
1 82  ALA n 
1 83  LEU n 
1 84  LEU n 
1 85  SER n 
1 86  SER n 
1 87  ASP n 
1 88  ILE n 
1 89  THR n 
1 90  ALA n 
1 91  SER n 
1 92  VAL n 
1 93  ASN n 
1 94  CYS n 
1 95  ALA n 
1 96  LYS n 
1 97  LYS n 
1 98  ILE n 
1 99  VAL n 
1 100 SER n 
1 101 ASP n 
1 102 GLY n 
1 103 ASN n 
1 104 GLY n 
1 105 MET n 
1 106 ASN n 
1 107 ALA n 
1 108 TRP n 
1 109 VAL n 
1 110 ALA n 
1 111 TRP n 
1 112 ARG n 
1 113 ASN n 
1 114 ARG n 
1 115 CYS n 
1 116 LYS n 
1 117 GLY n 
1 118 THR n 
1 119 ASP n 
1 120 VAL n 
1 121 GLN n 
1 122 ALA n 
1 123 TRP n 
1 124 ILE n 
1 125 ARG n 
1 126 GLY n 
1 127 CYS n 
1 128 ARG n 
1 129 LEU n 
# 
_entity_src_nat.entity_id                  1 
_entity_src_nat.pdbx_src_id                1 
_entity_src_nat.pdbx_alt_source_flag       sample 
_entity_src_nat.pdbx_beg_seq_num           1 
_entity_src_nat.pdbx_end_seq_num           129 
_entity_src_nat.common_name                chicken 
_entity_src_nat.pdbx_organism_scientific   'Gallus gallus' 
_entity_src_nat.pdbx_ncbi_taxonomy_id      9031 
_entity_src_nat.genus                      ? 
_entity_src_nat.species                    ? 
_entity_src_nat.strain                     ? 
_entity_src_nat.tissue                     ? 
_entity_src_nat.tissue_fraction            ? 
_entity_src_nat.pdbx_secretion             ? 
_entity_src_nat.pdbx_fragment              ? 
_entity_src_nat.pdbx_variant               ? 
_entity_src_nat.pdbx_cell_line             ? 
_entity_src_nat.pdbx_atcc                  ? 
_entity_src_nat.pdbx_cellular_location     ? 
_entity_src_nat.pdbx_organ                 ? 
_entity_src_nat.pdbx_organelle             ? 
_entity_src_nat.pdbx_cell                  ? 
_entity_src_nat.pdbx_plasmid_name          ? 
_entity_src_nat.pdbx_plasmid_details       ? 
_entity_src_nat.details                    ? 
# 
loop_
_chem_comp.id 
_chem_comp.type 
_chem_comp.mon_nstd_flag 
_chem_comp.name 
_chem_comp.pdbx_synonyms 
_chem_comp.formula 
_chem_comp.formula_weight 
ALA 'L-peptide linking' y ALANINE ?     'C3 H7 N O2'        89.093  
ARG 'L-peptide linking' y ARGININE ?     'C6 H15 N4 O2 1'    175.209 
ASN 'L-peptide linking' y ASPARAGINE ?     'C4 H8 N2 O3'       132.118 
ASP 'L-peptide linking' y 'ASPARTIC ACID' ?     'C4 H7 N O4'        133.103 
CYS 'L-peptide linking' y CYSTEINE ?     'C3 H7 N O2 S'      121.158 
EPE non-polymer         . '4-(2-HYDROXYETHYL)-1-PIPERAZINE ETHANESULFONIC ACID' HEPES 'C8 H18 N2 O4 S'    238.305 
GLN 'L-peptide linking' y GLUTAMINE ?     'C5 H10 N2 O3'      146.144 
GLU 'L-peptide linking' y 'GLUTAMIC ACID' ?     'C5 H9 N O4'        147.129 
GLY 'peptide linking'   y GLYCINE ?     'C2 H5 N O2'        75.067  
HIS 'L-peptide linking' y HISTIDINE ?     'C6 H10 N3 O2 1'    156.162 
HOH non-polymer         . WATER ?     'H2 O'              18.015  
ILE 'L-peptide linking' y ISOLEUCINE ?     'C6 H13 N O2'       131.173 
LEU 'L-peptide linking' y LEUCINE ?     'C6 H13 N O2'       131.173 
LYS 'L-peptide linking' y LYSINE ?     'C6 H15 N2 O2 1'    147.195 
MET 'L-peptide linking' y METHIONINE ?     'C5 H11 N O2 S'     149.211 
PHE 'L-peptide linking' y PHENYLALANINE ?     'C9 H11 N O2'       165.189 
PRO 'L-peptide linking' y PROLINE ?     'C5 H9 N O2'        115.130 
SER 'L-peptide linking' y SERINE ?     'C3 H7 N O3'        105.093 
THR 'L-peptide linking' y THREONINE ?     'C4 H9 N O3'        119.119 
TRP 'L-peptide linking' y TRYPTOPHAN ?     'C11 H12 N2 O2'     204.225 
TYR 'L-peptide linking' y TYROSINE ?     'C9 H11 N O3'       181.189 
VAL 'L-peptide linking' y VALINE ?     'C5 H11 N O2'       117.146 
ZJK non-polymer         . 
'1-oxidanyl-6,8,9,11-tetraphenyl-2,4-dioxa-6,8,9,11-tetraza-1$l^{5},5$l^{4}-diruthenatricyclo[3.3.3.0^{1,5}]undecane' ?     
'C27 H27 N4 O3 Ru2' 657.668 
# 
loop_
_pdbx_poly_seq_scheme.asym_id 
_pdbx_poly_seq_scheme.entity_id 
_pdbx_poly_seq_scheme.seq_id 
_pdbx_poly_seq_scheme.mon_id 
_pdbx_poly_seq_scheme.ndb_seq_num 
_pdbx_poly_seq_scheme.pdb_seq_num 
_pdbx_poly_seq_scheme.auth_seq_num 
_pdbx_poly_seq_scheme.pdb_mon_id 
_pdbx_poly_seq_scheme.auth_mon_id 
_pdbx_poly_seq_scheme.pdb_strand_id 
_pdbx_poly_seq_scheme.pdb_ins_code 
_pdbx_poly_seq_scheme.hetero 
A 1 1   LYS 1   1   1   LYS LYS AAA . n 
A 1 2   VAL 2   2   2   VAL VAL AAA . n 
A 1 3   PHE 3   3   3   PHE PHE AAA . n 
A 1 4   GLY 4   4   4   GLY GLY AAA . n 
A 1 5   ARG 5   5   5   ARG ARG AAA . n 
A 1 6   CYS 6   6   6   CYS CYS AAA . n 
A 1 7   GLU 7   7   7   GLU GLU AAA . n 
A 1 8   LEU 8   8   8   LEU LEU AAA . n 
A 1 9   ALA 9   9   9   ALA ALA AAA . n 
A 1 10  ALA 10  10  10  ALA ALA AAA . n 
A 1 11  ALA 11  11  11  ALA ALA AAA . n 
A 1 12  MET 12  12  12  MET MET AAA . n 
A 1 13  LYS 13  13  13  LYS LYS AAA . n 
A 1 14  ARG 14  14  14  ARG ARG AAA . n 
A 1 15  HIS 15  15  15  HIS HIS AAA . n 
A 1 16  GLY 16  16  16  GLY GLY AAA . n 
A 1 17  LEU 17  17  17  LEU LEU AAA . n 
A 1 18  ASP 18  18  18  ASP ASP AAA . n 
A 1 19  ASN 19  19  19  ASN ASN AAA . n 
A 1 20  TYR 20  20  20  TYR TYR AAA . n 
A 1 21  ARG 21  21  21  ARG ARG AAA . n 
A 1 22  GLY 22  22  22  GLY GLY AAA . n 
A 1 23  TYR 23  23  23  TYR TYR AAA . n 
A 1 24  SER 24  24  24  SER SER AAA . n 
A 1 25  LEU 25  25  25  LEU LEU AAA . n 
A 1 26  GLY 26  26  26  GLY GLY AAA . n 
A 1 27  ASN 27  27  27  ASN ASN AAA . n 
A 1 28  TRP 28  28  28  TRP TRP AAA . n 
A 1 29  VAL 29  29  29  VAL VAL AAA . n 
A 1 30  CYS 30  30  30  CYS CYS AAA . n 
A 1 31  ALA 31  31  31  ALA ALA AAA . n 
A 1 32  ALA 32  32  32  ALA ALA AAA . n 
A 1 33  LYS 33  33  33  LYS LYS AAA . n 
A 1 34  PHE 34  34  34  PHE PHE AAA . n 
A 1 35  GLU 35  35  35  GLU GLU AAA . n 
A 1 36  SER 36  36  36  SER SER AAA . n 
A 1 37  ASN 37  37  37  ASN ASN AAA . n 
A 1 38  PHE 38  38  38  PHE PHE AAA . n 
A 1 39  ASN 39  39  39  ASN ASN AAA . n 
A 1 40  THR 40  40  40  THR THR AAA . n 
A 1 41  GLN 41  41  41  GLN GLN AAA . n 
A 1 42  ALA 42  42  42  ALA ALA AAA . n 
A 1 43  THR 43  43  43  THR THR AAA . n 
A 1 44  ASN 44  44  44  ASN ASN AAA . n 
A 1 45  ARG 45  45  45  ARG ARG AAA . n 
A 1 46  ASN 46  46  46  ASN ASN AAA . n 
A 1 47  THR 47  47  47  THR THR AAA . n 
A 1 48  ASP 48  48  48  ASP ASP AAA . n 
A 1 49  GLY 49  49  49  GLY GLY AAA . n 
A 1 50  SER 50  50  50  SER SER AAA . n 
A 1 51  THR 51  51  51  THR THR AAA . n 
A 1 52  ASP 52  52  52  ASP ASP AAA . n 
A 1 53  TYR 53  53  53  TYR TYR AAA . n 
A 1 54  GLY 54  54  54  GLY GLY AAA . n 
A 1 55  ILE 55  55  55  ILE ILE AAA . n 
A 1 56  LEU 56  56  56  LEU LEU AAA . n 
A 1 57  GLN 57  57  57  GLN GLN AAA . n 
A 1 58  ILE 58  58  58  ILE ILE AAA . n 
A 1 59  ASN 59  59  59  ASN ASN AAA . n 
A 1 60  SER 60  60  60  SER SER AAA . n 
A 1 61  ARG 61  61  61  ARG ARG AAA . n 
A 1 62  TRP 62  62  62  TRP TRP AAA . n 
A 1 63  TRP 63  63  63  TRP TRP AAA . n 
A 1 64  CYS 64  64  64  CYS CYS AAA . n 
A 1 65  ASN 65  65  65  ASN ASN AAA . n 
A 1 66  ASP 66  66  66  ASP ASP AAA . n 
A 1 67  GLY 67  67  67  GLY GLY AAA . n 
A 1 68  ARG 68  68  68  ARG ARG AAA . n 
A 1 69  THR 69  69  69  THR THR AAA . n 
A 1 70  PRO 70  70  70  PRO PRO AAA . n 
A 1 71  GLY 71  71  71  GLY GLY AAA . n 
A 1 72  SER 72  72  72  SER SER AAA . n 
A 1 73  ARG 73  73  73  ARG ARG AAA . n 
A 1 74  ASN 74  74  74  ASN ASN AAA . n 
A 1 75  LEU 75  75  75  LEU LEU AAA . n 
A 1 76  CYS 76  76  76  CYS CYS AAA . n 
A 1 77  ASN 77  77  77  ASN ASN AAA . n 
A 1 78  ILE 78  78  78  ILE ILE AAA . n 
A 1 79  PRO 79  79  79  PRO PRO AAA . n 
A 1 80  CYS 80  80  80  CYS CYS AAA . n 
A 1 81  SER 81  81  81  SER SER AAA . n 
A 1 82  ALA 82  82  82  ALA ALA AAA . n 
A 1 83  LEU 83  83  83  LEU LEU AAA . n 
A 1 84  LEU 84  84  84  LEU LEU AAA . n 
A 1 85  SER 85  85  85  SER SER AAA . n 
A 1 86  SER 86  86  86  SER SER AAA . n 
A 1 87  ASP 87  87  87  ASP ASP AAA . n 
A 1 88  ILE 88  88  88  ILE ILE AAA . n 
A 1 89  THR 89  89  89  THR THR AAA . n 
A 1 90  ALA 90  90  90  ALA ALA AAA . n 
A 1 91  SER 91  91  91  SER SER AAA . n 
A 1 92  VAL 92  92  92  VAL VAL AAA . n 
A 1 93  ASN 93  93  93  ASN ASN AAA . n 
A 1 94  CYS 94  94  94  CYS CYS AAA . n 
A 1 95  ALA 95  95  95  ALA ALA AAA . n 
A 1 96  LYS 96  96  96  LYS LYS AAA . n 
A 1 97  LYS 97  97  97  LYS LYS AAA . n 
A 1 98  ILE 98  98  98  ILE ILE AAA . n 
A 1 99  VAL 99  99  99  VAL VAL AAA . n 
A 1 100 SER 100 100 100 SER SER AAA . n 
A 1 101 ASP 101 101 101 ASP ASP AAA . n 
A 1 102 GLY 102 102 102 GLY GLY AAA . n 
A 1 103 ASN 103 103 103 ASN ASN AAA . n 
A 1 104 GLY 104 104 104 GLY GLY AAA . n 
A 1 105 MET 105 105 105 MET MET AAA . n 
A 1 106 ASN 106 106 106 ASN ASN AAA . n 
A 1 107 ALA 107 107 107 ALA ALA AAA . n 
A 1 108 TRP 108 108 108 TRP TRP AAA . n 
A 1 109 VAL 109 109 109 VAL VAL AAA . n 
A 1 110 ALA 110 110 110 ALA ALA AAA . n 
A 1 111 TRP 111 111 111 TRP TRP AAA . n 
A 1 112 ARG 112 112 112 ARG ARG AAA . n 
A 1 113 ASN 113 113 113 ASN ASN AAA . n 
A 1 114 ARG 114 114 114 ARG ARG AAA . n 
A 1 115 CYS 115 115 115 CYS CYS AAA . n 
A 1 116 LYS 116 116 116 LYS LYS AAA . n 
A 1 117 GLY 117 117 117 GLY GLY AAA . n 
A 1 118 THR 118 118 118 THR THR AAA . n 
A 1 119 ASP 119 119 119 ASP ASP AAA . n 
A 1 120 VAL 120 120 120 VAL VAL AAA . n 
A 1 121 GLN 121 121 121 GLN GLN AAA . n 
A 1 122 ALA 122 122 122 ALA ALA AAA . n 
A 1 123 TRP 123 123 123 TRP TRP AAA . n 
A 1 124 ILE 124 124 124 ILE ILE AAA . n 
A 1 125 ARG 125 125 125 ARG ARG AAA . n 
A 1 126 GLY 126 126 126 GLY GLY AAA . n 
A 1 127 CYS 127 127 127 CYS CYS AAA . n 
A 1 128 ARG 128 128 128 ARG ARG AAA . n 
A 1 129 LEU 129 129 129 LEU LEU AAA . n 
# 
_pdbx_entity_instance_feature.ordinal        1 
_pdbx_entity_instance_feature.comp_id        ZJK 
_pdbx_entity_instance_feature.asym_id        ? 
_pdbx_entity_instance_feature.seq_num        ? 
_pdbx_entity_instance_feature.auth_comp_id   ZJK 
_pdbx_entity_instance_feature.auth_asym_id   ? 
_pdbx_entity_instance_feature.auth_seq_num   ? 
_pdbx_entity_instance_feature.feature_type   'SUBJECT OF INVESTIGATION' 
_pdbx_entity_instance_feature.details        ? 
# 
loop_
_pdbx_nonpoly_scheme.asym_id 
_pdbx_nonpoly_scheme.entity_id 
_pdbx_nonpoly_scheme.mon_id 
_pdbx_nonpoly_scheme.ndb_seq_num 
_pdbx_nonpoly_scheme.pdb_seq_num 
_pdbx_nonpoly_scheme.auth_seq_num 
_pdbx_nonpoly_scheme.pdb_mon_id 
_pdbx_nonpoly_scheme.auth_mon_id 
_pdbx_nonpoly_scheme.pdb_strand_id 
_pdbx_nonpoly_scheme.pdb_ins_code 
B 2 EPE 1   201 202 EPE EPE AAA . 
C 3 ZJK 1   202 1   ZJK TMB AAA . 
D 3 ZJK 1   203 2   ZJK TMB AAA . 
E 4 HOH 1   301 5   HOH HOH AAA . 
E 4 HOH 2   302 8   HOH HOH AAA . 
E 4 HOH 3   303 46  HOH HOH AAA . 
E 4 HOH 4   304 137 HOH HOH AAA . 
E 4 HOH 5   305 119 HOH HOH AAA . 
E 4 HOH 6   306 72  HOH HOH AAA . 
E 4 HOH 7   307 39  HOH HOH AAA . 
E 4 HOH 8   308 126 HOH HOH AAA . 
E 4 HOH 9   309 136 HOH HOH AAA . 
E 4 HOH 10  310 25  HOH HOH AAA . 
E 4 HOH 11  311 45  HOH HOH AAA . 
E 4 HOH 12  312 71  HOH HOH AAA . 
E 4 HOH 13  313 55  HOH HOH AAA . 
E 4 HOH 14  314 123 HOH HOH AAA . 
E 4 HOH 15  315 57  HOH HOH AAA . 
E 4 HOH 16  316 31  HOH HOH AAA . 
E 4 HOH 17  317 58  HOH HOH AAA . 
E 4 HOH 18  318 34  HOH HOH AAA . 
E 4 HOH 19  319 65  HOH HOH AAA . 
E 4 HOH 20  320 139 HOH HOH AAA . 
E 4 HOH 21  321 33  HOH HOH AAA . 
E 4 HOH 22  322 3   HOH HOH AAA . 
E 4 HOH 23  323 86  HOH HOH AAA . 
E 4 HOH 24  324 20  HOH HOH AAA . 
E 4 HOH 25  325 107 HOH HOH AAA . 
E 4 HOH 26  326 64  HOH HOH AAA . 
E 4 HOH 27  327 26  HOH HOH AAA . 
E 4 HOH 28  328 70  HOH HOH AAA . 
E 4 HOH 29  329 19  HOH HOH AAA . 
E 4 HOH 30  330 93  HOH HOH AAA . 
E 4 HOH 31  331 2   HOH HOH AAA . 
E 4 HOH 32  332 116 HOH HOH AAA . 
E 4 HOH 33  333 32  HOH HOH AAA . 
E 4 HOH 34  334 13  HOH HOH AAA . 
E 4 HOH 35  335 24  HOH HOH AAA . 
E 4 HOH 36  336 114 HOH HOH AAA . 
E 4 HOH 37  337 91  HOH HOH AAA . 
E 4 HOH 38  338 12  HOH HOH AAA . 
E 4 HOH 39  339 105 HOH HOH AAA . 
E 4 HOH 40  340 14  HOH HOH AAA . 
E 4 HOH 41  341 117 HOH HOH AAA . 
E 4 HOH 42  342 9   HOH HOH AAA . 
E 4 HOH 43  343 4   HOH HOH AAA . 
E 4 HOH 44  344 36  HOH HOH AAA . 
E 4 HOH 45  345 40  HOH HOH AAA . 
E 4 HOH 46  346 104 HOH HOH AAA . 
E 4 HOH 47  347 47  HOH HOH AAA . 
E 4 HOH 48  348 63  HOH HOH AAA . 
E 4 HOH 49  349 52  HOH HOH AAA . 
E 4 HOH 50  350 18  HOH HOH AAA . 
E 4 HOH 51  351 7   HOH HOH AAA . 
E 4 HOH 52  352 30  HOH HOH AAA . 
E 4 HOH 53  353 77  HOH HOH AAA . 
E 4 HOH 54  354 109 HOH HOH AAA . 
E 4 HOH 55  355 54  HOH HOH AAA . 
E 4 HOH 56  356 16  HOH HOH AAA . 
E 4 HOH 57  357 53  HOH HOH AAA . 
E 4 HOH 58  358 27  HOH HOH AAA . 
E 4 HOH 59  359 110 HOH HOH AAA . 
E 4 HOH 60  360 83  HOH HOH AAA . 
E 4 HOH 61  361 10  HOH HOH AAA . 
E 4 HOH 62  362 22  HOH HOH AAA . 
E 4 HOH 63  363 43  HOH HOH AAA . 
E 4 HOH 64  364 67  HOH HOH AAA . 
E 4 HOH 65  365 48  HOH HOH AAA . 
E 4 HOH 66  366 74  HOH HOH AAA . 
E 4 HOH 67  367 98  HOH HOH AAA . 
E 4 HOH 68  368 28  HOH HOH AAA . 
E 4 HOH 69  369 6   HOH HOH AAA . 
E 4 HOH 70  370 37  HOH HOH AAA . 
E 4 HOH 71  371 23  HOH HOH AAA . 
E 4 HOH 72  372 69  HOH HOH AAA . 
E 4 HOH 73  373 38  HOH HOH AAA . 
E 4 HOH 74  374 59  HOH HOH AAA . 
E 4 HOH 75  375 76  HOH HOH AAA . 
E 4 HOH 76  376 29  HOH HOH AAA . 
E 4 HOH 77  377 11  HOH HOH AAA . 
E 4 HOH 78  378 108 HOH HOH AAA . 
E 4 HOH 79  379 81  HOH HOH AAA . 
E 4 HOH 80  380 15  HOH HOH AAA . 
E 4 HOH 81  381 129 HOH HOH AAA . 
E 4 HOH 82  382 84  HOH HOH AAA . 
E 4 HOH 83  383 42  HOH HOH AAA . 
E 4 HOH 84  384 1   HOH HOH AAA . 
E 4 HOH 85  385 21  HOH HOH AAA . 
E 4 HOH 86  386 94  HOH HOH AAA . 
E 4 HOH 87  387 125 HOH HOH AAA . 
E 4 HOH 88  388 99  HOH HOH AAA . 
E 4 HOH 89  389 135 HOH HOH AAA . 
E 4 HOH 90  390 120 HOH HOH AAA . 
E 4 HOH 91  391 62  HOH HOH AAA . 
E 4 HOH 92  392 115 HOH HOH AAA . 
E 4 HOH 93  393 49  HOH HOH AAA . 
E 4 HOH 94  394 118 HOH HOH AAA . 
E 4 HOH 95  395 60  HOH HOH AAA . 
E 4 HOH 96  396 106 HOH HOH AAA . 
E 4 HOH 97  397 113 HOH HOH AAA . 
E 4 HOH 98  398 41  HOH HOH AAA . 
E 4 HOH 99  399 121 HOH HOH AAA . 
E 4 HOH 100 400 66  HOH HOH AAA . 
E 4 HOH 101 401 97  HOH HOH AAA . 
E 4 HOH 102 402 78  HOH HOH AAA . 
E 4 HOH 103 403 111 HOH HOH AAA . 
E 4 HOH 104 404 92  HOH HOH AAA . 
E 4 HOH 105 405 35  HOH HOH AAA . 
E 4 HOH 106 406 56  HOH HOH AAA . 
E 4 HOH 107 407 79  HOH HOH AAA . 
E 4 HOH 108 408 61  HOH HOH AAA . 
E 4 HOH 109 409 100 HOH HOH AAA . 
E 4 HOH 110 410 140 HOH HOH AAA . 
# 
loop_
_software.citation_id 
_software.classification 
_software.compiler_name 
_software.compiler_version 
_software.contact_author 
_software.contact_author_email 
_software.date 
_software.description 
_software.dependencies 
_software.hardware 
_software.language 
_software.location 
_software.mods 
_software.name 
_software.os 
_software.os_version 
_software.type 
_software.version 
_software.pdbx_ordinal 
? refinement       ? ? ? ? ? ? ? ? ? ? ? REFMAC   ? ? ? 5.8.0267 1 
? 'data reduction' ? ? ? ? ? ? ? ? ? ? ? autoPROC ? ? ? .        2 
? 'data scaling'   ? ? ? ? ? ? ? ? ? ? ? autoPROC ? ? ? .        3 
? phasing          ? ? ? ? ? ? ? ? ? ? ? PHASER   ? ? ? .        4 
# 
_cell.angle_alpha                  90.000 
_cell.angle_alpha_esd              ? 
_cell.angle_beta                   90.000 
_cell.angle_beta_esd               ? 
_cell.angle_gamma                  90.000 
_cell.angle_gamma_esd              ? 
_cell.entry_id                     8PH5 
_cell.details                      ? 
_cell.formula_units_Z              ? 
_cell.length_a                     77.000 
_cell.length_a_esd                 ? 
_cell.length_b                     77.000 
_cell.length_b_esd                 ? 
_cell.length_c                     39.200 
_cell.length_c_esd                 ? 
_cell.volume                       ? 
_cell.volume_esd                   ? 
_cell.Z_PDB                        8 
_cell.reciprocal_angle_alpha       ? 
_cell.reciprocal_angle_beta        ? 
_cell.reciprocal_angle_gamma       ? 
_cell.reciprocal_angle_alpha_esd   ? 
_cell.reciprocal_angle_beta_esd    ? 
_cell.reciprocal_angle_gamma_esd   ? 
_cell.reciprocal_length_a          ? 
_cell.reciprocal_length_b          ? 
_cell.reciprocal_length_c          ? 
_cell.reciprocal_length_a_esd      ? 
_cell.reciprocal_length_b_esd      ? 
_cell.reciprocal_length_c_esd      ? 
_cell.pdbx_unique_axis             ? 
_cell.pdbx_esd_method              ? 
# 
_symmetry.entry_id                         8PH5 
_symmetry.cell_setting                     ? 
_symmetry.Int_Tables_number                96 
_symmetry.space_group_name_Hall            ? 
_symmetry.space_group_name_H-M             'P 43 21 2' 
_symmetry.pdbx_full_space_group_name_H-M   ? 
# 
_exptl.absorpt_coefficient_mu     ? 
_exptl.absorpt_correction_T_max   ? 
_exptl.absorpt_correction_T_min   ? 
_exptl.absorpt_correction_type    ? 
_exptl.absorpt_process_details    ? 
_exptl.entry_id                   8PH5 
_exptl.crystals_number            1 
_exptl.details                    ? 
_exptl.method                     'X-RAY DIFFRACTION' 
_exptl.method_details             ? 
# 
_exptl_crystal.colour                       ? 
_exptl_crystal.density_diffrn               ? 
_exptl_crystal.density_Matthews             2.01 
_exptl_crystal.density_method               ? 
_exptl_crystal.density_percent_sol          38.72 
_exptl_crystal.description                  ? 
_exptl_crystal.F_000                        ? 
_exptl_crystal.id                           1 
_exptl_crystal.preparation                  ? 
_exptl_crystal.size_max                     ? 
_exptl_crystal.size_mid                     ? 
_exptl_crystal.size_min                     ? 
_exptl_crystal.size_rad                     ? 
_exptl_crystal.colour_lustre                ? 
_exptl_crystal.colour_modifier              ? 
_exptl_crystal.colour_primary               ? 
_exptl_crystal.density_meas                 ? 
_exptl_crystal.density_meas_esd             ? 
_exptl_crystal.density_meas_gt              ? 
_exptl_crystal.density_meas_lt              ? 
_exptl_crystal.density_meas_temp            ? 
_exptl_crystal.density_meas_temp_esd        ? 
_exptl_crystal.density_meas_temp_gt         ? 
_exptl_crystal.density_meas_temp_lt         ? 
_exptl_crystal.pdbx_crystal_image_url       ? 
_exptl_crystal.pdbx_crystal_image_format    ? 
_exptl_crystal.pdbx_mosaicity               ? 
_exptl_crystal.pdbx_mosaicity_esd           ? 
_exptl_crystal.pdbx_mosaic_method           ? 
_exptl_crystal.pdbx_mosaic_block_size       ? 
_exptl_crystal.pdbx_mosaic_block_size_esd   ? 
# 
_exptl_crystal_grow.apparatus       ? 
_exptl_crystal_grow.atmosphere      ? 
_exptl_crystal_grow.crystal_id      1 
_exptl_crystal_grow.details         ? 
_exptl_crystal_grow.method          'VAPOR DIFFUSION, HANGING DROP' 
_exptl_crystal_grow.method_ref      ? 
_exptl_crystal_grow.pH              7.5 
_exptl_crystal_grow.pressure        ? 
_exptl_crystal_grow.pressure_esd    ? 
_exptl_crystal_grow.seeding         ? 
_exptl_crystal_grow.seeding_ref     ? 
_exptl_crystal_grow.temp_details    ? 
_exptl_crystal_grow.temp_esd        ? 
_exptl_crystal_grow.time            ? 
_exptl_crystal_grow.pdbx_details    '2.0 M sodium formate and 0.1 M HEPES buffer at pH 7.5' 
_exptl_crystal_grow.pdbx_pH_range   ? 
_exptl_crystal_grow.temp            293 
# 
_diffrn.ambient_environment              ? 
_diffrn.ambient_temp                     100 
_diffrn.ambient_temp_details             ? 
_diffrn.ambient_temp_esd                 ? 
_diffrn.crystal_id                       1 
_diffrn.crystal_support                  ? 
_diffrn.crystal_treatment                ? 
_diffrn.details                          ? 
_diffrn.id                               1 
_diffrn.ambient_pressure                 ? 
_diffrn.ambient_pressure_esd             ? 
_diffrn.ambient_pressure_gt              ? 
_diffrn.ambient_pressure_lt              ? 
_diffrn.ambient_temp_gt                  ? 
_diffrn.ambient_temp_lt                  ? 
_diffrn.pdbx_serial_crystal_experiment   N 
# 
_diffrn_detector.details                      ? 
_diffrn_detector.detector                     PIXEL 
_diffrn_detector.diffrn_id                    1 
_diffrn_detector.type                         'DECTRIS PILATUS 6M' 
_diffrn_detector.area_resol_mean              ? 
_diffrn_detector.dtime                        ? 
_diffrn_detector.pdbx_frames_total            ? 
_diffrn_detector.pdbx_collection_time_total   ? 
_diffrn_detector.pdbx_collection_date         2022-06-13 
_diffrn_detector.pdbx_frequency               ? 
_diffrn_detector.id                           ? 
_diffrn_detector.number_of_axes               ? 
# 
_diffrn_radiation.collimation                      ? 
_diffrn_radiation.diffrn_id                        1 
_diffrn_radiation.filter_edge                      ? 
_diffrn_radiation.inhomogeneity                    ? 
_diffrn_radiation.monochromator                    ? 
_diffrn_radiation.polarisn_norm                    ? 
_diffrn_radiation.polarisn_ratio                   ? 
_diffrn_radiation.probe                            ? 
_diffrn_radiation.type                             ? 
_diffrn_radiation.xray_symbol                      ? 
_diffrn_radiation.wavelength_id                    1 
_diffrn_radiation.pdbx_monochromatic_or_laue_m_l   M 
_diffrn_radiation.pdbx_wavelength_list             ? 
_diffrn_radiation.pdbx_wavelength                  ? 
_diffrn_radiation.pdbx_diffrn_protocol             'SINGLE WAVELENGTH' 
_diffrn_radiation.pdbx_analyzer                    ? 
_diffrn_radiation.pdbx_scattering_type             x-ray 
# 
_diffrn_radiation_wavelength.id           1 
_diffrn_radiation_wavelength.wavelength   1 
_diffrn_radiation_wavelength.wt           1.0 
# 
_diffrn_source.current                     ? 
_diffrn_source.details                     ? 
_diffrn_source.diffrn_id                   1 
_diffrn_source.power                       ? 
_diffrn_source.size                        ? 
_diffrn_source.source                      SYNCHROTRON 
_diffrn_source.target                      ? 
_diffrn_source.type                        'ELETTRA BEAMLINE 11.2C' 
_diffrn_source.voltage                     ? 
_diffrn_source.take-off_angle              ? 
_diffrn_source.pdbx_wavelength_list        1 
_diffrn_source.pdbx_wavelength             ? 
_diffrn_source.pdbx_synchrotron_beamline   11.2C 
_diffrn_source.pdbx_synchrotron_site       ELETTRA 
# 
_reflns.B_iso_Wilson_estimate                          ? 
_reflns.entry_id                                       8PH5 
_reflns.data_reduction_details                         ? 
_reflns.data_reduction_method                          ? 
_reflns.d_resolution_high                              1.29 
_reflns.d_resolution_low                               39.20 
_reflns.details                                        ? 
_reflns.limit_h_max                                    ? 
_reflns.limit_h_min                                    ? 
_reflns.limit_k_max                                    ? 
_reflns.limit_k_min                                    ? 
_reflns.limit_l_max                                    ? 
_reflns.limit_l_min                                    ? 
_reflns.number_all                                     ? 
_reflns.number_obs                                     29909 
_reflns.observed_criterion                             ? 
_reflns.observed_criterion_F_max                       ? 
_reflns.observed_criterion_F_min                       ? 
_reflns.observed_criterion_I_max                       ? 
_reflns.observed_criterion_I_min                       ? 
_reflns.observed_criterion_sigma_F                     ? 
_reflns.observed_criterion_sigma_I                     ? 
_reflns.percent_possible_obs                           98.8 
_reflns.R_free_details                                 ? 
_reflns.Rmerge_F_all                                   ? 
_reflns.Rmerge_F_obs                                   ? 
_reflns.Friedel_coverage                               ? 
_reflns.number_gt                                      ? 
_reflns.threshold_expression                           ? 
_reflns.pdbx_redundancy                                21.4 
_reflns.pdbx_netI_over_av_sigmaI                       ? 
_reflns.pdbx_netI_over_sigmaI                          16.5 
_reflns.pdbx_res_netI_over_av_sigmaI_2                 ? 
_reflns.pdbx_res_netI_over_sigmaI_2                    ? 
_reflns.pdbx_chi_squared                               ? 
_reflns.pdbx_scaling_rejects                           ? 
_reflns.pdbx_d_res_high_opt                            ? 
_reflns.pdbx_d_res_low_opt                             ? 
_reflns.pdbx_d_res_opt_method                          ? 
_reflns.phase_calculation_details                      ? 
_reflns.pdbx_Rrim_I_all                                ? 
_reflns.pdbx_Rpim_I_all                                ? 
_reflns.pdbx_d_opt                                     ? 
_reflns.pdbx_number_measured_all                       ? 
_reflns.pdbx_diffrn_id                                 1 
_reflns.pdbx_ordinal                                   1 
_reflns.pdbx_CC_half                                   0.999 
_reflns.pdbx_CC_star                                   ? 
_reflns.pdbx_R_split                                   ? 
_reflns.pdbx_Rmerge_I_obs                              0.094 
_reflns.pdbx_Rmerge_I_all                              ? 
_reflns.pdbx_Rsym_value                                ? 
_reflns.pdbx_CC_split_method                           ? 
_reflns.pdbx_aniso_diffraction_limit_axis_1_ortho[1]   ? 
_reflns.pdbx_aniso_diffraction_limit_axis_1_ortho[2]   ? 
_reflns.pdbx_aniso_diffraction_limit_axis_1_ortho[3]   ? 
_reflns.pdbx_aniso_diffraction_limit_axis_2_ortho[1]   ? 
_reflns.pdbx_aniso_diffraction_limit_axis_2_ortho[2]   ? 
_reflns.pdbx_aniso_diffraction_limit_axis_2_ortho[3]   ? 
_reflns.pdbx_aniso_diffraction_limit_axis_3_ortho[1]   ? 
_reflns.pdbx_aniso_diffraction_limit_axis_3_ortho[2]   ? 
_reflns.pdbx_aniso_diffraction_limit_axis_3_ortho[3]   ? 
_reflns.pdbx_aniso_diffraction_limit_1                 ? 
_reflns.pdbx_aniso_diffraction_limit_2                 ? 
_reflns.pdbx_aniso_diffraction_limit_3                 ? 
_reflns.pdbx_aniso_B_tensor_eigenvector_1_ortho[1]     ? 
_reflns.pdbx_aniso_B_tensor_eigenvector_1_ortho[2]     ? 
_reflns.pdbx_aniso_B_tensor_eigenvector_1_ortho[3]     ? 
_reflns.pdbx_aniso_B_tensor_eigenvector_2_ortho[1]     ? 
_reflns.pdbx_aniso_B_tensor_eigenvector_2_ortho[2]     ? 
_reflns.pdbx_aniso_B_tensor_eigenvector_2_ortho[3]     ? 
_reflns.pdbx_aniso_B_tensor_eigenvector_3_ortho[1]     ? 
_reflns.pdbx_aniso_B_tensor_eigenvector_3_ortho[2]     ? 
_reflns.pdbx_aniso_B_tensor_eigenvector_3_ortho[3]     ? 
_reflns.pdbx_aniso_B_tensor_eigenvalue_1               ? 
_reflns.pdbx_aniso_B_tensor_eigenvalue_2               ? 
_reflns.pdbx_aniso_B_tensor_eigenvalue_3               ? 
_reflns.pdbx_orthogonalization_convention              ? 
_reflns.pdbx_percent_possible_ellipsoidal              ? 
_reflns.pdbx_percent_possible_spherical                ? 
_reflns.pdbx_percent_possible_ellipsoidal_anomalous    ? 
_reflns.pdbx_percent_possible_spherical_anomalous      ? 
_reflns.pdbx_redundancy_anomalous                      ? 
_reflns.pdbx_CC_half_anomalous                         ? 
_reflns.pdbx_absDiff_over_sigma_anomalous              ? 
_reflns.pdbx_percent_possible_anomalous                ? 
_reflns.pdbx_observed_signal_threshold                 ? 
_reflns.pdbx_signal_type                               ? 
_reflns.pdbx_signal_details                            ? 
_reflns.pdbx_signal_software_id                        ? 
# 
_reflns_shell.d_res_high                                    1.29 
_reflns_shell.d_res_low                                     1.31 
_reflns_shell.meanI_over_sigI_all                           ? 
_reflns_shell.meanI_over_sigI_obs                           2.4 
_reflns_shell.number_measured_all                           ? 
_reflns_shell.number_measured_obs                           ? 
_reflns_shell.number_possible                               ? 
_reflns_shell.number_unique_all                             ? 
_reflns_shell.number_unique_obs                             1489 
_reflns_shell.percent_possible_obs                          ? 
_reflns_shell.Rmerge_F_all                                  ? 
_reflns_shell.Rmerge_F_obs                                  ? 
_reflns_shell.meanI_over_sigI_gt                            ? 
_reflns_shell.meanI_over_uI_all                             ? 
_reflns_shell.meanI_over_uI_gt                              ? 
_reflns_shell.number_measured_gt                            ? 
_reflns_shell.number_unique_gt                              ? 
_reflns_shell.percent_possible_gt                           ? 
_reflns_shell.Rmerge_F_gt                                   ? 
_reflns_shell.Rmerge_I_gt                                   ? 
_reflns_shell.pdbx_redundancy                               ? 
_reflns_shell.pdbx_chi_squared                              ? 
_reflns_shell.pdbx_netI_over_sigmaI_all                     ? 
_reflns_shell.pdbx_netI_over_sigmaI_obs                     ? 
_reflns_shell.pdbx_Rrim_I_all                               ? 
_reflns_shell.pdbx_Rpim_I_all                               ? 
_reflns_shell.pdbx_rejects                                  ? 
_reflns_shell.pdbx_ordinal                                  1 
_reflns_shell.pdbx_diffrn_id                                1 
_reflns_shell.pdbx_CC_half                                  0.865 
_reflns_shell.pdbx_CC_star                                  ? 
_reflns_shell.pdbx_R_split                                  ? 
_reflns_shell.percent_possible_all                          ? 
_reflns_shell.Rmerge_I_all                                  ? 
_reflns_shell.Rmerge_I_obs                                  1.365 
_reflns_shell.pdbx_Rsym_value                               ? 
_reflns_shell.pdbx_percent_possible_ellipsoidal             ? 
_reflns_shell.pdbx_percent_possible_spherical               ? 
_reflns_shell.pdbx_percent_possible_ellipsoidal_anomalous   ? 
_reflns_shell.pdbx_percent_possible_spherical_anomalous     ? 
_reflns_shell.pdbx_redundancy_anomalous                     ? 
_reflns_shell.pdbx_CC_half_anomalous                        ? 
_reflns_shell.pdbx_absDiff_over_sigma_anomalous             ? 
_reflns_shell.pdbx_percent_possible_anomalous               ? 
# 
_refine.aniso_B[1][1]                            -0.527 
_refine.aniso_B[1][2]                            0.000 
_refine.aniso_B[1][3]                            0.000 
_refine.aniso_B[2][2]                            -0.527 
_refine.aniso_B[2][3]                            0.000 
_refine.aniso_B[3][3]                            1.054 
_refine.B_iso_max                                ? 
_refine.B_iso_mean                               19.473 
_refine.B_iso_min                                ? 
_refine.correlation_coeff_Fo_to_Fc               0.945 
_refine.correlation_coeff_Fo_to_Fc_free          0.930 
_refine.details                                  'Hydrogens have been added in their riding positions' 
_refine.diff_density_max                         ? 
_refine.diff_density_max_esd                     ? 
_refine.diff_density_min                         ? 
_refine.diff_density_min_esd                     ? 
_refine.diff_density_rms                         ? 
_refine.diff_density_rms_esd                     ? 
_refine.entry_id                                 8PH5 
_refine.pdbx_refine_id                           'X-RAY DIFFRACTION' 
_refine.ls_abs_structure_details                 ? 
_refine.ls_abs_structure_Flack                   ? 
_refine.ls_abs_structure_Flack_esd               ? 
_refine.ls_abs_structure_Rogers                  ? 
_refine.ls_abs_structure_Rogers_esd              ? 
_refine.ls_d_res_high                            1.290 
_refine.ls_d_res_low                             38.530 
_refine.ls_extinction_coef                       ? 
_refine.ls_extinction_coef_esd                   ? 
_refine.ls_extinction_expression                 ? 
_refine.ls_extinction_method                     ? 
_refine.ls_goodness_of_fit_all                   ? 
_refine.ls_goodness_of_fit_all_esd               ? 
_refine.ls_goodness_of_fit_obs                   ? 
_refine.ls_goodness_of_fit_obs_esd               ? 
_refine.ls_hydrogen_treatment                    ? 
_refine.ls_matrix_type                           ? 
_refine.ls_number_constraints                    ? 
_refine.ls_number_parameters                     ? 
_refine.ls_number_reflns_all                     ? 
_refine.ls_number_reflns_obs                     29627 
_refine.ls_number_reflns_R_free                  1538 
_refine.ls_number_reflns_R_work                  28089 
_refine.ls_number_restraints                     ? 
_refine.ls_percent_reflns_obs                    97.931 
_refine.ls_percent_reflns_R_free                 5.191 
_refine.ls_R_factor_all                          0.243 
_refine.ls_R_factor_obs                          ? 
_refine.ls_R_factor_R_free                       0.2804 
_refine.ls_R_factor_R_free_error                 ? 
_refine.ls_R_factor_R_free_error_details         ? 
_refine.ls_R_factor_R_work                       0.2410 
_refine.ls_R_Fsqd_factor_obs                     ? 
_refine.ls_R_I_factor_obs                        ? 
_refine.ls_redundancy_reflns_all                 ? 
_refine.ls_redundancy_reflns_obs                 ? 
_refine.ls_restrained_S_all                      ? 
_refine.ls_restrained_S_obs                      ? 
_refine.ls_shift_over_esd_max                    ? 
_refine.ls_shift_over_esd_mean                   ? 
_refine.ls_structure_factor_coef                 ? 
_refine.ls_weighting_details                     ? 
_refine.ls_weighting_scheme                      ? 
_refine.ls_wR_factor_all                         ? 
_refine.ls_wR_factor_obs                         ? 
_refine.ls_wR_factor_R_free                      ? 
_refine.ls_wR_factor_R_work                      ? 
_refine.occupancy_max                            ? 
_refine.occupancy_min                            ? 
_refine.solvent_model_details                    'MASK BULK SOLVENT' 
_refine.solvent_model_param_bsol                 ? 
_refine.solvent_model_param_ksol                 ? 
_refine.pdbx_R_complete                          ? 
_refine.ls_R_factor_gt                           ? 
_refine.ls_goodness_of_fit_gt                    ? 
_refine.ls_goodness_of_fit_ref                   ? 
_refine.ls_shift_over_su_max                     ? 
_refine.ls_shift_over_su_max_lt                  ? 
_refine.ls_shift_over_su_mean                    ? 
_refine.ls_shift_over_su_mean_lt                 ? 
_refine.pdbx_ls_sigma_I                          ? 
_refine.pdbx_ls_sigma_F                          ? 
_refine.pdbx_ls_sigma_Fsqd                       ? 
_refine.pdbx_data_cutoff_high_absF               ? 
_refine.pdbx_data_cutoff_high_rms_absF           ? 
_refine.pdbx_data_cutoff_low_absF                ? 
_refine.pdbx_isotropic_thermal_model             ? 
_refine.pdbx_ls_cross_valid_method               'FREE R-VALUE' 
_refine.pdbx_method_to_determine_struct          'MOLECULAR REPLACEMENT' 
_refine.pdbx_starting_model                      ? 
_refine.pdbx_stereochemistry_target_values       ? 
_refine.pdbx_R_Free_selection_details            ? 
_refine.pdbx_stereochem_target_val_spec_case     ? 
_refine.pdbx_overall_ESU_R                       0.074 
_refine.pdbx_overall_ESU_R_Free                  0.078 
_refine.pdbx_solvent_vdw_probe_radii             1.200 
_refine.pdbx_solvent_ion_probe_radii             0.800 
_refine.pdbx_solvent_shrinkage_radii             0.800 
_refine.pdbx_real_space_R                        ? 
_refine.pdbx_density_correlation                 ? 
_refine.pdbx_pd_number_of_powder_patterns        ? 
_refine.pdbx_pd_number_of_points                 ? 
_refine.pdbx_pd_meas_number_of_points            ? 
_refine.pdbx_pd_proc_ls_prof_R_factor            ? 
_refine.pdbx_pd_proc_ls_prof_wR_factor           ? 
_refine.pdbx_pd_Marquardt_correlation_coeff      ? 
_refine.pdbx_pd_Fsqrd_R_factor                   ? 
_refine.pdbx_pd_ls_matrix_band_width             ? 
_refine.pdbx_overall_phase_error                 ? 
_refine.pdbx_overall_SU_R_free_Cruickshank_DPI   ? 
_refine.pdbx_overall_SU_R_free_Blow_DPI          ? 
_refine.pdbx_overall_SU_R_Blow_DPI               ? 
_refine.pdbx_TLS_residual_ADP_flag               ? 
_refine.pdbx_diffrn_id                           1 
_refine.overall_SU_B                             1.760 
_refine.overall_SU_ML                            0.070 
_refine.overall_SU_R_Cruickshank_DPI             ? 
_refine.overall_SU_R_free                        ? 
_refine.overall_FOM_free_R_set                   ? 
_refine.overall_FOM_work_R_set                   ? 
_refine.pdbx_average_fsc_overall                 ? 
_refine.pdbx_average_fsc_work                    ? 
_refine.pdbx_average_fsc_free                    ? 
# 
_refine_hist.pdbx_refine_id                   'X-RAY DIFFRACTION' 
_refine_hist.cycle_id                         LAST 
_refine_hist.pdbx_number_atoms_protein        1001 
_refine_hist.pdbx_number_atoms_nucleic_acid   0 
_refine_hist.pdbx_number_atoms_ligand         87 
_refine_hist.number_atoms_solvent             110 
_refine_hist.number_atoms_total               1198 
_refine_hist.d_res_high                       1.290 
_refine_hist.d_res_low                        38.530 
# 
loop_
_refine_ls_restr.pdbx_refine_id 
_refine_ls_restr.criterion 
_refine_ls_restr.dev_ideal 
_refine_ls_restr.dev_ideal_target 
_refine_ls_restr.number 
_refine_ls_restr.rejects 
_refine_ls_restr.type 
_refine_ls_restr.weight 
_refine_ls_restr.pdbx_restraint_function 
'X-RAY DIFFRACTION' ? 0.013  0.012  1181 ? r_bond_refined_d               ? ? 
'X-RAY DIFFRACTION' ? 0.001  0.014  1015 ? r_bond_other_d                 ? ? 
'X-RAY DIFFRACTION' ? 2.006  1.793  1676 ? r_angle_refined_deg            ? ? 
'X-RAY DIFFRACTION' ? 1.547  1.598  2323 ? r_angle_other_deg              ? ? 
'X-RAY DIFFRACTION' ? 6.930  5.000  138  ? r_dihedral_angle_1_deg         ? ? 
'X-RAY DIFFRACTION' ? 32.011 20.152 66   ? r_dihedral_angle_2_deg         ? ? 
'X-RAY DIFFRACTION' ? 13.384 15.000 184  ? r_dihedral_angle_3_deg         ? ? 
'X-RAY DIFFRACTION' ? 16.236 15.000 13   ? r_dihedral_angle_4_deg         ? ? 
'X-RAY DIFFRACTION' ? 0.107  0.200  136  ? r_chiral_restr                 ? ? 
'X-RAY DIFFRACTION' ? 0.013  0.020  1358 ? r_gen_planes_refined           ? ? 
'X-RAY DIFFRACTION' ? 0.002  0.020  300  ? r_gen_planes_other             ? ? 
'X-RAY DIFFRACTION' ? 0.217  0.200  266  ? r_nbd_refined                  ? ? 
'X-RAY DIFFRACTION' ? 0.201  0.200  970  ? r_symmetry_nbd_other           ? ? 
'X-RAY DIFFRACTION' ? 0.175  0.200  528  ? r_nbtor_refined                ? ? 
'X-RAY DIFFRACTION' ? 0.085  0.200  496  ? r_symmetry_nbtor_other         ? ? 
'X-RAY DIFFRACTION' ? 0.180  0.200  80   ? r_xyhbond_nbd_refined          ? ? 
'X-RAY DIFFRACTION' ? 0.222  0.200  16   ? r_symmetry_nbd_refined         ? ? 
'X-RAY DIFFRACTION' ? 0.194  0.200  41   ? r_nbd_other                    ? ? 
'X-RAY DIFFRACTION' ? 0.070  0.200  15   ? r_symmetry_xyhbond_nbd_refined ? ? 
'X-RAY DIFFRACTION' ? 1.721  1.870  539  ? r_mcbond_it                    ? ? 
'X-RAY DIFFRACTION' ? 1.721  1.870  539  ? r_mcbond_other                 ? ? 
'X-RAY DIFFRACTION' ? 2.356  2.816  682  ? r_mcangle_it                   ? ? 
'X-RAY DIFFRACTION' ? 2.355  2.819  683  ? r_mcangle_other                ? ? 
'X-RAY DIFFRACTION' ? 2.252  2.001  641  ? r_scbond_it                    ? ? 
'X-RAY DIFFRACTION' ? 2.386  2.148  555  ? r_scbond_other                 ? ? 
'X-RAY DIFFRACTION' ? 3.213  2.879  960  ? r_scangle_it                   ? ? 
'X-RAY DIFFRACTION' ? 3.462  3.143  809  ? r_scangle_other                ? ? 
'X-RAY DIFFRACTION' ? 4.689  22.309 1405 ? r_lrange_it                    ? ? 
'X-RAY DIFFRACTION' ? 4.627  22.543 1325 ? r_lrange_other                 ? ? 
# 
loop_
_refine_ls_shell.pdbx_refine_id 
_refine_ls_shell.d_res_high 
_refine_ls_shell.d_res_low 
_refine_ls_shell.number_reflns_all 
_refine_ls_shell.number_reflns_obs 
_refine_ls_shell.number_reflns_R_free 
_refine_ls_shell.number_reflns_R_work 
_refine_ls_shell.percent_reflns_obs 
_refine_ls_shell.percent_reflns_R_free 
_refine_ls_shell.R_factor_all 
_refine_ls_shell.R_factor_obs 
_refine_ls_shell.R_factor_R_free_error 
_refine_ls_shell.R_factor_R_work 
_refine_ls_shell.redundancy_reflns_all 
_refine_ls_shell.redundancy_reflns_obs 
_refine_ls_shell.wR_factor_all 
_refine_ls_shell.wR_factor_obs 
_refine_ls_shell.wR_factor_R_free 
_refine_ls_shell.wR_factor_R_work 
_refine_ls_shell.pdbx_R_complete 
_refine_ls_shell.pdbx_total_number_of_bins_used 
_refine_ls_shell.pdbx_phase_error 
_refine_ls_shell.pdbx_fsc_work 
_refine_ls_shell.pdbx_fsc_free 
_refine_ls_shell.R_factor_R_free 
'X-RAY DIFFRACTION' 1.290 1.323 . . 99  1882 90.1274 . . . . 0.417 . . . . . . . . . . . 0.383 
'X-RAY DIFFRACTION' 1.323 1.360 . . 122 1976 98.6366 . . . . 0.387 . . . . . . . . . . . 0.397 
'X-RAY DIFFRACTION' 1.360 1.399 . . 113 1981 99.9523 . . . . 0.378 . . . . . . . . . . . 0.380 
'X-RAY DIFFRACTION' 1.399 1.442 . . 77  1933 99.7519 . . . . 0.337 . . . . . . . . . . . 0.423 
'X-RAY DIFFRACTION' 1.442 1.489 . . 99  1835 99.0779 . . . . 0.320 . . . . . . . . . . . 0.386 
'X-RAY DIFFRACTION' 1.489 1.541 . . 104 1810 99.1710 . . . . 0.305 . . . . . . . . . . . 0.358 
'X-RAY DIFFRACTION' 1.541 1.600 . . 102 1705 98.8512 . . . . 0.278 . . . . . . . . . . . 0.304 
'X-RAY DIFFRACTION' 1.600 1.665 . . 88  1653 98.0845 . . . . 0.277 . . . . . . . . . . . 0.333 
'X-RAY DIFFRACTION' 1.665 1.739 . . 89  1570 97.8184 . . . . 0.257 . . . . . . . . . . . 0.329 
'X-RAY DIFFRACTION' 1.739 1.823 . . 79  1498 96.7485 . . . . 0.226 . . . . . . . . . . . 0.279 
'X-RAY DIFFRACTION' 1.823 1.922 . . 79  1441 96.6306 . . . . 0.230 . . . . . . . . . . . 0.252 
'X-RAY DIFFRACTION' 1.922 2.038 . . 81  1365 97.1122 . . . . 0.228 . . . . . . . . . . . 0.235 
'X-RAY DIFFRACTION' 2.038 2.178 . . 76  1299 98.7078 . . . . 0.207 . . . . . . . . . . . 0.233 
'X-RAY DIFFRACTION' 2.178 2.352 . . 70  1207 98.0799 . . . . 0.212 . . . . . . . . . . . 0.250 
'X-RAY DIFFRACTION' 2.352 2.576 . . 67  1117 98.0945 . . . . 0.212 . . . . . . . . . . . 0.221 
'X-RAY DIFFRACTION' 2.576 2.878 . . 60  1036 99.0958 . . . . 0.210 . . . . . . . . . . . 0.279 
'X-RAY DIFFRACTION' 2.878 3.321 . . 54  923  98.9868 . . . . 0.217 . . . . . . . . . . . 0.260 
'X-RAY DIFFRACTION' 3.321 4.060 . . 36  803  99.5255 . . . . 0.196 . . . . . . . . . . . 0.279 
'X-RAY DIFFRACTION' 4.060 5.711 . . 26  652  99.8527 . . . . 0.207 . . . . . . . . . . . 0.270 
'X-RAY DIFFRACTION' 5.711 38.53 . . 17  398  99.2823 . . . . 0.335 . . . . . . . . . . . 0.307 
# 
_struct.entry_id                     8PH5 
_struct.title                        
'X-ray structure of the adduct formed upon reaction of Lysozyme with [Ru2Cl(DPhF)2(O2CCH3)2] in condition B' 
_struct.pdbx_model_details           ? 
_struct.pdbx_formula_weight          ? 
_struct.pdbx_formula_weight_method   ? 
_struct.pdbx_model_type_details      ? 
_struct.pdbx_CASP_flag               N 
# 
_struct_keywords.entry_id        8PH5 
_struct_keywords.text            'Ruthenium, Protein interaction, Metallodrug, Diruthenium, Hydrolase, PROTEIN BINDING' 
_struct_keywords.pdbx_keywords   'PROTEIN BINDING' 
# 
loop_
_struct_asym.id 
_struct_asym.pdbx_blank_PDB_chainid_flag 
_struct_asym.pdbx_modified 
_struct_asym.entity_id 
_struct_asym.details 
A N N 1 ? 
B N N 2 ? 
C N N 3 ? 
D N N 3 ? 
E N N 4 ? 
# 
_struct_ref.id                         1 
_struct_ref.db_name                    UNP 
_struct_ref.db_code                    LYSC_CHICK 
_struct_ref.pdbx_db_accession          P00698 
_struct_ref.pdbx_db_isoform            ? 
_struct_ref.entity_id                  1 
_struct_ref.pdbx_seq_one_letter_code   
;KVFGRCELAAAMKRHGLDNYRGYSLGNWVCAAKFESNFNTQATNRNTDGSTDYGILQINSRWWCNDGRTPGSRNLCNIPC
SALLSSDITASVNCAKKIVSDGNGMNAWVAWRNRCKGTDVQAWIRGCRL
;
_struct_ref.pdbx_align_begin           19 
# 
_struct_ref_seq.align_id                      1 
_struct_ref_seq.ref_id                        1 
_struct_ref_seq.pdbx_PDB_id_code              8PH5 
_struct_ref_seq.pdbx_strand_id                AAA 
_struct_ref_seq.seq_align_beg                 1 
_struct_ref_seq.pdbx_seq_align_beg_ins_code   ? 
_struct_ref_seq.seq_align_end                 129 
_struct_ref_seq.pdbx_seq_align_end_ins_code   ? 
_struct_ref_seq.pdbx_db_accession             P00698 
_struct_ref_seq.db_align_beg                  19 
_struct_ref_seq.pdbx_db_align_beg_ins_code    ? 
_struct_ref_seq.db_align_end                  147 
_struct_ref_seq.pdbx_db_align_end_ins_code    ? 
_struct_ref_seq.pdbx_auth_seq_align_beg       1 
_struct_ref_seq.pdbx_auth_seq_align_end       129 
# 
_pdbx_struct_assembly.id                   1 
_pdbx_struct_assembly.details              author_defined_assembly 
_pdbx_struct_assembly.method_details       ? 
_pdbx_struct_assembly.oligomeric_details   monomeric 
_pdbx_struct_assembly.oligomeric_count     1 
# 
loop_
_pdbx_struct_assembly_prop.biol_id 
_pdbx_struct_assembly_prop.type 
_pdbx_struct_assembly_prop.value 
_pdbx_struct_assembly_prop.details 
1 'ABSA (A^2)' 410  ? 
1 MORE         5    ? 
1 'SSA (A^2)'  7190 ? 
# 
_pdbx_struct_assembly_gen.assembly_id       1 
_pdbx_struct_assembly_gen.oper_expression   1 
_pdbx_struct_assembly_gen.asym_id_list      A,B,C,D,E 
# 
_pdbx_struct_assembly_auth_evidence.id                     1 
_pdbx_struct_assembly_auth_evidence.assembly_id            1 
_pdbx_struct_assembly_auth_evidence.experimental_support   none 
_pdbx_struct_assembly_auth_evidence.details                ? 
# 
_pdbx_struct_oper_list.id                   1 
_pdbx_struct_oper_list.type                 'identity operation' 
_pdbx_struct_oper_list.name                 1_555 
_pdbx_struct_oper_list.symmetry_operation   x,y,z 
_pdbx_struct_oper_list.matrix[1][1]         1.0000000000 
_pdbx_struct_oper_list.matrix[1][2]         0.0000000000 
_pdbx_struct_oper_list.matrix[1][3]         0.0000000000 
_pdbx_struct_oper_list.vector[1]            0.0000000000 
_pdbx_struct_oper_list.matrix[2][1]         0.0000000000 
_pdbx_struct_oper_list.matrix[2][2]         1.0000000000 
_pdbx_struct_oper_list.matrix[2][3]         0.0000000000 
_pdbx_struct_oper_list.vector[2]            0.0000000000 
_pdbx_struct_oper_list.matrix[3][1]         0.0000000000 
_pdbx_struct_oper_list.matrix[3][2]         0.0000000000 
_pdbx_struct_oper_list.matrix[3][3]         1.0000000000 
_pdbx_struct_oper_list.vector[3]            0.0000000000 
# 
loop_
_struct_conf.conf_type_id 
_struct_conf.id 
_struct_conf.pdbx_PDB_helix_id 
_struct_conf.beg_label_comp_id 
_struct_conf.beg_label_asym_id 
_struct_conf.beg_label_seq_id 
_struct_conf.pdbx_beg_PDB_ins_code 
_struct_conf.end_label_comp_id 
_struct_conf.end_label_asym_id 
_struct_conf.end_label_seq_id 
_struct_conf.pdbx_end_PDB_ins_code 
_struct_conf.beg_auth_comp_id 
_struct_conf.beg_auth_asym_id 
_struct_conf.beg_auth_seq_id 
_struct_conf.end_auth_comp_id 
_struct_conf.end_auth_asym_id 
_struct_conf.end_auth_seq_id 
_struct_conf.pdbx_PDB_helix_class 
_struct_conf.details 
_struct_conf.pdbx_PDB_helix_length 
HELX_P HELX_P1 AA1 GLY A 4   ? HIS A 15  ? GLY AAA 4   HIS AAA 15  1 ? 12 
HELX_P HELX_P2 AA2 ASN A 19  ? TYR A 23  ? ASN AAA 19  TYR AAA 23  5 ? 5  
HELX_P HELX_P3 AA3 SER A 24  ? ASN A 37  ? SER AAA 24  ASN AAA 37  1 ? 14 
HELX_P HELX_P4 AA4 PRO A 79  ? SER A 85  ? PRO AAA 79  SER AAA 85  5 ? 7  
HELX_P HELX_P5 AA5 ILE A 88  ? SER A 100 ? ILE AAA 88  SER AAA 100 1 ? 13 
HELX_P HELX_P6 AA6 ASN A 103 ? ALA A 107 ? ASN AAA 103 ALA AAA 107 5 ? 5  
HELX_P HELX_P7 AA7 TRP A 108 ? CYS A 115 ? TRP AAA 108 CYS AAA 115 1 ? 8  
HELX_P HELX_P8 AA8 ASP A 119 ? ARG A 125 ? ASP AAA 119 ARG AAA 125 5 ? 7  
# 
_struct_conf_type.id          HELX_P 
_struct_conf_type.criteria    ? 
_struct_conf_type.reference   ? 
# 
loop_
_struct_conn.id 
_struct_conn.conn_type_id 
_struct_conn.pdbx_leaving_atom_flag 
_struct_conn.pdbx_PDB_id 
_struct_conn.ptnr1_label_asym_id 
_struct_conn.ptnr1_label_comp_id 
_struct_conn.ptnr1_label_seq_id 
_struct_conn.ptnr1_label_atom_id 
_struct_conn.pdbx_ptnr1_label_alt_id 
_struct_conn.pdbx_ptnr1_PDB_ins_code 
_struct_conn.pdbx_ptnr1_standard_comp_id 
_struct_conn.ptnr1_symmetry 
_struct_conn.ptnr2_label_asym_id 
_struct_conn.ptnr2_label_comp_id 
_struct_conn.ptnr2_label_seq_id 
_struct_conn.ptnr2_label_atom_id 
_struct_conn.pdbx_ptnr2_label_alt_id 
_struct_conn.pdbx_ptnr2_PDB_ins_code 
_struct_conn.ptnr1_auth_asym_id 
_struct_conn.ptnr1_auth_comp_id 
_struct_conn.ptnr1_auth_seq_id 
_struct_conn.ptnr2_auth_asym_id 
_struct_conn.ptnr2_auth_comp_id 
_struct_conn.ptnr2_auth_seq_id 
_struct_conn.ptnr2_symmetry 
_struct_conn.pdbx_ptnr3_label_atom_id 
_struct_conn.pdbx_ptnr3_label_seq_id 
_struct_conn.pdbx_ptnr3_label_comp_id 
_struct_conn.pdbx_ptnr3_label_asym_id 
_struct_conn.pdbx_ptnr3_label_alt_id 
_struct_conn.pdbx_ptnr3_PDB_ins_code 
_struct_conn.details 
_struct_conn.pdbx_dist_value 
_struct_conn.pdbx_value_order 
_struct_conn.pdbx_role 
disulf1 disulf ? ? A CYS 6   SG  ? ? ? 1_555 A CYS 127 SG  ? ? AAA CYS 6   AAA CYS 127 1_555 ? ? ? ? ? ? ? 2.050 ? ? 
disulf2 disulf ? ? A CYS 30  SG  ? ? ? 1_555 A CYS 115 SG  ? ? AAA CYS 30  AAA CYS 115 1_555 ? ? ? ? ? ? ? 1.934 ? ? 
disulf3 disulf ? ? A CYS 64  SG  ? ? ? 1_555 A CYS 80  SG  ? ? AAA CYS 64  AAA CYS 80  1_555 ? ? ? ? ? ? ? 2.052 ? ? 
disulf4 disulf ? ? A CYS 76  SG  ? ? ? 1_555 A CYS 94  SG  ? ? AAA CYS 76  AAA CYS 94  1_555 ? ? ? ? ? ? ? 1.954 ? ? 
metalc1 metalc ? ? A ASP 101 OD1 ? ? ? 1_555 C ZJK .   RU1 ? ? AAA ASP 101 AAA ZJK 202 1_555 ? ? ? ? ? ? ? 2.065 ? ? 
metalc2 metalc ? ? A ASP 101 OD2 ? ? ? 1_555 C ZJK .   RU2 ? ? AAA ASP 101 AAA ZJK 202 1_555 ? ? ? ? ? ? ? 2.123 ? ? 
metalc3 metalc ? ? A ASP 119 OD1 A ? ? 1_555 D ZJK .   RU2 ? ? AAA ASP 119 AAA ZJK 203 1_555 ? ? ? ? ? ? ? 2.129 ? ? 
metalc4 metalc ? ? A ASP 119 OD2 A ? ? 1_555 D ZJK .   RU1 ? ? AAA ASP 119 AAA ZJK 203 1_555 ? ? ? ? ? ? ? 1.916 ? ? 
metalc5 metalc ? ? C ZJK .   RU1 ? ? ? 1_555 E HOH .   O   ? ? AAA ZJK 202 AAA HOH 384 1_555 ? ? ? ? ? ? ? 2.432 ? ? 
# 
loop_
_struct_conn_type.id 
_struct_conn_type.criteria 
_struct_conn_type.reference 
disulf ? ? 
metalc ? ? 
# 
loop_
_pdbx_struct_conn_angle.id 
_pdbx_struct_conn_angle.ptnr1_label_atom_id 
_pdbx_struct_conn_angle.ptnr1_label_alt_id 
_pdbx_struct_conn_angle.ptnr1_label_asym_id 
_pdbx_struct_conn_angle.ptnr1_label_comp_id 
_pdbx_struct_conn_angle.ptnr1_label_seq_id 
_pdbx_struct_conn_angle.ptnr1_auth_atom_id 
_pdbx_struct_conn_angle.ptnr1_auth_asym_id 
_pdbx_struct_conn_angle.ptnr1_auth_comp_id 
_pdbx_struct_conn_angle.ptnr1_auth_seq_id 
_pdbx_struct_conn_angle.ptnr1_PDB_ins_code 
_pdbx_struct_conn_angle.ptnr1_symmetry 
_pdbx_struct_conn_angle.ptnr2_label_atom_id 
_pdbx_struct_conn_angle.ptnr2_label_alt_id 
_pdbx_struct_conn_angle.ptnr2_label_asym_id 
_pdbx_struct_conn_angle.ptnr2_label_comp_id 
_pdbx_struct_conn_angle.ptnr2_label_seq_id 
_pdbx_struct_conn_angle.ptnr2_auth_atom_id 
_pdbx_struct_conn_angle.ptnr2_auth_asym_id 
_pdbx_struct_conn_angle.ptnr2_auth_comp_id 
_pdbx_struct_conn_angle.ptnr2_auth_seq_id 
_pdbx_struct_conn_angle.ptnr2_PDB_ins_code 
_pdbx_struct_conn_angle.ptnr2_symmetry 
_pdbx_struct_conn_angle.ptnr3_label_atom_id 
_pdbx_struct_conn_angle.ptnr3_label_alt_id 
_pdbx_struct_conn_angle.ptnr3_label_asym_id 
_pdbx_struct_conn_angle.ptnr3_label_comp_id 
_pdbx_struct_conn_angle.ptnr3_label_seq_id 
_pdbx_struct_conn_angle.ptnr3_auth_atom_id 
_pdbx_struct_conn_angle.ptnr3_auth_asym_id 
_pdbx_struct_conn_angle.ptnr3_auth_comp_id 
_pdbx_struct_conn_angle.ptnr3_auth_seq_id 
_pdbx_struct_conn_angle.ptnr3_PDB_ins_code 
_pdbx_struct_conn_angle.ptnr3_symmetry 
_pdbx_struct_conn_angle.value 
_pdbx_struct_conn_angle.value_esd 
1  OD1 ? A ASP 101 ? AAA ASP 101 ? 1_555 RU1 ? C ZJK . ? AAA ZJK 202 ? 1_555 RU2 ? C ZJK . ? AAA ZJK 202 ? 1_555 87.9  ? 
2  OD1 ? A ASP 101 ? AAA ASP 101 ? 1_555 RU1 ? C ZJK . ? AAA ZJK 202 ? 1_555 O2  ? C ZJK . ? AAA ZJK 202 ? 1_555 85.0  ? 
3  RU2 ? C ZJK .   ? AAA ZJK 202 ? 1_555 RU1 ? C ZJK . ? AAA ZJK 202 ? 1_555 O2  ? C ZJK . ? AAA ZJK 202 ? 1_555 87.3  ? 
4  OD1 ? A ASP 101 ? AAA ASP 101 ? 1_555 RU1 ? C ZJK . ? AAA ZJK 202 ? 1_555 N2  ? C ZJK . ? AAA ZJK 202 ? 1_555 86.7  ? 
5  RU2 ? C ZJK .   ? AAA ZJK 202 ? 1_555 RU1 ? C ZJK . ? AAA ZJK 202 ? 1_555 N2  ? C ZJK . ? AAA ZJK 202 ? 1_555 88.3  ? 
6  O2  ? C ZJK .   ? AAA ZJK 202 ? 1_555 RU1 ? C ZJK . ? AAA ZJK 202 ? 1_555 N2  ? C ZJK . ? AAA ZJK 202 ? 1_555 170.7 ? 
7  OD1 ? A ASP 101 ? AAA ASP 101 ? 1_555 RU1 ? C ZJK . ? AAA ZJK 202 ? 1_555 N3  ? C ZJK . ? AAA ZJK 202 ? 1_555 179.4 ? 
8  RU2 ? C ZJK .   ? AAA ZJK 202 ? 1_555 RU1 ? C ZJK . ? AAA ZJK 202 ? 1_555 N3  ? C ZJK . ? AAA ZJK 202 ? 1_555 92.6  ? 
9  O2  ? C ZJK .   ? AAA ZJK 202 ? 1_555 RU1 ? C ZJK . ? AAA ZJK 202 ? 1_555 N3  ? C ZJK . ? AAA ZJK 202 ? 1_555 95.4  ? 
10 N2  ? C ZJK .   ? AAA ZJK 202 ? 1_555 RU1 ? C ZJK . ? AAA ZJK 202 ? 1_555 N3  ? C ZJK . ? AAA ZJK 202 ? 1_555 92.9  ? 
11 OD1 ? A ASP 101 ? AAA ASP 101 ? 1_555 RU1 ? C ZJK . ? AAA ZJK 202 ? 1_555 O   ? E HOH . ? AAA HOH 384 ? 1_555 88.1  ? 
12 RU2 ? C ZJK .   ? AAA ZJK 202 ? 1_555 RU1 ? C ZJK . ? AAA ZJK 202 ? 1_555 O   ? E HOH . ? AAA HOH 384 ? 1_555 172.7 ? 
13 O2  ? C ZJK .   ? AAA ZJK 202 ? 1_555 RU1 ? C ZJK . ? AAA ZJK 202 ? 1_555 O   ? E HOH . ? AAA HOH 384 ? 1_555 86.3  ? 
14 N2  ? C ZJK .   ? AAA ZJK 202 ? 1_555 RU1 ? C ZJK . ? AAA ZJK 202 ? 1_555 O   ? E HOH . ? AAA HOH 384 ? 1_555 97.5  ? 
15 N3  ? C ZJK .   ? AAA ZJK 202 ? 1_555 RU1 ? C ZJK . ? AAA ZJK 202 ? 1_555 O   ? E HOH . ? AAA HOH 384 ? 1_555 91.4  ? 
16 OD2 ? A ASP 101 ? AAA ASP 101 ? 1_555 RU2 ? C ZJK . ? AAA ZJK 202 ? 1_555 O5  ? C ZJK . ? AAA ZJK 202 ? 1_555 82.3  ? 
17 OD2 ? A ASP 101 ? AAA ASP 101 ? 1_555 RU2 ? C ZJK . ? AAA ZJK 202 ? 1_555 O1  ? C ZJK . ? AAA ZJK 202 ? 1_555 88.1  ? 
18 O5  ? C ZJK .   ? AAA ZJK 202 ? 1_555 RU2 ? C ZJK . ? AAA ZJK 202 ? 1_555 O1  ? C ZJK . ? AAA ZJK 202 ? 1_555 77.7  ? 
19 OD2 ? A ASP 101 ? AAA ASP 101 ? 1_555 RU2 ? C ZJK . ? AAA ZJK 202 ? 1_555 N1  ? C ZJK . ? AAA ZJK 202 ? 1_555 90.0  ? 
20 O5  ? C ZJK .   ? AAA ZJK 202 ? 1_555 RU2 ? C ZJK . ? AAA ZJK 202 ? 1_555 N1  ? C ZJK . ? AAA ZJK 202 ? 1_555 100.6 ? 
21 O1  ? C ZJK .   ? AAA ZJK 202 ? 1_555 RU2 ? C ZJK . ? AAA ZJK 202 ? 1_555 N1  ? C ZJK . ? AAA ZJK 202 ? 1_555 177.6 ? 
22 OD2 ? A ASP 101 ? AAA ASP 101 ? 1_555 RU2 ? C ZJK . ? AAA ZJK 202 ? 1_555 RU1 ? C ZJK . ? AAA ZJK 202 ? 1_555 90.1  ? 
23 O5  ? C ZJK .   ? AAA ZJK 202 ? 1_555 RU2 ? C ZJK . ? AAA ZJK 202 ? 1_555 RU1 ? C ZJK . ? AAA ZJK 202 ? 1_555 165.7 ? 
24 O1  ? C ZJK .   ? AAA ZJK 202 ? 1_555 RU2 ? C ZJK . ? AAA ZJK 202 ? 1_555 RU1 ? C ZJK . ? AAA ZJK 202 ? 1_555 90.0  ? 
25 N1  ? C ZJK .   ? AAA ZJK 202 ? 1_555 RU2 ? C ZJK . ? AAA ZJK 202 ? 1_555 RU1 ? C ZJK . ? AAA ZJK 202 ? 1_555 91.5  ? 
26 OD2 ? A ASP 101 ? AAA ASP 101 ? 1_555 RU2 ? C ZJK . ? AAA ZJK 202 ? 1_555 N4  ? C ZJK . ? AAA ZJK 202 ? 1_555 176.7 ? 
27 O5  ? C ZJK .   ? AAA ZJK 202 ? 1_555 RU2 ? C ZJK . ? AAA ZJK 202 ? 1_555 N4  ? C ZJK . ? AAA ZJK 202 ? 1_555 100.3 ? 
28 O1  ? C ZJK .   ? AAA ZJK 202 ? 1_555 RU2 ? C ZJK . ? AAA ZJK 202 ? 1_555 N4  ? C ZJK . ? AAA ZJK 202 ? 1_555 90.5  ? 
29 N1  ? C ZJK .   ? AAA ZJK 202 ? 1_555 RU2 ? C ZJK . ? AAA ZJK 202 ? 1_555 N4  ? C ZJK . ? AAA ZJK 202 ? 1_555 91.5  ? 
30 RU1 ? C ZJK .   ? AAA ZJK 202 ? 1_555 RU2 ? C ZJK . ? AAA ZJK 202 ? 1_555 N4  ? C ZJK . ? AAA ZJK 202 ? 1_555 86.9  ? 
31 OD1 A A ASP 119 ? AAA ASP 119 ? 1_555 RU2 ? D ZJK . ? AAA ZJK 203 ? 1_555 O5  ? D ZJK . ? AAA ZJK 203 ? 1_555 76.4  ? 
32 OD1 A A ASP 119 ? AAA ASP 119 ? 1_555 RU2 ? D ZJK . ? AAA ZJK 203 ? 1_555 O1  ? D ZJK . ? AAA ZJK 203 ? 1_555 89.2  ? 
33 O5  ? D ZJK .   ? AAA ZJK 203 ? 1_555 RU2 ? D ZJK . ? AAA ZJK 203 ? 1_555 O1  ? D ZJK . ? AAA ZJK 203 ? 1_555 84.3  ? 
34 OD1 A A ASP 119 ? AAA ASP 119 ? 1_555 RU2 ? D ZJK . ? AAA ZJK 203 ? 1_555 N1  ? D ZJK . ? AAA ZJK 203 ? 1_555 84.7  ? 
35 O5  ? D ZJK .   ? AAA ZJK 203 ? 1_555 RU2 ? D ZJK . ? AAA ZJK 203 ? 1_555 N1  ? D ZJK . ? AAA ZJK 203 ? 1_555 94.6  ? 
36 O1  ? D ZJK .   ? AAA ZJK 203 ? 1_555 RU2 ? D ZJK . ? AAA ZJK 203 ? 1_555 N1  ? D ZJK . ? AAA ZJK 203 ? 1_555 173.9 ? 
37 OD1 A A ASP 119 ? AAA ASP 119 ? 1_555 RU2 ? D ZJK . ? AAA ZJK 203 ? 1_555 RU1 ? D ZJK . ? AAA ZJK 203 ? 1_555 89.1  ? 
38 O5  ? D ZJK .   ? AAA ZJK 203 ? 1_555 RU2 ? D ZJK . ? AAA ZJK 203 ? 1_555 RU1 ? D ZJK . ? AAA ZJK 203 ? 1_555 162.2 ? 
39 O1  ? D ZJK .   ? AAA ZJK 203 ? 1_555 RU2 ? D ZJK . ? AAA ZJK 203 ? 1_555 RU1 ? D ZJK . ? AAA ZJK 203 ? 1_555 85.2  ? 
40 N1  ? D ZJK .   ? AAA ZJK 203 ? 1_555 RU2 ? D ZJK . ? AAA ZJK 203 ? 1_555 RU1 ? D ZJK . ? AAA ZJK 203 ? 1_555 94.3  ? 
41 OD1 A A ASP 119 ? AAA ASP 119 ? 1_555 RU2 ? D ZJK . ? AAA ZJK 203 ? 1_555 N4  ? D ZJK . ? AAA ZJK 203 ? 1_555 173.2 ? 
42 O5  ? D ZJK .   ? AAA ZJK 203 ? 1_555 RU2 ? D ZJK . ? AAA ZJK 203 ? 1_555 N4  ? D ZJK . ? AAA ZJK 203 ? 1_555 102.1 ? 
43 O1  ? D ZJK .   ? AAA ZJK 203 ? 1_555 RU2 ? D ZJK . ? AAA ZJK 203 ? 1_555 N4  ? D ZJK . ? AAA ZJK 203 ? 1_555 84.0  ? 
44 N1  ? D ZJK .   ? AAA ZJK 203 ? 1_555 RU2 ? D ZJK . ? AAA ZJK 203 ? 1_555 N4  ? D ZJK . ? AAA ZJK 203 ? 1_555 102.1 ? 
45 RU1 ? D ZJK .   ? AAA ZJK 203 ? 1_555 RU2 ? D ZJK . ? AAA ZJK 203 ? 1_555 N4  ? D ZJK . ? AAA ZJK 203 ? 1_555 91.1  ? 
46 OD2 A A ASP 119 ? AAA ASP 119 ? 1_555 RU1 ? D ZJK . ? AAA ZJK 203 ? 1_555 RU2 ? D ZJK . ? AAA ZJK 203 ? 1_555 87.9  ? 
47 OD2 A A ASP 119 ? AAA ASP 119 ? 1_555 RU1 ? D ZJK . ? AAA ZJK 203 ? 1_555 O2  ? D ZJK . ? AAA ZJK 203 ? 1_555 86.8  ? 
48 RU2 ? D ZJK .   ? AAA ZJK 203 ? 1_555 RU1 ? D ZJK . ? AAA ZJK 203 ? 1_555 O2  ? D ZJK . ? AAA ZJK 203 ? 1_555 91.3  ? 
49 OD2 A A ASP 119 ? AAA ASP 119 ? 1_555 RU1 ? D ZJK . ? AAA ZJK 203 ? 1_555 N2  ? D ZJK . ? AAA ZJK 203 ? 1_555 87.9  ? 
50 RU2 ? D ZJK .   ? AAA ZJK 203 ? 1_555 RU1 ? D ZJK . ? AAA ZJK 203 ? 1_555 N2  ? D ZJK . ? AAA ZJK 203 ? 1_555 85.6  ? 
51 O2  ? D ZJK .   ? AAA ZJK 203 ? 1_555 RU1 ? D ZJK . ? AAA ZJK 203 ? 1_555 N2  ? D ZJK . ? AAA ZJK 203 ? 1_555 173.9 ? 
52 OD2 A A ASP 119 ? AAA ASP 119 ? 1_555 RU1 ? D ZJK . ? AAA ZJK 203 ? 1_555 N3  ? D ZJK . ? AAA ZJK 203 ? 1_555 174.8 ? 
53 RU2 ? D ZJK .   ? AAA ZJK 203 ? 1_555 RU1 ? D ZJK . ? AAA ZJK 203 ? 1_555 N3  ? D ZJK . ? AAA ZJK 203 ? 1_555 88.8  ? 
54 O2  ? D ZJK .   ? AAA ZJK 203 ? 1_555 RU1 ? D ZJK . ? AAA ZJK 203 ? 1_555 N3  ? D ZJK . ? AAA ZJK 203 ? 1_555 89.2  ? 
55 N2  ? D ZJK .   ? AAA ZJK 203 ? 1_555 RU1 ? D ZJK . ? AAA ZJK 203 ? 1_555 N3  ? D ZJK . ? AAA ZJK 203 ? 1_555 96.0  ? 
# 
loop_
_pdbx_modification_feature.ordinal 
_pdbx_modification_feature.label_comp_id 
_pdbx_modification_feature.label_asym_id 
_pdbx_modification_feature.label_seq_id 
_pdbx_modification_feature.label_alt_id 
_pdbx_modification_feature.modified_residue_label_comp_id 
_pdbx_modification_feature.modified_residue_label_asym_id 
_pdbx_modification_feature.modified_residue_label_seq_id 
_pdbx_modification_feature.modified_residue_label_alt_id 
_pdbx_modification_feature.auth_comp_id 
_pdbx_modification_feature.auth_asym_id 
_pdbx_modification_feature.auth_seq_id 
_pdbx_modification_feature.PDB_ins_code 
_pdbx_modification_feature.symmetry 
_pdbx_modification_feature.modified_residue_auth_comp_id 
_pdbx_modification_feature.modified_residue_auth_asym_id 
_pdbx_modification_feature.modified_residue_auth_seq_id 
_pdbx_modification_feature.modified_residue_PDB_ins_code 
_pdbx_modification_feature.modified_residue_symmetry 
_pdbx_modification_feature.comp_id_linking_atom 
_pdbx_modification_feature.modified_residue_id_linking_atom 
_pdbx_modification_feature.modified_residue_id 
_pdbx_modification_feature.ref_pcm_id 
_pdbx_modification_feature.ref_comp_id 
_pdbx_modification_feature.type 
_pdbx_modification_feature.category 
1 CYS A 6  ? CYS A 127 ? CYS AAA 6  ? 1_555 CYS AAA 127 ? 1_555 SG SG . . . None 'Disulfide bridge' 
2 CYS A 30 ? CYS A 115 ? CYS AAA 30 ? 1_555 CYS AAA 115 ? 1_555 SG SG . . . None 'Disulfide bridge' 
3 CYS A 64 ? CYS A 80  ? CYS AAA 64 ? 1_555 CYS AAA 80  ? 1_555 SG SG . . . None 'Disulfide bridge' 
4 CYS A 76 ? CYS A 94  ? CYS AAA 76 ? 1_555 CYS AAA 94  ? 1_555 SG SG . . . None 'Disulfide bridge' 
# 
_struct_sheet.id               AA1 
_struct_sheet.type             ? 
_struct_sheet.number_strands   3 
_struct_sheet.details          ? 
# 
loop_
_struct_sheet_order.sheet_id 
_struct_sheet_order.range_id_1 
_struct_sheet_order.range_id_2 
_struct_sheet_order.offset 
_struct_sheet_order.sense 
AA1 1 2 ? anti-parallel 
AA1 2 3 ? anti-parallel 
# 
loop_
_struct_sheet_range.sheet_id 
_struct_sheet_range.id 
_struct_sheet_range.beg_label_comp_id 
_struct_sheet_range.beg_label_asym_id 
_struct_sheet_range.beg_label_seq_id 
_struct_sheet_range.pdbx_beg_PDB_ins_code 
_struct_sheet_range.end_label_comp_id 
_struct_sheet_range.end_label_asym_id 
_struct_sheet_range.end_label_seq_id 
_struct_sheet_range.pdbx_end_PDB_ins_code 
_struct_sheet_range.beg_auth_comp_id 
_struct_sheet_range.beg_auth_asym_id 
_struct_sheet_range.beg_auth_seq_id 
_struct_sheet_range.end_auth_comp_id 
_struct_sheet_range.end_auth_asym_id 
_struct_sheet_range.end_auth_seq_id 
AA1 1 THR A 43 ? ARG A 45 ? THR AAA 43 ARG AAA 45 
AA1 2 THR A 51 ? TYR A 53 ? THR AAA 51 TYR AAA 53 
AA1 3 ILE A 58 ? ASN A 59 ? ILE AAA 58 ASN AAA 59 
# 
loop_
_pdbx_struct_sheet_hbond.sheet_id 
_pdbx_struct_sheet_hbond.range_id_1 
_pdbx_struct_sheet_hbond.range_id_2 
_pdbx_struct_sheet_hbond.range_1_label_atom_id 
_pdbx_struct_sheet_hbond.range_1_label_comp_id 
_pdbx_struct_sheet_hbond.range_1_label_asym_id 
_pdbx_struct_sheet_hbond.range_1_label_seq_id 
_pdbx_struct_sheet_hbond.range_1_PDB_ins_code 
_pdbx_struct_sheet_hbond.range_1_auth_atom_id 
_pdbx_struct_sheet_hbond.range_1_auth_comp_id 
_pdbx_struct_sheet_hbond.range_1_auth_asym_id 
_pdbx_struct_sheet_hbond.range_1_auth_seq_id 
_pdbx_struct_sheet_hbond.range_2_label_atom_id 
_pdbx_struct_sheet_hbond.range_2_label_comp_id 
_pdbx_struct_sheet_hbond.range_2_label_asym_id 
_pdbx_struct_sheet_hbond.range_2_label_seq_id 
_pdbx_struct_sheet_hbond.range_2_PDB_ins_code 
_pdbx_struct_sheet_hbond.range_2_auth_atom_id 
_pdbx_struct_sheet_hbond.range_2_auth_comp_id 
_pdbx_struct_sheet_hbond.range_2_auth_asym_id 
_pdbx_struct_sheet_hbond.range_2_auth_seq_id 
AA1 1 2 N ASN A 44 ? N ASN AAA 44 O ASP A 52 ? O ASP AAA 52 
AA1 2 3 N TYR A 53 ? N TYR AAA 53 O ILE A 58 ? O ILE AAA 58 
# 
_pdbx_entry_details.entry_id                   8PH5 
_pdbx_entry_details.has_ligand_of_interest     Y 
_pdbx_entry_details.compound_details           ? 
_pdbx_entry_details.source_details             ? 
_pdbx_entry_details.nonpolymer_details         ? 
_pdbx_entry_details.sequence_details           ? 
_pdbx_entry_details.has_protein_modification   Y 
# 
_pdbx_validate_symm_contact.id                1 
_pdbx_validate_symm_contact.PDB_model_num     1 
_pdbx_validate_symm_contact.auth_atom_id_1    O 
_pdbx_validate_symm_contact.auth_asym_id_1    AAA 
_pdbx_validate_symm_contact.auth_comp_id_1    LEU 
_pdbx_validate_symm_contact.auth_seq_id_1     129 
_pdbx_validate_symm_contact.PDB_ins_code_1    ? 
_pdbx_validate_symm_contact.label_alt_id_1    ? 
_pdbx_validate_symm_contact.site_symmetry_1   1_555 
_pdbx_validate_symm_contact.auth_atom_id_2    O 
_pdbx_validate_symm_contact.auth_asym_id_2    AAA 
_pdbx_validate_symm_contact.auth_comp_id_2    LEU 
_pdbx_validate_symm_contact.auth_seq_id_2     129 
_pdbx_validate_symm_contact.PDB_ins_code_2    ? 
_pdbx_validate_symm_contact.label_alt_id_2    ? 
_pdbx_validate_symm_contact.site_symmetry_2   8_554 
_pdbx_validate_symm_contact.dist              1.68 
# 
loop_
_pdbx_validate_torsion.id 
_pdbx_validate_torsion.PDB_model_num 
_pdbx_validate_torsion.auth_comp_id 
_pdbx_validate_torsion.auth_asym_id 
_pdbx_validate_torsion.auth_seq_id 
_pdbx_validate_torsion.PDB_ins_code 
_pdbx_validate_torsion.label_alt_id 
_pdbx_validate_torsion.phi 
_pdbx_validate_torsion.psi 
1 1 ARG AAA 21 ? ? 48.48   27.77 
2 1 THR AAA 69 ? ? -115.97 75.09 
# 
_pdbx_validate_peptide_omega.id               1 
_pdbx_validate_peptide_omega.PDB_model_num    1 
_pdbx_validate_peptide_omega.auth_comp_id_1   TRP 
_pdbx_validate_peptide_omega.auth_asym_id_1   AAA 
_pdbx_validate_peptide_omega.auth_seq_id_1    62 
_pdbx_validate_peptide_omega.PDB_ins_code_1   ? 
_pdbx_validate_peptide_omega.label_alt_id_1   ? 
_pdbx_validate_peptide_omega.auth_comp_id_2   TRP 
_pdbx_validate_peptide_omega.auth_asym_id_2   AAA 
_pdbx_validate_peptide_omega.auth_seq_id_2    63 
_pdbx_validate_peptide_omega.PDB_ins_code_2   ? 
_pdbx_validate_peptide_omega.label_alt_id_2   ? 
_pdbx_validate_peptide_omega.omega            -148.95 
# 
loop_
_pdbx_struct_special_symmetry.id 
_pdbx_struct_special_symmetry.PDB_model_num 
_pdbx_struct_special_symmetry.auth_asym_id 
_pdbx_struct_special_symmetry.auth_comp_id 
_pdbx_struct_special_symmetry.auth_seq_id 
_pdbx_struct_special_symmetry.PDB_ins_code 
_pdbx_struct_special_symmetry.label_asym_id 
_pdbx_struct_special_symmetry.label_comp_id 
_pdbx_struct_special_symmetry.label_seq_id 
1 1 AAA HOH 324 ? E HOH . 
2 1 AAA HOH 410 ? E HOH . 
# 
loop_
_chem_comp_atom.comp_id 
_chem_comp_atom.atom_id 
_chem_comp_atom.type_symbol 
_chem_comp_atom.pdbx_aromatic_flag 
_chem_comp_atom.pdbx_stereo_config 
_chem_comp_atom.pdbx_ordinal 
ALA N    N  N N 1   
ALA CA   C  N S 2   
ALA C    C  N N 3   
ALA O    O  N N 4   
ALA CB   C  N N 5   
ALA OXT  O  N N 6   
ALA H    H  N N 7   
ALA H2   H  N N 8   
ALA HA   H  N N 9   
ALA HB1  H  N N 10  
ALA HB2  H  N N 11  
ALA HB3  H  N N 12  
ALA HXT  H  N N 13  
ARG N    N  N N 14  
ARG CA   C  N S 15  
ARG C    C  N N 16  
ARG O    O  N N 17  
ARG CB   C  N N 18  
ARG CG   C  N N 19  
ARG CD   C  N N 20  
ARG NE   N  N N 21  
ARG CZ   C  N N 22  
ARG NH1  N  N N 23  
ARG NH2  N  N N 24  
ARG OXT  O  N N 25  
ARG H    H  N N 26  
ARG H2   H  N N 27  
ARG HA   H  N N 28  
ARG HB2  H  N N 29  
ARG HB3  H  N N 30  
ARG HG2  H  N N 31  
ARG HG3  H  N N 32  
ARG HD2  H  N N 33  
ARG HD3  H  N N 34  
ARG HE   H  N N 35  
ARG HH11 H  N N 36  
ARG HH12 H  N N 37  
ARG HH21 H  N N 38  
ARG HH22 H  N N 39  
ARG HXT  H  N N 40  
ASN N    N  N N 41  
ASN CA   C  N S 42  
ASN C    C  N N 43  
ASN O    O  N N 44  
ASN CB   C  N N 45  
ASN CG   C  N N 46  
ASN OD1  O  N N 47  
ASN ND2  N  N N 48  
ASN OXT  O  N N 49  
ASN H    H  N N 50  
ASN H2   H  N N 51  
ASN HA   H  N N 52  
ASN HB2  H  N N 53  
ASN HB3  H  N N 54  
ASN HD21 H  N N 55  
ASN HD22 H  N N 56  
ASN HXT  H  N N 57  
ASP N    N  N N 58  
ASP CA   C  N S 59  
ASP C    C  N N 60  
ASP O    O  N N 61  
ASP CB   C  N N 62  
ASP CG   C  N N 63  
ASP OD1  O  N N 64  
ASP OD2  O  N N 65  
ASP OXT  O  N N 66  
ASP H    H  N N 67  
ASP H2   H  N N 68  
ASP HA   H  N N 69  
ASP HB2  H  N N 70  
ASP HB3  H  N N 71  
ASP HD2  H  N N 72  
ASP HXT  H  N N 73  
CYS N    N  N N 74  
CYS CA   C  N R 75  
CYS C    C  N N 76  
CYS O    O  N N 77  
CYS CB   C  N N 78  
CYS SG   S  N N 79  
CYS OXT  O  N N 80  
CYS H    H  N N 81  
CYS H2   H  N N 82  
CYS HA   H  N N 83  
CYS HB2  H  N N 84  
CYS HB3  H  N N 85  
CYS HG   H  N N 86  
CYS HXT  H  N N 87  
EPE N1   N  N N 88  
EPE C2   C  N N 89  
EPE C3   C  N N 90  
EPE N4   N  N N 91  
EPE C5   C  N N 92  
EPE C6   C  N N 93  
EPE C7   C  N N 94  
EPE C8   C  N N 95  
EPE O8   O  N N 96  
EPE C9   C  N N 97  
EPE C10  C  N N 98  
EPE S    S  N N 99  
EPE O1S  O  N N 100 
EPE O2S  O  N N 101 
EPE O3S  O  N N 102 
EPE H21  H  N N 103 
EPE H22  H  N N 104 
EPE H31  H  N N 105 
EPE H32  H  N N 106 
EPE H51  H  N N 107 
EPE H52  H  N N 108 
EPE H61  H  N N 109 
EPE H62  H  N N 110 
EPE H71  H  N N 111 
EPE H72  H  N N 112 
EPE H81  H  N N 113 
EPE H82  H  N N 114 
EPE HO8  H  N N 115 
EPE H91  H  N N 116 
EPE H92  H  N N 117 
EPE H101 H  N N 118 
EPE H102 H  N N 119 
EPE HOS3 H  N N 120 
GLN N    N  N N 121 
GLN CA   C  N S 122 
GLN C    C  N N 123 
GLN O    O  N N 124 
GLN CB   C  N N 125 
GLN CG   C  N N 126 
GLN CD   C  N N 127 
GLN OE1  O  N N 128 
GLN NE2  N  N N 129 
GLN OXT  O  N N 130 
GLN H    H  N N 131 
GLN H2   H  N N 132 
GLN HA   H  N N 133 
GLN HB2  H  N N 134 
GLN HB3  H  N N 135 
GLN HG2  H  N N 136 
GLN HG3  H  N N 137 
GLN HE21 H  N N 138 
GLN HE22 H  N N 139 
GLN HXT  H  N N 140 
GLU N    N  N N 141 
GLU CA   C  N S 142 
GLU C    C  N N 143 
GLU O    O  N N 144 
GLU CB   C  N N 145 
GLU CG   C  N N 146 
GLU CD   C  N N 147 
GLU OE1  O  N N 148 
GLU OE2  O  N N 149 
GLU OXT  O  N N 150 
GLU H    H  N N 151 
GLU H2   H  N N 152 
GLU HA   H  N N 153 
GLU HB2  H  N N 154 
GLU HB3  H  N N 155 
GLU HG2  H  N N 156 
GLU HG3  H  N N 157 
GLU HE2  H  N N 158 
GLU HXT  H  N N 159 
GLY N    N  N N 160 
GLY CA   C  N N 161 
GLY C    C  N N 162 
GLY O    O  N N 163 
GLY OXT  O  N N 164 
GLY H    H  N N 165 
GLY H2   H  N N 166 
GLY HA2  H  N N 167 
GLY HA3  H  N N 168 
GLY HXT  H  N N 169 
HIS N    N  N N 170 
HIS CA   C  N S 171 
HIS C    C  N N 172 
HIS O    O  N N 173 
HIS CB   C  N N 174 
HIS CG   C  Y N 175 
HIS ND1  N  Y N 176 
HIS CD2  C  Y N 177 
HIS CE1  C  Y N 178 
HIS NE2  N  Y N 179 
HIS OXT  O  N N 180 
HIS H    H  N N 181 
HIS H2   H  N N 182 
HIS HA   H  N N 183 
HIS HB2  H  N N 184 
HIS HB3  H  N N 185 
HIS HD1  H  N N 186 
HIS HD2  H  N N 187 
HIS HE1  H  N N 188 
HIS HE2  H  N N 189 
HIS HXT  H  N N 190 
HOH O    O  N N 191 
HOH H1   H  N N 192 
HOH H2   H  N N 193 
ILE N    N  N N 194 
ILE CA   C  N S 195 
ILE C    C  N N 196 
ILE O    O  N N 197 
ILE CB   C  N S 198 
ILE CG1  C  N N 199 
ILE CG2  C  N N 200 
ILE CD1  C  N N 201 
ILE OXT  O  N N 202 
ILE H    H  N N 203 
ILE H2   H  N N 204 
ILE HA   H  N N 205 
ILE HB   H  N N 206 
ILE HG12 H  N N 207 
ILE HG13 H  N N 208 
ILE HG21 H  N N 209 
ILE HG22 H  N N 210 
ILE HG23 H  N N 211 
ILE HD11 H  N N 212 
ILE HD12 H  N N 213 
ILE HD13 H  N N 214 
ILE HXT  H  N N 215 
LEU N    N  N N 216 
LEU CA   C  N S 217 
LEU C    C  N N 218 
LEU O    O  N N 219 
LEU CB   C  N N 220 
LEU CG   C  N N 221 
LEU CD1  C  N N 222 
LEU CD2  C  N N 223 
LEU OXT  O  N N 224 
LEU H    H  N N 225 
LEU H2   H  N N 226 
LEU HA   H  N N 227 
LEU HB2  H  N N 228 
LEU HB3  H  N N 229 
LEU HG   H  N N 230 
LEU HD11 H  N N 231 
LEU HD12 H  N N 232 
LEU HD13 H  N N 233 
LEU HD21 H  N N 234 
LEU HD22 H  N N 235 
LEU HD23 H  N N 236 
LEU HXT  H  N N 237 
LYS N    N  N N 238 
LYS CA   C  N S 239 
LYS C    C  N N 240 
LYS O    O  N N 241 
LYS CB   C  N N 242 
LYS CG   C  N N 243 
LYS CD   C  N N 244 
LYS CE   C  N N 245 
LYS NZ   N  N N 246 
LYS OXT  O  N N 247 
LYS H    H  N N 248 
LYS H2   H  N N 249 
LYS HA   H  N N 250 
LYS HB2  H  N N 251 
LYS HB3  H  N N 252 
LYS HG2  H  N N 253 
LYS HG3  H  N N 254 
LYS HD2  H  N N 255 
LYS HD3  H  N N 256 
LYS HE2  H  N N 257 
LYS HE3  H  N N 258 
LYS HZ1  H  N N 259 
LYS HZ2  H  N N 260 
LYS HZ3  H  N N 261 
LYS HXT  H  N N 262 
MET N    N  N N 263 
MET CA   C  N S 264 
MET C    C  N N 265 
MET O    O  N N 266 
MET CB   C  N N 267 
MET CG   C  N N 268 
MET SD   S  N N 269 
MET CE   C  N N 270 
MET OXT  O  N N 271 
MET H    H  N N 272 
MET H2   H  N N 273 
MET HA   H  N N 274 
MET HB2  H  N N 275 
MET HB3  H  N N 276 
MET HG2  H  N N 277 
MET HG3  H  N N 278 
MET HE1  H  N N 279 
MET HE2  H  N N 280 
MET HE3  H  N N 281 
MET HXT  H  N N 282 
PHE N    N  N N 283 
PHE CA   C  N S 284 
PHE C    C  N N 285 
PHE O    O  N N 286 
PHE CB   C  N N 287 
PHE CG   C  Y N 288 
PHE CD1  C  Y N 289 
PHE CD2  C  Y N 290 
PHE CE1  C  Y N 291 
PHE CE2  C  Y N 292 
PHE CZ   C  Y N 293 
PHE OXT  O  N N 294 
PHE H    H  N N 295 
PHE H2   H  N N 296 
PHE HA   H  N N 297 
PHE HB2  H  N N 298 
PHE HB3  H  N N 299 
PHE HD1  H  N N 300 
PHE HD2  H  N N 301 
PHE HE1  H  N N 302 
PHE HE2  H  N N 303 
PHE HZ   H  N N 304 
PHE HXT  H  N N 305 
PRO N    N  N N 306 
PRO CA   C  N S 307 
PRO C    C  N N 308 
PRO O    O  N N 309 
PRO CB   C  N N 310 
PRO CG   C  N N 311 
PRO CD   C  N N 312 
PRO OXT  O  N N 313 
PRO H    H  N N 314 
PRO HA   H  N N 315 
PRO HB2  H  N N 316 
PRO HB3  H  N N 317 
PRO HG2  H  N N 318 
PRO HG3  H  N N 319 
PRO HD2  H  N N 320 
PRO HD3  H  N N 321 
PRO HXT  H  N N 322 
SER N    N  N N 323 
SER CA   C  N S 324 
SER C    C  N N 325 
SER O    O  N N 326 
SER CB   C  N N 327 
SER OG   O  N N 328 
SER OXT  O  N N 329 
SER H    H  N N 330 
SER H2   H  N N 331 
SER HA   H  N N 332 
SER HB2  H  N N 333 
SER HB3  H  N N 334 
SER HG   H  N N 335 
SER HXT  H  N N 336 
THR N    N  N N 337 
THR CA   C  N S 338 
THR C    C  N N 339 
THR O    O  N N 340 
THR CB   C  N R 341 
THR OG1  O  N N 342 
THR CG2  C  N N 343 
THR OXT  O  N N 344 
THR H    H  N N 345 
THR H2   H  N N 346 
THR HA   H  N N 347 
THR HB   H  N N 348 
THR HG1  H  N N 349 
THR HG21 H  N N 350 
THR HG22 H  N N 351 
THR HG23 H  N N 352 
THR HXT  H  N N 353 
TRP N    N  N N 354 
TRP CA   C  N S 355 
TRP C    C  N N 356 
TRP O    O  N N 357 
TRP CB   C  N N 358 
TRP CG   C  Y N 359 
TRP CD1  C  Y N 360 
TRP CD2  C  Y N 361 
TRP NE1  N  Y N 362 
TRP CE2  C  Y N 363 
TRP CE3  C  Y N 364 
TRP CZ2  C  Y N 365 
TRP CZ3  C  Y N 366 
TRP CH2  C  Y N 367 
TRP OXT  O  N N 368 
TRP H    H  N N 369 
TRP H2   H  N N 370 
TRP HA   H  N N 371 
TRP HB2  H  N N 372 
TRP HB3  H  N N 373 
TRP HD1  H  N N 374 
TRP HE1  H  N N 375 
TRP HE3  H  N N 376 
TRP HZ2  H  N N 377 
TRP HZ3  H  N N 378 
TRP HH2  H  N N 379 
TRP HXT  H  N N 380 
TYR N    N  N N 381 
TYR CA   C  N S 382 
TYR C    C  N N 383 
TYR O    O  N N 384 
TYR CB   C  N N 385 
TYR CG   C  Y N 386 
TYR CD1  C  Y N 387 
TYR CD2  C  Y N 388 
TYR CE1  C  Y N 389 
TYR CE2  C  Y N 390 
TYR CZ   C  Y N 391 
TYR OH   O  N N 392 
TYR OXT  O  N N 393 
TYR H    H  N N 394 
TYR H2   H  N N 395 
TYR HA   H  N N 396 
TYR HB2  H  N N 397 
TYR HB3  H  N N 398 
TYR HD1  H  N N 399 
TYR HD2  H  N N 400 
TYR HE1  H  N N 401 
TYR HE2  H  N N 402 
TYR HH   H  N N 403 
TYR HXT  H  N N 404 
VAL N    N  N N 405 
VAL CA   C  N S 406 
VAL C    C  N N 407 
VAL O    O  N N 408 
VAL CB   C  N N 409 
VAL CG1  C  N N 410 
VAL CG2  C  N N 411 
VAL OXT  O  N N 412 
VAL H    H  N N 413 
VAL H2   H  N N 414 
VAL HA   H  N N 415 
VAL HB   H  N N 416 
VAL HG11 H  N N 417 
VAL HG12 H  N N 418 
VAL HG13 H  N N 419 
VAL HG21 H  N N 420 
VAL HG22 H  N N 421 
VAL HG23 H  N N 422 
VAL HXT  H  N N 423 
ZJK RU1  RU N N 424 
ZJK RU2  RU N N 425 
ZJK O1   O  N N 426 
ZJK O2   O  N N 427 
ZJK N1   N  N N 428 
ZJK N4   N  N N 429 
ZJK N3   N  N N 430 
ZJK N2   N  N N 431 
ZJK C1   C  Y N 432 
ZJK C2   C  Y N 433 
ZJK C3   C  Y N 434 
ZJK C4   C  Y N 435 
ZJK C5   C  Y N 436 
ZJK C6   C  Y N 437 
ZJK C7   C  Y N 438 
ZJK C8   C  N N 439 
ZJK C9   C  Y N 440 
ZJK C10  C  Y N 441 
ZJK C11  C  Y N 442 
ZJK C12  C  Y N 443 
ZJK C13  C  N N 444 
ZJK C14  C  Y N 445 
ZJK C15  C  Y N 446 
ZJK C16  C  N N 447 
ZJK C17  C  Y N 448 
ZJK C18  C  Y N 449 
ZJK C20  C  Y N 450 
ZJK C21  C  Y N 451 
ZJK C23  C  Y N 452 
ZJK C25  C  Y N 453 
ZJK C26  C  Y N 454 
ZJK C27  C  Y N 455 
ZJK C28  C  Y N 456 
ZJK C29  C  Y N 457 
ZJK C30  C  Y N 458 
ZJK O5   O  N N 459 
ZJK H1   H  N N 460 
ZJK H2   H  N N 461 
ZJK H3   H  N N 462 
ZJK H4   H  N N 463 
ZJK H5   H  N N 464 
ZJK H6   H  N N 465 
ZJK H7   H  N N 466 
ZJK H8   H  N N 467 
ZJK H9   H  N N 468 
ZJK H10  H  N N 469 
ZJK H11  H  N N 470 
ZJK H12  H  N N 471 
ZJK H13  H  N N 472 
ZJK H14  H  N N 473 
ZJK H15  H  N N 474 
ZJK H16  H  N N 475 
ZJK H17  H  N N 476 
ZJK H18  H  N N 477 
ZJK H19  H  N N 478 
ZJK H20  H  N N 479 
ZJK H21  H  N N 480 
ZJK H22  H  N N 481 
ZJK H23  H  N N 482 
ZJK H24  H  N N 483 
ZJK H25  H  N N 484 
ZJK H26  H  N N 485 
ZJK H27  H  N N 486 
# 
loop_
_chem_comp_bond.comp_id 
_chem_comp_bond.atom_id_1 
_chem_comp_bond.atom_id_2 
_chem_comp_bond.value_order 
_chem_comp_bond.pdbx_aromatic_flag 
_chem_comp_bond.pdbx_stereo_config 
_chem_comp_bond.pdbx_ordinal 
ALA N   CA   sing N N 1   
ALA N   H    sing N N 2   
ALA N   H2   sing N N 3   
ALA CA  C    sing N N 4   
ALA CA  CB   sing N N 5   
ALA CA  HA   sing N N 6   
ALA C   O    doub N N 7   
ALA C   OXT  sing N N 8   
ALA CB  HB1  sing N N 9   
ALA CB  HB2  sing N N 10  
ALA CB  HB3  sing N N 11  
ALA OXT HXT  sing N N 12  
ARG N   CA   sing N N 13  
ARG N   H    sing N N 14  
ARG N   H2   sing N N 15  
ARG CA  C    sing N N 16  
ARG CA  CB   sing N N 17  
ARG CA  HA   sing N N 18  
ARG C   O    doub N N 19  
ARG C   OXT  sing N N 20  
ARG CB  CG   sing N N 21  
ARG CB  HB2  sing N N 22  
ARG CB  HB3  sing N N 23  
ARG CG  CD   sing N N 24  
ARG CG  HG2  sing N N 25  
ARG CG  HG3  sing N N 26  
ARG CD  NE   sing N N 27  
ARG CD  HD2  sing N N 28  
ARG CD  HD3  sing N N 29  
ARG NE  CZ   sing N N 30  
ARG NE  HE   sing N N 31  
ARG CZ  NH1  sing N N 32  
ARG CZ  NH2  doub N N 33  
ARG NH1 HH11 sing N N 34  
ARG NH1 HH12 sing N N 35  
ARG NH2 HH21 sing N N 36  
ARG NH2 HH22 sing N N 37  
ARG OXT HXT  sing N N 38  
ASN N   CA   sing N N 39  
ASN N   H    sing N N 40  
ASN N   H2   sing N N 41  
ASN CA  C    sing N N 42  
ASN CA  CB   sing N N 43  
ASN CA  HA   sing N N 44  
ASN C   O    doub N N 45  
ASN C   OXT  sing N N 46  
ASN CB  CG   sing N N 47  
ASN CB  HB2  sing N N 48  
ASN CB  HB3  sing N N 49  
ASN CG  OD1  doub N N 50  
ASN CG  ND2  sing N N 51  
ASN ND2 HD21 sing N N 52  
ASN ND2 HD22 sing N N 53  
ASN OXT HXT  sing N N 54  
ASP N   CA   sing N N 55  
ASP N   H    sing N N 56  
ASP N   H2   sing N N 57  
ASP CA  C    sing N N 58  
ASP CA  CB   sing N N 59  
ASP CA  HA   sing N N 60  
ASP C   O    doub N N 61  
ASP C   OXT  sing N N 62  
ASP CB  CG   sing N N 63  
ASP CB  HB2  sing N N 64  
ASP CB  HB3  sing N N 65  
ASP CG  OD1  doub N N 66  
ASP CG  OD2  sing N N 67  
ASP OD2 HD2  sing N N 68  
ASP OXT HXT  sing N N 69  
CYS N   CA   sing N N 70  
CYS N   H    sing N N 71  
CYS N   H2   sing N N 72  
CYS CA  C    sing N N 73  
CYS CA  CB   sing N N 74  
CYS CA  HA   sing N N 75  
CYS C   O    doub N N 76  
CYS C   OXT  sing N N 77  
CYS CB  SG   sing N N 78  
CYS CB  HB2  sing N N 79  
CYS CB  HB3  sing N N 80  
CYS SG  HG   sing N N 81  
CYS OXT HXT  sing N N 82  
EPE N1  C2   sing N N 83  
EPE N1  C6   sing N N 84  
EPE N1  C9   sing N N 85  
EPE C2  C3   sing N N 86  
EPE C2  H21  sing N N 87  
EPE C2  H22  sing N N 88  
EPE C3  N4   sing N N 89  
EPE C3  H31  sing N N 90  
EPE C3  H32  sing N N 91  
EPE N4  C5   sing N N 92  
EPE N4  C7   sing N N 93  
EPE C5  C6   sing N N 94  
EPE C5  H51  sing N N 95  
EPE C5  H52  sing N N 96  
EPE C6  H61  sing N N 97  
EPE C6  H62  sing N N 98  
EPE C7  C8   sing N N 99  
EPE C7  H71  sing N N 100 
EPE C7  H72  sing N N 101 
EPE C8  O8   sing N N 102 
EPE C8  H81  sing N N 103 
EPE C8  H82  sing N N 104 
EPE O8  HO8  sing N N 105 
EPE C9  C10  sing N N 106 
EPE C9  H91  sing N N 107 
EPE C9  H92  sing N N 108 
EPE C10 S    sing N N 109 
EPE C10 H101 sing N N 110 
EPE C10 H102 sing N N 111 
EPE S   O1S  doub N N 112 
EPE S   O2S  doub N N 113 
EPE S   O3S  sing N N 114 
EPE O3S HOS3 sing N N 115 
GLN N   CA   sing N N 116 
GLN N   H    sing N N 117 
GLN N   H2   sing N N 118 
GLN CA  C    sing N N 119 
GLN CA  CB   sing N N 120 
GLN CA  HA   sing N N 121 
GLN C   O    doub N N 122 
GLN C   OXT  sing N N 123 
GLN CB  CG   sing N N 124 
GLN CB  HB2  sing N N 125 
GLN CB  HB3  sing N N 126 
GLN CG  CD   sing N N 127 
GLN CG  HG2  sing N N 128 
GLN CG  HG3  sing N N 129 
GLN CD  OE1  doub N N 130 
GLN CD  NE2  sing N N 131 
GLN NE2 HE21 sing N N 132 
GLN NE2 HE22 sing N N 133 
GLN OXT HXT  sing N N 134 
GLU N   CA   sing N N 135 
GLU N   H    sing N N 136 
GLU N   H2   sing N N 137 
GLU CA  C    sing N N 138 
GLU CA  CB   sing N N 139 
GLU CA  HA   sing N N 140 
GLU C   O    doub N N 141 
GLU C   OXT  sing N N 142 
GLU CB  CG   sing N N 143 
GLU CB  HB2  sing N N 144 
GLU CB  HB3  sing N N 145 
GLU CG  CD   sing N N 146 
GLU CG  HG2  sing N N 147 
GLU CG  HG3  sing N N 148 
GLU CD  OE1  doub N N 149 
GLU CD  OE2  sing N N 150 
GLU OE2 HE2  sing N N 151 
GLU OXT HXT  sing N N 152 
GLY N   CA   sing N N 153 
GLY N   H    sing N N 154 
GLY N   H2   sing N N 155 
GLY CA  C    sing N N 156 
GLY CA  HA2  sing N N 157 
GLY CA  HA3  sing N N 158 
GLY C   O    doub N N 159 
GLY C   OXT  sing N N 160 
GLY OXT HXT  sing N N 161 
HIS N   CA   sing N N 162 
HIS N   H    sing N N 163 
HIS N   H2   sing N N 164 
HIS CA  C    sing N N 165 
HIS CA  CB   sing N N 166 
HIS CA  HA   sing N N 167 
HIS C   O    doub N N 168 
HIS C   OXT  sing N N 169 
HIS CB  CG   sing N N 170 
HIS CB  HB2  sing N N 171 
HIS CB  HB3  sing N N 172 
HIS CG  ND1  sing Y N 173 
HIS CG  CD2  doub Y N 174 
HIS ND1 CE1  doub Y N 175 
HIS ND1 HD1  sing N N 176 
HIS CD2 NE2  sing Y N 177 
HIS CD2 HD2  sing N N 178 
HIS CE1 NE2  sing Y N 179 
HIS CE1 HE1  sing N N 180 
HIS NE2 HE2  sing N N 181 
HIS OXT HXT  sing N N 182 
HOH O   H1   sing N N 183 
HOH O   H2   sing N N 184 
ILE N   CA   sing N N 185 
ILE N   H    sing N N 186 
ILE N   H2   sing N N 187 
ILE CA  C    sing N N 188 
ILE CA  CB   sing N N 189 
ILE CA  HA   sing N N 190 
ILE C   O    doub N N 191 
ILE C   OXT  sing N N 192 
ILE CB  CG1  sing N N 193 
ILE CB  CG2  sing N N 194 
ILE CB  HB   sing N N 195 
ILE CG1 CD1  sing N N 196 
ILE CG1 HG12 sing N N 197 
ILE CG1 HG13 sing N N 198 
ILE CG2 HG21 sing N N 199 
ILE CG2 HG22 sing N N 200 
ILE CG2 HG23 sing N N 201 
ILE CD1 HD11 sing N N 202 
ILE CD1 HD12 sing N N 203 
ILE CD1 HD13 sing N N 204 
ILE OXT HXT  sing N N 205 
LEU N   CA   sing N N 206 
LEU N   H    sing N N 207 
LEU N   H2   sing N N 208 
LEU CA  C    sing N N 209 
LEU CA  CB   sing N N 210 
LEU CA  HA   sing N N 211 
LEU C   O    doub N N 212 
LEU C   OXT  sing N N 213 
LEU CB  CG   sing N N 214 
LEU CB  HB2  sing N N 215 
LEU CB  HB3  sing N N 216 
LEU CG  CD1  sing N N 217 
LEU CG  CD2  sing N N 218 
LEU CG  HG   sing N N 219 
LEU CD1 HD11 sing N N 220 
LEU CD1 HD12 sing N N 221 
LEU CD1 HD13 sing N N 222 
LEU CD2 HD21 sing N N 223 
LEU CD2 HD22 sing N N 224 
LEU CD2 HD23 sing N N 225 
LEU OXT HXT  sing N N 226 
LYS N   CA   sing N N 227 
LYS N   H    sing N N 228 
LYS N   H2   sing N N 229 
LYS CA  C    sing N N 230 
LYS CA  CB   sing N N 231 
LYS CA  HA   sing N N 232 
LYS C   O    doub N N 233 
LYS C   OXT  sing N N 234 
LYS CB  CG   sing N N 235 
LYS CB  HB2  sing N N 236 
LYS CB  HB3  sing N N 237 
LYS CG  CD   sing N N 238 
LYS CG  HG2  sing N N 239 
LYS CG  HG3  sing N N 240 
LYS CD  CE   sing N N 241 
LYS CD  HD2  sing N N 242 
LYS CD  HD3  sing N N 243 
LYS CE  NZ   sing N N 244 
LYS CE  HE2  sing N N 245 
LYS CE  HE3  sing N N 246 
LYS NZ  HZ1  sing N N 247 
LYS NZ  HZ2  sing N N 248 
LYS NZ  HZ3  sing N N 249 
LYS OXT HXT  sing N N 250 
MET N   CA   sing N N 251 
MET N   H    sing N N 252 
MET N   H2   sing N N 253 
MET CA  C    sing N N 254 
MET CA  CB   sing N N 255 
MET CA  HA   sing N N 256 
MET C   O    doub N N 257 
MET C   OXT  sing N N 258 
MET CB  CG   sing N N 259 
MET CB  HB2  sing N N 260 
MET CB  HB3  sing N N 261 
MET CG  SD   sing N N 262 
MET CG  HG2  sing N N 263 
MET CG  HG3  sing N N 264 
MET SD  CE   sing N N 265 
MET CE  HE1  sing N N 266 
MET CE  HE2  sing N N 267 
MET CE  HE3  sing N N 268 
MET OXT HXT  sing N N 269 
PHE N   CA   sing N N 270 
PHE N   H    sing N N 271 
PHE N   H2   sing N N 272 
PHE CA  C    sing N N 273 
PHE CA  CB   sing N N 274 
PHE CA  HA   sing N N 275 
PHE C   O    doub N N 276 
PHE C   OXT  sing N N 277 
PHE CB  CG   sing N N 278 
PHE CB  HB2  sing N N 279 
PHE CB  HB3  sing N N 280 
PHE CG  CD1  doub Y N 281 
PHE CG  CD2  sing Y N 282 
PHE CD1 CE1  sing Y N 283 
PHE CD1 HD1  sing N N 284 
PHE CD2 CE2  doub Y N 285 
PHE CD2 HD2  sing N N 286 
PHE CE1 CZ   doub Y N 287 
PHE CE1 HE1  sing N N 288 
PHE CE2 CZ   sing Y N 289 
PHE CE2 HE2  sing N N 290 
PHE CZ  HZ   sing N N 291 
PHE OXT HXT  sing N N 292 
PRO N   CA   sing N N 293 
PRO N   CD   sing N N 294 
PRO N   H    sing N N 295 
PRO CA  C    sing N N 296 
PRO CA  CB   sing N N 297 
PRO CA  HA   sing N N 298 
PRO C   O    doub N N 299 
PRO C   OXT  sing N N 300 
PRO CB  CG   sing N N 301 
PRO CB  HB2  sing N N 302 
PRO CB  HB3  sing N N 303 
PRO CG  CD   sing N N 304 
PRO CG  HG2  sing N N 305 
PRO CG  HG3  sing N N 306 
PRO CD  HD2  sing N N 307 
PRO CD  HD3  sing N N 308 
PRO OXT HXT  sing N N 309 
SER N   CA   sing N N 310 
SER N   H    sing N N 311 
SER N   H2   sing N N 312 
SER CA  C    sing N N 313 
SER CA  CB   sing N N 314 
SER CA  HA   sing N N 315 
SER C   O    doub N N 316 
SER C   OXT  sing N N 317 
SER CB  OG   sing N N 318 
SER CB  HB2  sing N N 319 
SER CB  HB3  sing N N 320 
SER OG  HG   sing N N 321 
SER OXT HXT  sing N N 322 
THR N   CA   sing N N 323 
THR N   H    sing N N 324 
THR N   H2   sing N N 325 
THR CA  C    sing N N 326 
THR CA  CB   sing N N 327 
THR CA  HA   sing N N 328 
THR C   O    doub N N 329 
THR C   OXT  sing N N 330 
THR CB  OG1  sing N N 331 
THR CB  CG2  sing N N 332 
THR CB  HB   sing N N 333 
THR OG1 HG1  sing N N 334 
THR CG2 HG21 sing N N 335 
THR CG2 HG22 sing N N 336 
THR CG2 HG23 sing N N 337 
THR OXT HXT  sing N N 338 
TRP N   CA   sing N N 339 
TRP N   H    sing N N 340 
TRP N   H2   sing N N 341 
TRP CA  C    sing N N 342 
TRP CA  CB   sing N N 343 
TRP CA  HA   sing N N 344 
TRP C   O    doub N N 345 
TRP C   OXT  sing N N 346 
TRP CB  CG   sing N N 347 
TRP CB  HB2  sing N N 348 
TRP CB  HB3  sing N N 349 
TRP CG  CD1  doub Y N 350 
TRP CG  CD2  sing Y N 351 
TRP CD1 NE1  sing Y N 352 
TRP CD1 HD1  sing N N 353 
TRP CD2 CE2  doub Y N 354 
TRP CD2 CE3  sing Y N 355 
TRP NE1 CE2  sing Y N 356 
TRP NE1 HE1  sing N N 357 
TRP CE2 CZ2  sing Y N 358 
TRP CE3 CZ3  doub Y N 359 
TRP CE3 HE3  sing N N 360 
TRP CZ2 CH2  doub Y N 361 
TRP CZ2 HZ2  sing N N 362 
TRP CZ3 CH2  sing Y N 363 
TRP CZ3 HZ3  sing N N 364 
TRP CH2 HH2  sing N N 365 
TRP OXT HXT  sing N N 366 
TYR N   CA   sing N N 367 
TYR N   H    sing N N 368 
TYR N   H2   sing N N 369 
TYR CA  C    sing N N 370 
TYR CA  CB   sing N N 371 
TYR CA  HA   sing N N 372 
TYR C   O    doub N N 373 
TYR C   OXT  sing N N 374 
TYR CB  CG   sing N N 375 
TYR CB  HB2  sing N N 376 
TYR CB  HB3  sing N N 377 
TYR CG  CD1  doub Y N 378 
TYR CG  CD2  sing Y N 379 
TYR CD1 CE1  sing Y N 380 
TYR CD1 HD1  sing N N 381 
TYR CD2 CE2  doub Y N 382 
TYR CD2 HD2  sing N N 383 
TYR CE1 CZ   doub Y N 384 
TYR CE1 HE1  sing N N 385 
TYR CE2 CZ   sing Y N 386 
TYR CE2 HE2  sing N N 387 
TYR CZ  OH   sing N N 388 
TYR OH  HH   sing N N 389 
TYR OXT HXT  sing N N 390 
VAL N   CA   sing N N 391 
VAL N   H    sing N N 392 
VAL N   H2   sing N N 393 
VAL CA  C    sing N N 394 
VAL CA  CB   sing N N 395 
VAL CA  HA   sing N N 396 
VAL C   O    doub N N 397 
VAL C   OXT  sing N N 398 
VAL CB  CG1  sing N N 399 
VAL CB  CG2  sing N N 400 
VAL CB  HB   sing N N 401 
VAL CG1 HG11 sing N N 402 
VAL CG1 HG12 sing N N 403 
VAL CG1 HG13 sing N N 404 
VAL CG2 HG21 sing N N 405 
VAL CG2 HG22 sing N N 406 
VAL CG2 HG23 sing N N 407 
VAL OXT HXT  sing N N 408 
ZJK O5  RU2  sing N N 409 
ZJK C29 C25  doub Y N 410 
ZJK C29 C26  sing Y N 411 
ZJK C25 C15  sing Y N 412 
ZJK O1  C8   sing N N 413 
ZJK O1  RU2  sing N N 414 
ZJK C26 C20  doub Y N 415 
ZJK C8  O2   sing N N 416 
ZJK C15 C5   doub Y N 417 
ZJK C20 C5   sing Y N 418 
ZJK RU2 N1   sing N N 419 
ZJK RU2 RU1  sing N N 420 
ZJK RU2 N4   sing N N 421 
ZJK C5  N1   sing N N 422 
ZJK C12 C4   doub Y N 423 
ZJK C12 C6   sing Y N 424 
ZJK C4  C1   sing Y N 425 
ZJK O2  RU1  sing N N 426 
ZJK N1  C13  sing N N 427 
ZJK C6  C17  doub Y N 428 
ZJK C1  N4   sing N N 429 
ZJK C1  C11  doub Y N 430 
ZJK RU1 N2   sing N N 431 
ZJK RU1 N3   sing N N 432 
ZJK C13 N2   sing N N 433 
ZJK N4  C16  sing N N 434 
ZJK C17 C11  sing Y N 435 
ZJK N2  C9   sing N N 436 
ZJK C23 C9   doub Y N 437 
ZJK C23 C27  sing Y N 438 
ZJK C16 N3   sing N N 439 
ZJK C9  C21  sing Y N 440 
ZJK N3  C3   sing N N 441 
ZJK C27 C30  doub Y N 442 
ZJK C7  C3   doub Y N 443 
ZJK C7  C10  sing Y N 444 
ZJK C3  C2   sing Y N 445 
ZJK C21 C28  doub Y N 446 
ZJK C30 C28  sing Y N 447 
ZJK C10 C14  doub Y N 448 
ZJK C2  C18  doub Y N 449 
ZJK C14 C18  sing Y N 450 
ZJK C2  H1   sing N N 451 
ZJK C4  H2   sing N N 452 
ZJK C6  H3   sing N N 453 
ZJK C7  H4   sing N N 454 
ZJK C8  H5   sing N N 455 
ZJK C8  H6   sing N N 456 
ZJK C10 H7   sing N N 457 
ZJK C11 H8   sing N N 458 
ZJK C12 H9   sing N N 459 
ZJK C13 H10  sing N N 460 
ZJK C13 H11  sing N N 461 
ZJK C14 H12  sing N N 462 
ZJK C15 H13  sing N N 463 
ZJK C16 H14  sing N N 464 
ZJK C16 H15  sing N N 465 
ZJK C17 H16  sing N N 466 
ZJK C18 H17  sing N N 467 
ZJK C20 H18  sing N N 468 
ZJK C21 H19  sing N N 469 
ZJK C23 H20  sing N N 470 
ZJK C25 H21  sing N N 471 
ZJK C26 H22  sing N N 472 
ZJK C27 H23  sing N N 473 
ZJK C28 H24  sing N N 474 
ZJK C29 H25  sing N N 475 
ZJK C30 H26  sing N N 476 
ZJK O5  H27  sing N N 477 
# 
_pdbx_audit_support.funding_organization   'Not funded' 
_pdbx_audit_support.country                ? 
_pdbx_audit_support.grant_number           ? 
_pdbx_audit_support.ordinal                1 
# 
_pdbx_initial_refinement_model.id               1 
_pdbx_initial_refinement_model.entity_id_list   ? 
_pdbx_initial_refinement_model.type             'experimental model' 
_pdbx_initial_refinement_model.source_name      PDB 
_pdbx_initial_refinement_model.accession_code   193L 
_pdbx_initial_refinement_model.details          ? 
# 
_atom_sites.entry_id                    8PH5 
_atom_sites.Cartn_transf_matrix[1][1]   ? 
_atom_sites.Cartn_transf_matrix[1][2]   ? 
_atom_sites.Cartn_transf_matrix[1][3]   ? 
_atom_sites.Cartn_transf_matrix[2][1]   ? 
_atom_sites.Cartn_transf_matrix[2][2]   ? 
_atom_sites.Cartn_transf_matrix[2][3]   ? 
_atom_sites.Cartn_transf_matrix[3][1]   ? 
_atom_sites.Cartn_transf_matrix[3][2]   ? 
_atom_sites.Cartn_transf_matrix[3][3]   ? 
_atom_sites.Cartn_transf_vector[1]      ? 
_atom_sites.Cartn_transf_vector[2]      ? 
_atom_sites.Cartn_transf_vector[3]      ? 
_atom_sites.fract_transf_matrix[1][1]   -0.00693920 
_atom_sites.fract_transf_matrix[1][2]   0.00472682 
_atom_sites.fract_transf_matrix[1][3]   -0.00990792 
_atom_sites.fract_transf_matrix[2][1]   -0.00954871 
_atom_sites.fract_transf_matrix[2][2]   0.00318384 
_atom_sites.fract_transf_matrix[2][3]   0.00820655 
_atom_sites.fract_transf_matrix[3][1]   0.01063827 
_atom_sites.fract_transf_matrix[3][2]   0.02292252 
_atom_sites.fract_transf_matrix[3][3]   0.00348504 
_atom_sites.fract_transf_vector[1]      0.018245 
_atom_sites.fract_transf_vector[2]      -0.254055 
_atom_sites.fract_transf_vector[3]      0.005160 
_atom_sites.solution_primary            ? 
_atom_sites.solution_secondary          ? 
_atom_sites.solution_hydrogens          ? 
_atom_sites.special_details             ? 
# 
loop_
_atom_type.symbol 
_atom_type.pdbx_scat_Z 
_atom_type.pdbx_N_electrons 
_atom_type.scat_Cromer_Mann_a1 
_atom_type.scat_Cromer_Mann_b1 
_atom_type.scat_Cromer_Mann_a2 
_atom_type.scat_Cromer_Mann_b2 
_atom_type.scat_Cromer_Mann_a3 
_atom_type.scat_Cromer_Mann_b3 
_atom_type.scat_Cromer_Mann_a4 
_atom_type.scat_Cromer_Mann_b4 
_atom_type.scat_Cromer_Mann_c 
C  6  6  2.310  20.844 1.020  10.208 1.589 0.569  0.865 51.651 0.216   
H  1  1  0.493  10.511 0.323  26.126 0.140 3.142  0.041 57.800 0.003   
N  7  7  12.222 0.006  3.135  9.893  2.014 28.997 1.167 0.583  -11.538 
O  8  8  3.049  13.277 2.287  5.701  1.546 0.324  0.867 32.909 0.251   
RU 44 44 19.269 0.809  12.920 8.435  4.864 24.800 1.568 94.293 4.691   
S  16 16 6.905  1.468  5.203  22.215 1.438 0.254  1.586 56.172 1.056   
# 
loop_
_atom_site.group_PDB 
_atom_site.id 
_atom_site.type_symbol 
_atom_site.label_atom_id 
_atom_site.label_alt_id 
_atom_site.label_comp_id 
_atom_site.label_asym_id 
_atom_site.label_entity_id 
_atom_site.label_seq_id 
_atom_site.pdbx_PDB_ins_code 
_atom_site.Cartn_x 
_atom_site.Cartn_y 
_atom_site.Cartn_z 
_atom_site.occupancy 
_atom_site.B_iso_or_equiv 
_atom_site.pdbx_formal_charge 
_atom_site.auth_seq_id 
_atom_site.auth_comp_id 
_atom_site.auth_asym_id 
_atom_site.auth_atom_id 
_atom_site.pdbx_PDB_model_num 
_atom_site.calc_flag 
ATOM   1    N  N   . LYS A 1 1   ? -9.214  -6.644  8.325   1.000 19.168 0 1   LYS AAA N   1 ? 
ATOM   2    C  CA  . LYS A 1 1   ? -9.918  -7.341  7.190   1.000 19.909 0 1   LYS AAA CA  1 ? 
ATOM   3    C  C   . LYS A 1 1   ? -8.883  -7.941  6.231   1.000 19.210 0 1   LYS AAA C   1 ? 
ATOM   4    O  O   . LYS A 1 1   ? -7.948  -7.250  5.876   1.000 18.999 0 1   LYS AAA O   1 ? 
ATOM   5    C  CB  . LYS A 1 1   ? -10.779 -6.386  6.355   1.000 20.927 0 1   LYS AAA CB  1 ? 
ATOM   6    C  CG  . LYS A 1 1   ? -11.503 -7.042  5.171   1.000 21.186 0 1   LYS AAA CG  1 ? 
ATOM   7    C  CD  A LYS A 1 1   ? -12.470 -6.152  4.460   0.450 23.195 0 1   LYS AAA CD  1 ? 
ATOM   8    C  CD  B LYS A 1 1   ? -12.439 -6.063  4.499   0.550 21.010 0 1   LYS AAA CD  1 ? 
ATOM   9    C  CE  A LYS A 1 1   ? -13.320 -6.936  3.483   0.450 24.504 0 1   LYS AAA CE  1 ? 
ATOM   10   C  CE  B LYS A 1 1   ? -12.920 -6.475  3.124   0.550 20.018 0 1   LYS AAA CE  1 ? 
ATOM   11   N  NZ  A LYS A 1 1   ? -14.125 -6.041  2.623   0.450 25.921 0 1   LYS AAA NZ  1 ? 
ATOM   12   N  NZ  B LYS A 1 1   ? -13.891 -7.593  3.205   0.550 19.254 0 1   LYS AAA NZ  1 ? 
ATOM   13   N  N   . VAL A 1 2   ? -9.057  -9.211  5.879   1.000 18.648 0 2   VAL AAA N   1 ? 
ATOM   14   C  CA  . VAL A 1 2   ? -8.208  -9.932  4.902   1.000 19.886 0 2   VAL AAA CA  1 ? 
ATOM   15   C  C   . VAL A 1 2   ? -9.030  -9.980  3.613   1.000 20.724 0 2   VAL AAA C   1 ? 
ATOM   16   O  O   . VAL A 1 2   ? -10.011 -10.747 3.512   1.000 21.816 0 2   VAL AAA O   1 ? 
ATOM   17   C  CB  . VAL A 1 2   ? -7.743  -11.323 5.353   1.000 20.423 0 2   VAL AAA CB  1 ? 
ATOM   18   C  CG1 . VAL A 1 2   ? -6.856  -11.943 4.278   1.000 21.649 0 2   VAL AAA CG1 1 ? 
ATOM   19   C  CG2 . VAL A 1 2   ? -6.992  -11.283 6.672   1.000 21.166 0 2   VAL AAA CG2 1 ? 
ATOM   20   N  N   . PHE A 1 3   ? -8.664  -9.138  2.675   1.000 19.120 0 3   PHE AAA N   1 ? 
ATOM   21   C  CA  . PHE A 1 3   ? -9.310  -9.036  1.355   1.000 21.245 0 3   PHE AAA CA  1 ? 
ATOM   22   C  C   . PHE A 1 3   ? -9.017  -10.281 0.543   1.000 20.162 0 3   PHE AAA C   1 ? 
ATOM   23   O  O   . PHE A 1 3   ? -7.909  -10.862 0.638   1.000 19.040 0 3   PHE AAA O   1 ? 
ATOM   24   C  CB  . PHE A 1 3   ? -8.778  -7.826  0.598   1.000 17.737 0 3   PHE AAA CB  1 ? 
ATOM   25   C  CG  . PHE A 1 3   ? -9.475  -6.557  0.965   1.000 19.965 0 3   PHE AAA CG  1 ? 
ATOM   26   C  CD1 . PHE A 1 3   ? -9.171  -5.904  2.141   1.000 19.171 0 3   PHE AAA CD1 1 ? 
ATOM   27   C  CD2 . PHE A 1 3   ? -10.433 -5.997  0.133   1.000 18.868 0 3   PHE AAA CD2 1 ? 
ATOM   28   C  CE1 . PHE A 1 3   ? -9.774  -4.707  2.470   1.000 20.513 0 3   PHE AAA CE1 1 ? 
ATOM   29   C  CE2 . PHE A 1 3   ? -11.076 -4.829  0.500   1.000 20.495 0 3   PHE AAA CE2 1 ? 
ATOM   30   C  CZ  . PHE A 1 3   ? -10.755 -4.178  1.662   1.000 20.342 0 3   PHE AAA CZ  1 ? 
ATOM   31   N  N   . GLY A 1 4   ? -10.019 -10.677 -0.236  1.000 20.708 0 4   GLY AAA N   1 ? 
ATOM   32   C  CA  . GLY A 1 4   ? -9.826  -11.491 -1.444  1.000 21.279 0 4   GLY AAA CA  1 ? 
ATOM   33   C  C   . GLY A 1 4   ? -9.095  -10.734 -2.546  1.000 17.844 0 4   GLY AAA C   1 ? 
ATOM   34   O  O   . GLY A 1 4   ? -9.033  -9.501  -2.520  1.000 16.821 0 4   GLY AAA O   1 ? 
ATOM   35   N  N   . ARG A 1 5   ? -8.338  -11.443 -3.358  1.000 18.486 0 5   ARG AAA N   1 ? 
ATOM   36   C  CA  . ARG A 1 5   ? -7.513  -10.818 -4.418  1.000 18.330 0 5   ARG AAA CA  1 ? 
ATOM   37   C  C   . ARG A 1 5   ? -8.372  -9.947  -5.351  1.000 16.623 0 5   ARG AAA C   1 ? 
ATOM   38   O  O   . ARG A 1 5   ? -8.092  -8.748  -5.526  1.000 16.806 0 5   ARG AAA O   1 ? 
ATOM   39   C  CB  . ARG A 1 5   ? -6.764  -11.920 -5.163  1.000 18.186 0 5   ARG AAA CB  1 ? 
ATOM   40   C  CG  . ARG A 1 5   ? -5.988  -11.434 -6.372  1.000 18.183 0 5   ARG AAA CG  1 ? 
ATOM   41   C  CD  . ARG A 1 5   ? -5.223  -12.522 -7.082  1.000 17.382 0 5   ARG AAA CD  1 ? 
ATOM   42   N  NE  . ARG A 1 5   ? -6.112  -13.580 -7.562  1.000 17.746 0 5   ARG AAA NE  1 ? 
ATOM   43   C  CZ  . ARG A 1 5   ? -6.749  -13.524 -8.731  1.000 20.155 0 5   ARG AAA CZ  1 ? 
ATOM   44   N  NH1 . ARG A 1 5   ? -6.610  -12.518 -9.543  1.000 18.291 0 5   ARG AAA NH1 1 ? 
ATOM   45   N  NH2 . ARG A 1 5   ? -7.495  -14.530 -9.160  1.000 22.400 0 5   ARG AAA NH2 1 ? 
ATOM   46   N  N   . CYS A 1 6   ? -9.433  -10.490 -5.888  1.000 17.069 0 6   CYS AAA N   1 ? 
ATOM   47   C  CA  . CYS A 1 6   ? -10.332 -9.752  -6.793  1.000 18.261 0 6   CYS AAA CA  1 ? 
ATOM   48   C  C   . CYS A 1 6   ? -11.099 -8.674  -6.021  1.000 18.332 0 6   CYS AAA C   1 ? 
ATOM   49   O  O   . CYS A 1 6   ? -11.320 -7.604  -6.583  1.000 18.878 0 6   CYS AAA O   1 ? 
ATOM   50   C  CB  . CYS A 1 6   ? -11.245 -10.747 -7.509  1.000 19.816 0 6   CYS AAA CB  1 ? 
ATOM   51   S  SG  . CYS A 1 6   ? -10.372 -11.710 -8.771  1.000 22.939 0 6   CYS AAA SG  1 ? 
ATOM   52   N  N   . GLU A 1 7   ? -11.467 -8.955  -4.776  1.000 18.399 0 7   GLU AAA N   1 ? 
ATOM   53   C  CA  . GLU A 1 7   ? -12.111 -7.979  -3.880  1.000 17.614 0 7   GLU AAA CA  1 ? 
ATOM   54   C  C   . GLU A 1 7   ? -11.212 -6.748  -3.754  1.000 16.388 0 7   GLU AAA C   1 ? 
ATOM   55   O  O   . GLU A 1 7   ? -11.685 -5.625  -3.910  1.000 18.804 0 7   GLU AAA O   1 ? 
ATOM   56   C  CB  . GLU A 1 7   ? -12.316 -8.587  -2.497  1.000 19.434 0 7   GLU AAA CB  1 ? 
ATOM   57   C  CG  . GLU A 1 7   ? -13.283 -7.824  -1.622  1.000 20.240 0 7   GLU AAA CG  1 ? 
ATOM   58   C  CD  . GLU A 1 7   ? -13.387 -8.387  -0.224  1.000 21.313 0 7   GLU AAA CD  1 ? 
ATOM   59   O  OE1 . GLU A 1 7   ? -12.527 -9.159  0.198   1.000 23.655 0 7   GLU AAA OE1 1 ? 
ATOM   60   O  OE2 . GLU A 1 7   ? -14.338 -8.028  0.459   1.000 24.651 0 7   GLU AAA OE2 1 ? 
ATOM   61   N  N   . LEU A 1 8   ? -9.931  -6.981  -3.485  1.000 14.077 0 8   LEU AAA N   1 ? 
ATOM   62   C  CA  . LEU A 1 8   ? -9.008  -5.819  -3.297  1.000 14.026 0 8   LEU AAA CA  1 ? 
ATOM   63   C  C   . LEU A 1 8   ? -8.863  -5.127  -4.641  1.000 15.181 0 8   LEU AAA C   1 ? 
ATOM   64   O  O   . LEU A 1 8   ? -8.734  -3.873  -4.654  1.000 15.528 0 8   LEU AAA O   1 ? 
ATOM   65   C  CB  . LEU A 1 8   ? -7.621  -6.272  -2.808  1.000 14.395 0 8   LEU AAA CB  1 ? 
ATOM   66   C  CG  . LEU A 1 8   ? -6.658  -5.116  -2.477  1.000 15.811 0 8   LEU AAA CG  1 ? 
ATOM   67   C  CD1 . LEU A 1 8   ? -7.234  -4.142  -1.489  1.000 17.767 0 8   LEU AAA CD1 1 ? 
ATOM   68   C  CD2 . LEU A 1 8   ? -5.348  -5.678  -1.936  1.000 15.206 0 8   LEU AAA CD2 1 ? 
ATOM   69   N  N   . ALA A 1 9   ? -8.623  -5.858  -5.712  1.000 17.262 0 9   ALA AAA N   1 ? 
ATOM   70   C  CA  . ALA A 1 9   ? -8.457  -5.284  -7.065  1.000 17.699 0 9   ALA AAA CA  1 ? 
ATOM   71   C  C   . ALA A 1 9   ? -9.622  -4.320  -7.391  1.000 18.762 0 9   ALA AAA C   1 ? 
ATOM   72   O  O   . ALA A 1 9   ? -9.367  -3.181  -7.783  1.000 18.783 0 9   ALA AAA O   1 ? 
ATOM   73   C  CB  . ALA A 1 9   ? -8.363  -6.407  -8.054  1.000 18.151 0 9   ALA AAA CB  1 ? 
ATOM   74   N  N   . ALA A 1 10  ? -10.854 -4.718  -7.098  1.000 18.932 0 10  ALA AAA N   1 ? 
ATOM   75   C  CA  . ALA A 1 10  ? -12.063 -3.898  -7.316  1.000 17.723 0 10  ALA AAA CA  1 ? 
ATOM   76   C  C   . ALA A 1 10  ? -11.999 -2.610  -6.480  1.000 18.760 0 10  ALA AAA C   1 ? 
ATOM   77   O  O   . ALA A 1 10  ? -12.282 -1.515  -7.004  1.000 19.656 0 10  ALA AAA O   1 ? 
ATOM   78   C  CB  . ALA A 1 10  ? -13.284 -4.732  -7.020  1.000 19.470 0 10  ALA AAA CB  1 ? 
ATOM   79   N  N   . ALA A 1 11  ? -11.709 -2.732  -5.181  1.000 17.672 0 11  ALA AAA N   1 ? 
ATOM   80   C  CA  . ALA A 1 11  ? -11.619 -1.562  -4.294  1.000 17.637 0 11  ALA AAA CA  1 ? 
ATOM   81   C  C   . ALA A 1 11  ? -10.534 -0.622  -4.775  1.000 16.488 0 11  ALA AAA C   1 ? 
ATOM   82   O  O   . ALA A 1 11  ? -10.731 0.634   -4.795  1.000 17.624 0 11  ALA AAA O   1 ? 
ATOM   83   C  CB  . ALA A 1 11  ? -11.399 -2.034  -2.870  1.000 17.094 0 11  ALA AAA CB  1 ? 
ATOM   84   N  N   A MET A 1 12  ? -9.337  -1.168  -5.065  0.700 15.323 0 12  MET AAA N   1 ? 
ATOM   85   N  N   B MET A 1 12  ? -9.356  -1.151  -5.120  0.300 15.673 0 12  MET AAA N   1 ? 
ATOM   86   C  CA  A MET A 1 12  ? -8.223  -0.285  -5.491  0.700 16.108 0 12  MET AAA CA  1 ? 
ATOM   87   C  CA  B MET A 1 12  ? -8.212  -0.274  -5.481  0.300 15.553 0 12  MET AAA CA  1 ? 
ATOM   88   C  C   A MET A 1 12  ? -8.622  0.461   -6.776  0.700 16.180 0 12  MET AAA C   1 ? 
ATOM   89   C  C   B MET A 1 12  ? -8.490  0.417   -6.833  0.300 16.531 0 12  MET AAA C   1 ? 
ATOM   90   O  O   A MET A 1 12  ? -8.322  1.669   -6.885  0.700 16.539 0 12  MET AAA O   1 ? 
ATOM   91   O  O   B MET A 1 12  ? -8.014  1.565   -7.038  0.300 16.844 0 12  MET AAA O   1 ? 
ATOM   92   C  CB  A MET A 1 12  ? -6.967  -1.109  -5.751  0.700 16.064 0 12  MET AAA CB  1 ? 
ATOM   93   C  CB  B MET A 1 12  ? -6.921  -1.092  -5.524  0.300 14.297 0 12  MET AAA CB  1 ? 
ATOM   94   C  CG  A MET A 1 12  ? -6.326  -1.652  -4.486  0.700 15.093 0 12  MET AAA CG  1 ? 
ATOM   95   C  CG  B MET A 1 12  ? -6.593  -1.788  -4.204  0.300 13.333 0 12  MET AAA CG  1 ? 
ATOM   96   S  SD  A MET A 1 12  ? -4.828  -2.533  -4.892  0.700 16.709 0 12  MET AAA SD  1 ? 
ATOM   97   S  SD  B MET A 1 12  ? -4.990  -2.567  -4.284  0.300 12.742 0 12  MET AAA SD  1 ? 
ATOM   98   C  CE  A MET A 1 12  ? -3.954  -2.327  -3.333  0.700 17.967 0 12  MET AAA CE  1 ? 
ATOM   99   C  CE  B MET A 1 12  ? -4.066  -1.074  -4.507  0.300 10.423 0 12  MET AAA CE  1 ? 
ATOM   100  N  N   . LYS A 1 13  ? -9.238  -0.234  -7.726  1.000 18.616 0 13  LYS AAA N   1 ? 
ATOM   101  C  CA  . LYS A 1 13  ? -9.689  0.396   -8.992  1.000 20.213 0 13  LYS AAA CA  1 ? 
ATOM   102  C  C   . LYS A 1 13  ? -10.718 1.501   -8.705  1.000 19.388 0 13  LYS AAA C   1 ? 
ATOM   103  O  O   . LYS A 1 13  ? -10.551 2.643   -9.208  1.000 20.512 0 13  LYS AAA O   1 ? 
ATOM   104  C  CB  . LYS A 1 13  ? -10.329 -0.632  -9.908  1.000 20.676 0 13  LYS AAA CB  1 ? 
ATOM   105  C  CG  . LYS A 1 13  ? -10.675 -0.054  -11.273 1.000 20.537 0 13  LYS AAA CG  1 ? 
ATOM   106  C  CD  . LYS A 1 13  ? -11.039 -1.108  -12.241 1.000 20.949 0 13  LYS AAA CD  1 ? 
ATOM   107  C  CE  . LYS A 1 13  ? -11.123 -0.577  -13.666 1.000 24.323 0 13  LYS AAA CE  1 ? 
ATOM   108  N  NZ  . LYS A 1 13  ? -11.676 -1.600  -14.577 1.000 25.226 0 13  LYS AAA NZ  1 ? 
ATOM   109  N  N   . ARG A 1 14  ? -11.645 1.238   -7.804  1.000 19.747 0 14  ARG AAA N   1 ? 
ATOM   110  C  CA  . ARG A 1 14  ? -12.703 2.204   -7.489  1.000 19.914 0 14  ARG AAA CA  1 ? 
ATOM   111  C  C   . ARG A 1 14  ? -12.066 3.472   -6.933  1.000 19.447 0 14  ARG AAA C   1 ? 
ATOM   112  O  O   . ARG A 1 14  ? -12.554 4.521   -7.266  1.000 21.979 0 14  ARG AAA O   1 ? 
ATOM   113  C  CB  . ARG A 1 14  ? -13.718 1.625   -6.513  1.000 23.093 0 14  ARG AAA CB  1 ? 
ATOM   114  C  CG  . ARG A 1 14  ? -14.684 2.668   -5.980  1.000 24.920 0 14  ARG AAA CG  1 ? 
ATOM   115  C  CD  . ARG A 1 14  ? -15.835 1.981   -5.305  1.000 24.809 0 14  ARG AAA CD  1 ? 
ATOM   116  N  NE  . ARG A 1 14  ? -15.353 1.175   -4.185  1.000 25.733 0 14  ARG AAA NE  1 ? 
ATOM   117  C  CZ  . ARG A 1 14  ? -15.154 1.611   -2.941  1.000 26.494 0 14  ARG AAA CZ  1 ? 
ATOM   118  N  NH1 . ARG A 1 14  ? -15.418 2.855   -2.590  1.000 24.340 0 14  ARG AAA NH1 1 ? 
ATOM   119  N  NH2 . ARG A 1 14  ? -14.702 0.772   -2.022  1.000 28.284 0 14  ARG AAA NH2 1 ? 
ATOM   120  N  N   . HIS A 1 15  ? -11.040 3.337   -6.084  1.000 18.766 0 15  HIS AAA N   1 ? 
ATOM   121  C  CA  . HIS A 1 15  ? -10.349 4.479   -5.431  1.000 19.615 0 15  HIS AAA CA  1 ? 
ATOM   122  C  C   . HIS A 1 15  ? -9.303  5.102   -6.348  1.000 21.181 0 15  HIS AAA C   1 ? 
ATOM   123  O  O   . HIS A 1 15  ? -8.659  6.100   -5.923  1.000 23.800 0 15  HIS AAA O   1 ? 
ATOM   124  C  CB  . HIS A 1 15  ? -9.699  3.993   -4.128  1.000 20.528 0 15  HIS AAA CB  1 ? 
ATOM   125  C  CG  . HIS A 1 15  ? -10.657 3.794   -3.023  1.000 21.995 0 15  HIS AAA CG  1 ? 
ATOM   126  N  ND1 . HIS A 1 15  ? -11.138 4.836   -2.288  1.000 27.152 0 15  HIS AAA ND1 1 ? 
ATOM   127  C  CD2 . HIS A 1 15  ? -11.215 2.678   -2.529  1.000 21.020 0 15  HIS AAA CD2 1 ? 
ATOM   128  C  CE1 . HIS A 1 15  ? -11.958 4.375   -1.371  1.000 23.214 0 15  HIS AAA CE1 1 ? 
ATOM   129  N  NE2 . HIS A 1 15  ? -12.018 3.056   -1.490  1.000 21.561 0 15  HIS AAA NE2 1 ? 
ATOM   130  N  N   . GLY A 1 16  ? -9.195  4.595   -7.566  1.000 20.680 0 16  GLY AAA N   1 ? 
ATOM   131  C  CA  . GLY A 1 16  ? -8.424  5.205   -8.666  1.000 22.501 0 16  GLY AAA CA  1 ? 
ATOM   132  C  C   . GLY A 1 16  ? -6.935  4.889   -8.636  1.000 21.270 0 16  GLY AAA C   1 ? 
ATOM   133  O  O   . GLY A 1 16  ? -6.158  5.749   -9.072  1.000 20.996 0 16  GLY AAA O   1 ? 
ATOM   134  N  N   . LEU A 1 17  ? -6.533  3.727   -8.132  1.000 19.968 0 17  LEU AAA N   1 ? 
ATOM   135  C  CA  . LEU A 1 17  ? -5.113  3.310   -8.239  1.000 20.093 0 17  LEU AAA CA  1 ? 
ATOM   136  C  C   . LEU A 1 17  ? -4.782  2.707   -9.601  1.000 21.943 0 17  LEU AAA C   1 ? 
ATOM   137  O  O   . LEU A 1 17  ? -3.583  2.668   -9.902  1.000 20.654 0 17  LEU AAA O   1 ? 
ATOM   138  C  CB  . LEU A 1 17  ? -4.732  2.332   -7.128  1.000 21.905 0 17  LEU AAA CB  1 ? 
ATOM   139  C  CG  . LEU A 1 17  ? -4.561  2.930   -5.744  1.000 20.144 0 17  LEU AAA CG  1 ? 
ATOM   140  C  CD1 . LEU A 1 17  ? -4.226  1.819   -4.777  1.000 22.262 0 17  LEU AAA CD1 1 ? 
ATOM   141  C  CD2 . LEU A 1 17  ? -3.523  4.037   -5.657  1.000 21.748 0 17  LEU AAA CD2 1 ? 
ATOM   142  N  N   . ASP A 1 18  ? -5.730  2.177   -10.375 1.000 21.542 0 18  ASP AAA N   1 ? 
ATOM   143  C  CA  . ASP A 1 18  ? -5.388  1.589   -11.696 1.000 22.323 0 18  ASP AAA CA  1 ? 
ATOM   144  C  C   . ASP A 1 18  ? -4.764  2.708   -12.542 1.000 23.053 0 18  ASP AAA C   1 ? 
ATOM   145  O  O   . ASP A 1 18  ? -5.459  3.726   -12.781 1.000 23.090 0 18  ASP AAA O   1 ? 
ATOM   146  C  CB  . ASP A 1 18  ? -6.560  0.827   -12.343 1.000 25.435 0 18  ASP AAA CB  1 ? 
ATOM   147  C  CG  . ASP A 1 18  ? -6.229  0.130   -13.661 1.000 24.510 0 18  ASP AAA CG  1 ? 
ATOM   148  O  OD1 . ASP A 1 18  ? -5.044  -0.134  -13.897 1.000 26.715 0 18  ASP AAA OD1 1 ? 
ATOM   149  O  OD2 . ASP A 1 18  ? -7.177  -0.171  -14.470 1.000 27.561 0 18  ASP AAA OD2 1 ? 
ATOM   150  N  N   . ASN A 1 19  ? -3.487  2.520   -12.914 1.000 22.857 0 19  ASN AAA N   1 ? 
ATOM   151  C  CA  . ASN A 1 19  ? -2.683  3.399   -13.785 1.000 21.270 0 19  ASN AAA CA  1 ? 
ATOM   152  C  C   . ASN A 1 19  ? -2.306  4.679   -13.046 1.000 19.037 0 19  ASN AAA C   1 ? 
ATOM   153  O  O   . ASN A 1 19  ? -1.875  5.639   -13.701 1.000 18.225 0 19  ASN AAA O   1 ? 
ATOM   154  C  CB  . ASN A 1 19  ? -3.411  3.713   -15.100 1.000 25.013 0 19  ASN AAA CB  1 ? 
ATOM   155  C  CG  . ASN A 1 19  ? -3.918  2.476   -15.814 1.000 29.053 0 19  ASN AAA CG  1 ? 
ATOM   156  O  OD1 . ASN A 1 19  ? -3.169  1.526   -15.997 1.000 32.241 0 19  ASN AAA OD1 1 ? 
ATOM   157  N  ND2 . ASN A 1 19  ? -5.191  2.474   -16.186 1.000 31.324 0 19  ASN AAA ND2 1 ? 
ATOM   158  N  N   . TYR A 1 20  ? -2.438  4.738   -11.718 1.000 17.827 0 20  TYR AAA N   1 ? 
ATOM   159  C  CA  . TYR A 1 20  ? -2.021  5.966   -11.006 1.000 18.247 0 20  TYR AAA CA  1 ? 
ATOM   160  C  C   . TYR A 1 20  ? -0.502  6.096   -11.099 1.000 21.237 0 20  TYR AAA C   1 ? 
ATOM   161  O  O   . TYR A 1 20  ? 0.222   5.133   -10.808 1.000 18.043 0 20  TYR AAA O   1 ? 
ATOM   162  C  CB  . TYR A 1 20  ? -2.515  5.946   -9.560  1.000 18.326 0 20  TYR AAA CB  1 ? 
ATOM   163  C  CG  . TYR A 1 20  ? -2.334  7.275   -8.896  1.000 18.742 0 20  TYR AAA CG  1 ? 
ATOM   164  C  CD1 . TYR A 1 20  ? -1.196  7.556   -8.191  1.000 18.654 0 20  TYR AAA CD1 1 ? 
ATOM   165  C  CD2 . TYR A 1 20  ? -3.368  8.198   -8.888  1.000 18.196 0 20  TYR AAA CD2 1 ? 
ATOM   166  C  CE1 . TYR A 1 20  ? -0.970  8.815   -7.666  1.000 19.236 0 20  TYR AAA CE1 1 ? 
ATOM   167  C  CE2 . TYR A 1 20  ? -3.182  9.456   -8.338  1.000 20.922 0 20  TYR AAA CE2 1 ? 
ATOM   168  C  CZ  . TYR A 1 20  ? -2.003  9.735   -7.680  1.000 20.879 0 20  TYR AAA CZ  1 ? 
ATOM   169  O  OH  . TYR A 1 20  ? -1.848  10.965  -7.116  1.000 22.181 0 20  TYR AAA OH  1 ? 
ATOM   170  N  N   . ARG A 1 21  ? -0.017  7.302   -11.449 1.000 19.315 0 21  ARG AAA N   1 ? 
ATOM   171  C  CA  . ARG A 1 21  ? 1.422   7.538   -11.739 1.000 23.453 0 21  ARG AAA CA  1 ? 
ATOM   172  C  C   . ARG A 1 21  ? 1.940   6.467   -12.704 1.000 20.347 0 21  ARG AAA C   1 ? 
ATOM   173  O  O   . ARG A 1 21  ? 3.156   6.117   -12.657 1.000 21.096 0 21  ARG AAA O   1 ? 
ATOM   174  C  CB  . ARG A 1 21  ? 2.242   7.602   -10.442 1.000 25.114 0 21  ARG AAA CB  1 ? 
ATOM   175  C  CG  . ARG A 1 21  ? 2.007   8.855   -9.606  1.000 30.991 0 21  ARG AAA CG  1 ? 
ATOM   176  C  CD  . ARG A 1 21  ? 1.950   10.105  -10.445 1.000 36.227 0 21  ARG AAA CD  1 ? 
ATOM   177  N  NE  . ARG A 1 21  ? 2.250   11.341  -9.738  1.000 42.735 0 21  ARG AAA NE  1 ? 
ATOM   178  C  CZ  . ARG A 1 21  ? 1.376   12.291  -9.411  1.000 41.716 0 21  ARG AAA CZ  1 ? 
ATOM   179  N  NH1 . ARG A 1 21  ? 0.092   12.179  -9.704  1.000 42.060 0 21  ARG AAA NH1 1 ? 
ATOM   180  N  NH2 . ARG A 1 21  ? 1.808   13.384  -8.808  1.000 43.257 0 21  ARG AAA NH2 1 ? 
ATOM   181  N  N   . GLY A 1 22  ? 1.064   5.902   -13.553 1.000 19.899 0 22  GLY AAA N   1 ? 
ATOM   182  C  CA  . GLY A 1 22  ? 1.482   4.934   -14.572 1.000 20.185 0 22  GLY AAA CA  1 ? 
ATOM   183  C  C   . GLY A 1 22  ? 1.565   3.486   -14.110 1.000 18.907 0 22  GLY AAA C   1 ? 
ATOM   184  O  O   . GLY A 1 22  ? 2.037   2.674   -14.864 1.000 18.254 0 22  GLY AAA O   1 ? 
ATOM   185  N  N   . TYR A 1 23  ? 1.245   3.213   -12.852 1.000 17.852 0 23  TYR AAA N   1 ? 
ATOM   186  C  CA  . TYR A 1 23  ? 1.267   1.822   -12.359 1.000 17.621 0 23  TYR AAA CA  1 ? 
ATOM   187  C  C   . TYR A 1 23  ? -0.092  1.145   -12.514 1.000 17.829 0 23  TYR AAA C   1 ? 
ATOM   188  O  O   . TYR A 1 23  ? -1.057  1.505   -11.830 1.000 17.793 0 23  TYR AAA O   1 ? 
ATOM   189  C  CB  . TYR A 1 23  ? 1.719   1.834   -10.903 1.000 16.499 0 23  TYR AAA CB  1 ? 
ATOM   190  C  CG  . TYR A 1 23  ? 3.138   2.289   -10.785 1.000 14.837 0 23  TYR AAA CG  1 ? 
ATOM   191  C  CD1 . TYR A 1 23  ? 4.174   1.364   -10.832 1.000 17.091 0 23  TYR AAA CD1 1 ? 
ATOM   192  C  CD2 . TYR A 1 23  ? 3.465   3.620   -10.579 1.000 14.738 0 23  TYR AAA CD2 1 ? 
ATOM   193  C  CE1 . TYR A 1 23  ? 5.496   1.703   -10.712 1.000 14.890 0 23  TYR AAA CE1 1 ? 
ATOM   194  C  CE2 . TYR A 1 23  ? 4.777   3.979   -10.463 1.000 17.056 0 23  TYR AAA CE2 1 ? 
ATOM   195  C  CZ  . TYR A 1 23  ? 5.801   3.036   -10.533 1.000 14.744 0 23  TYR AAA CZ  1 ? 
ATOM   196  O  OH  . TYR A 1 23  ? 7.060   3.508   -10.385 1.000 19.239 0 23  TYR AAA OH  1 ? 
ATOM   197  N  N   . SER A 1 24  ? -0.140  0.122   -13.351 1.000 18.645 0 24  SER AAA N   1 ? 
ATOM   198  C  CA  . SER A 1 24  ? -1.327  -0.724  -13.579 1.000 18.734 0 24  SER AAA CA  1 ? 
ATOM   199  C  C   . SER A 1 24  ? -1.807  -1.350  -12.278 1.000 18.416 0 24  SER AAA C   1 ? 
ATOM   200  O  O   . SER A 1 24  ? -1.017  -1.664  -11.373 1.000 16.211 0 24  SER AAA O   1 ? 
ATOM   201  C  CB  . SER A 1 24  ? -1.067  -1.788  -14.574 1.000 20.220 0 24  SER AAA CB  1 ? 
ATOM   202  O  OG  . SER A 1 24  ? -0.151  -2.722  -14.025 1.000 22.306 0 24  SER AAA OG  1 ? 
ATOM   203  N  N   . LEU A 1 25  ? -3.092  -1.650  -12.254 1.000 17.353 0 25  LEU AAA N   1 ? 
ATOM   204  C  CA  . LEU A 1 25  ? -3.768  -2.280  -11.090 1.000 17.217 0 25  LEU AAA CA  1 ? 
ATOM   205  C  C   . LEU A 1 25  ? -2.991  -3.500  -10.598 1.000 16.758 0 25  LEU AAA C   1 ? 
ATOM   206  O  O   . LEU A 1 25  ? -2.882  -3.656  -9.350  1.000 16.322 0 25  LEU AAA O   1 ? 
ATOM   207  C  CB  . LEU A 1 25  ? -5.176  -2.729  -11.494 1.000 16.864 0 25  LEU AAA CB  1 ? 
ATOM   208  C  CG  . LEU A 1 25  ? -6.083  -3.087  -10.317 1.000 17.885 0 25  LEU AAA CG  1 ? 
ATOM   209  C  CD1 . LEU A 1 25  ? -6.138  -1.932  -9.297  1.000 19.203 0 25  LEU AAA CD1 1 ? 
ATOM   210  C  CD2 . LEU A 1 25  ? -7.471  -3.497  -10.828 1.000 19.324 0 25  LEU AAA CD2 1 ? 
ATOM   211  N  N   . GLY A 1 26  ? -2.510  -4.377  -11.491 1.000 16.356 0 26  GLY AAA N   1 ? 
ATOM   212  C  CA  . GLY A 1 26  ? -1.760  -5.589  -11.097 1.000 16.463 0 26  GLY AAA CA  1 ? 
ATOM   213  C  C   . GLY A 1 26  ? -0.591  -5.284  -10.182 1.000 16.157 0 26  GLY AAA C   1 ? 
ATOM   214  O  O   . GLY A 1 26  ? -0.280  -6.060  -9.287  1.000 16.371 0 26  GLY AAA O   1 ? 
ATOM   215  N  N   . ASN A 1 27  ? 0.075   -4.134  -10.402 1.000 14.855 0 27  ASN AAA N   1 ? 
ATOM   216  C  CA  . ASN A 1 27  ? 1.233   -3.717  -9.570  1.000 14.226 0 27  ASN AAA CA  1 ? 
ATOM   217  C  C   . ASN A 1 27  ? 0.787   -3.507  -8.126  1.000 12.221 0 27  ASN AAA C   1 ? 
ATOM   218  O  O   . ASN A 1 27  ? 1.480   -3.924  -7.196  1.000 14.187 0 27  ASN AAA O   1 ? 
ATOM   219  C  CB  . ASN A 1 27  ? 1.877   -2.397  -9.993  1.000 13.395 0 27  ASN AAA CB  1 ? 
ATOM   220  C  CG  . ASN A 1 27  ? 2.731   -2.620  -11.221 1.000 13.481 0 27  ASN AAA CG  1 ? 
ATOM   221  O  OD1 . ASN A 1 27  ? 3.804   -3.188  -11.110 1.000 15.554 0 27  ASN AAA OD1 1 ? 
ATOM   222  N  ND2 . ASN A 1 27  ? 2.275   -2.234  -12.406 1.000 17.321 0 27  ASN AAA ND2 1 ? 
ATOM   223  N  N   . TRP A 1 28  ? -0.333  -2.824  -7.976  1.000 13.810 0 28  TRP AAA N   1 ? 
ATOM   224  C  CA  . TRP A 1 28  ? -0.891  -2.513  -6.645  1.000 14.310 0 28  TRP AAA CA  1 ? 
ATOM   225  C  C   . TRP A 1 28  ? -1.377  -3.772  -5.948  1.000 15.182 0 28  TRP AAA C   1 ? 
ATOM   226  O  O   . TRP A 1 28  ? -1.205  -3.888  -4.723  1.000 14.561 0 28  TRP AAA O   1 ? 
ATOM   227  C  CB  . TRP A 1 28  ? -2.021  -1.501  -6.783  1.000 14.234 0 28  TRP AAA CB  1 ? 
ATOM   228  C  CG  . TRP A 1 28  ? -1.502  -0.200  -7.286  1.000 13.503 0 28  TRP AAA CG  1 ? 
ATOM   229  C  CD1 . TRP A 1 28  ? -1.659  0.266   -8.567  1.000 13.588 0 28  TRP AAA CD1 1 ? 
ATOM   230  C  CD2 . TRP A 1 28  ? -0.763  0.797   -6.558  1.000 15.971 0 28  TRP AAA CD2 1 ? 
ATOM   231  N  NE1 . TRP A 1 28  ? -1.091  1.514   -8.664  1.000 13.395 0 28  TRP AAA NE1 1 ? 
ATOM   232  C  CE2 . TRP A 1 28  ? -0.515  1.805   -7.482  1.000 15.192 0 28  TRP AAA CE2 1 ? 
ATOM   233  C  CE3 . TRP A 1 28  ? -0.284  0.882   -5.247  1.000 13.965 0 28  TRP AAA CE3 1 ? 
ATOM   234  C  CZ2 . TRP A 1 28  ? 0.159   2.965   -7.115  1.000 14.740 0 28  TRP AAA CZ2 1 ? 
ATOM   235  C  CZ3 . TRP A 1 28  ? 0.378   2.043   -4.887  1.000 14.544 0 28  TRP AAA CZ3 1 ? 
ATOM   236  C  CH2 . TRP A 1 28  ? 0.632   3.026   -5.822  1.000 18.263 0 28  TRP AAA CH2 1 ? 
ATOM   237  N  N   . VAL A 1 29  ? -1.997  -4.725  -6.640  1.000 15.194 0 29  VAL AAA N   1 ? 
ATOM   238  C  CA  . VAL A 1 29  ? -2.466  -5.976  -6.007  1.000 16.341 0 29  VAL AAA CA  1 ? 
ATOM   239  C  C   . VAL A 1 29  ? -1.241  -6.816  -5.632  1.000 14.089 0 29  VAL AAA C   1 ? 
ATOM   240  O  O   . VAL A 1 29  ? -1.214  -7.353  -4.540  1.000 15.431 0 29  VAL AAA O   1 ? 
ATOM   241  C  CB  . VAL A 1 29  ? -3.418  -6.713  -6.934  1.000 17.126 0 29  VAL AAA CB  1 ? 
ATOM   242  C  CG1 . VAL A 1 29  ? -3.813  -8.062  -6.367  1.000 17.190 0 29  VAL AAA CG1 1 ? 
ATOM   243  C  CG2 . VAL A 1 29  ? -4.653  -5.882  -7.262  1.000 18.272 0 29  VAL AAA CG2 1 ? 
ATOM   244  N  N   . CYS A 1 30  ? -0.270  -6.919  -6.524  1.000 14.173 0 30  CYS AAA N   1 ? 
ATOM   245  C  CA  . CYS A 1 30  ? 0.970   -7.644  -6.220  1.000 14.793 0 30  CYS AAA CA  1 ? 
ATOM   246  C  C   . CYS A 1 30  ? 1.643   -7.043  -5.001  1.000 15.198 0 30  CYS AAA C   1 ? 
ATOM   247  O  O   . CYS A 1 30  ? 2.082   -7.793  -4.111  1.000 14.486 0 30  CYS AAA O   1 ? 
ATOM   248  C  CB  . CYS A 1 30  ? 1.865   -7.699  -7.454  1.000 14.623 0 30  CYS AAA CB  1 ? 
ATOM   249  S  SG  . CYS A 1 30  ? 3.387   -8.638  -7.216  1.000 15.714 0 30  CYS AAA SG  1 ? 
ATOM   250  N  N   . ALA A 1 31  ? 1.774   -5.712  -4.938  1.000 14.870 0 31  ALA AAA N   1 ? 
ATOM   251  C  CA  . ALA A 1 31  ? 2.429   -5.116  -3.767  1.000 14.822 0 31  ALA AAA CA  1 ? 
ATOM   252  C  C   . ALA A 1 31  ? 1.668   -5.479  -2.485  1.000 14.522 0 31  ALA AAA C   1 ? 
ATOM   253  O  O   . ALA A 1 31  ? 2.293   -5.735  -1.468  1.000 14.465 0 31  ALA AAA O   1 ? 
ATOM   254  C  CB  . ALA A 1 31  ? 2.538   -3.625  -3.929  1.000 15.159 0 31  ALA AAA CB  1 ? 
ATOM   255  N  N   . ALA A 1 32  ? 0.348   -5.331  -2.497  1.000 13.762 0 32  ALA AAA N   1 ? 
ATOM   256  C  CA  . ALA A 1 32  ? -0.450  -5.628  -1.286  1.000 13.884 0 32  ALA AAA CA  1 ? 
ATOM   257  C  C   . ALA A 1 32  ? -0.319  -7.109  -0.885  1.000 14.506 0 32  ALA AAA C   1 ? 
ATOM   258  O  O   . ALA A 1 32  ? -0.233  -7.431  0.337   1.000 14.803 0 32  ALA AAA O   1 ? 
ATOM   259  C  CB  . ALA A 1 32  ? -1.895  -5.278  -1.571  1.000 15.715 0 32  ALA AAA CB  1 ? 
ATOM   260  N  N   . LYS A 1 33  ? -0.238  -8.010  -1.846  1.000 16.232 0 33  LYS AAA N   1 ? 
ATOM   261  C  CA  . LYS A 1 33  ? -0.079  -9.451  -1.552  1.000 16.415 0 33  LYS AAA CA  1 ? 
ATOM   262  C  C   . LYS A 1 33  ? 1.222   -9.655  -0.762  1.000 14.313 0 33  LYS AAA C   1 ? 
ATOM   263  O  O   . LYS A 1 33  ? 1.235   -10.316 0.285   1.000 14.881 0 33  LYS AAA O   1 ? 
ATOM   264  C  CB  . LYS A 1 33  ? 0.084   -10.221 -2.855  1.000 18.195 0 33  LYS AAA CB  1 ? 
ATOM   265  C  CG  . LYS A 1 33  ? 0.487   -11.685 -2.676  1.000 18.078 0 33  LYS AAA CG  1 ? 
ATOM   266  C  CD  . LYS A 1 33  ? -0.488  -12.548 -1.907  1.000 20.847 0 33  LYS AAA CD  1 ? 
ATOM   267  C  CE  . LYS A 1 33  ? 0.085   -13.938 -1.684  1.000 22.858 0 33  LYS AAA CE  1 ? 
ATOM   268  N  NZ  . LYS A 1 33  ? -0.898  -14.828 -1.041  1.000 26.464 0 33  LYS AAA NZ  1 ? 
ATOM   269  N  N   . PHE A 1 34  ? 2.316   -9.068  -1.248  1.000 14.132 0 34  PHE AAA N   1 ? 
ATOM   270  C  CA  . PHE A 1 34  ? 3.643   -9.385  -0.662  1.000 13.824 0 34  PHE AAA CA  1 ? 
ATOM   271  C  C   . PHE A 1 34  ? 4.016   -8.379  0.456   1.000 15.594 0 34  PHE AAA C   1 ? 
ATOM   272  O  O   . PHE A 1 34  ? 4.819   -8.778  1.300   1.000 17.170 0 34  PHE AAA O   1 ? 
ATOM   273  C  CB  . PHE A 1 34  ? 4.718   -9.488  -1.744  1.000 14.989 0 34  PHE AAA CB  1 ? 
ATOM   274  C  CG  . PHE A 1 34  ? 4.505   -10.665 -2.655  1.000 15.039 0 34  PHE AAA CG  1 ? 
ATOM   275  C  CD1 . PHE A 1 34  ? 4.421   -11.948 -2.172  1.000 15.836 0 34  PHE AAA CD1 1 ? 
ATOM   276  C  CD2 . PHE A 1 34  ? 4.429   -10.476 -4.024  1.000 15.890 0 34  PHE AAA CD2 1 ? 
ATOM   277  C  CE1 . PHE A 1 34  ? 4.161   -13.023 -3.005  1.000 15.886 0 34  PHE AAA CE1 1 ? 
ATOM   278  C  CE2 . PHE A 1 34  ? 4.208   -11.565 -4.861  1.000 18.151 0 34  PHE AAA CE2 1 ? 
ATOM   279  C  CZ  . PHE A 1 34  ? 4.092   -12.830 -4.357  1.000 16.804 0 34  PHE AAA CZ  1 ? 
ATOM   280  N  N   . GLU A 1 35  ? 3.332   -7.252  0.586   1.000 16.204 0 35  GLU AAA N   1 ? 
ATOM   281  C  CA  . GLU A 1 35  ? 3.534   -6.349  1.751   1.000 17.486 0 35  GLU AAA CA  1 ? 
ATOM   282  C  C   . GLU A 1 35  ? 2.729   -6.867  2.952   1.000 16.542 0 35  GLU AAA C   1 ? 
ATOM   283  O  O   . GLU A 1 35  ? 3.270   -6.925  4.080   1.000 16.059 0 35  GLU AAA O   1 ? 
ATOM   284  C  CB  . GLU A 1 35  ? 3.177   -4.889  1.457   1.000 16.769 0 35  GLU AAA CB  1 ? 
ATOM   285  C  CG  . GLU A 1 35  ? 4.106   -4.230  0.469   1.000 20.071 0 35  GLU AAA CG  1 ? 
ATOM   286  C  CD  . GLU A 1 35  ? 5.454   -3.816  1.064   1.000 19.484 0 35  GLU AAA CD  1 ? 
ATOM   287  O  OE1 . GLU A 1 35  ? 5.651   -4.053  2.276   1.000 19.678 0 35  GLU AAA OE1 1 ? 
ATOM   288  O  OE2 . GLU A 1 35  ? 6.342   -3.423  0.281   1.000 21.762 0 35  GLU AAA OE2 1 ? 
ATOM   289  N  N   . SER A 1 36  ? 1.495   -7.349  2.753   1.000 17.075 0 36  SER AAA N   1 ? 
ATOM   290  C  CA  . SER A 1 36  ? 0.556   -7.591  3.899   1.000 14.335 0 36  SER AAA CA  1 ? 
ATOM   291  C  C   . SER A 1 36  ? -0.213  -8.899  3.768   1.000 16.535 0 36  SER AAA C   1 ? 
ATOM   292  O  O   . SER A 1 36  ? -0.984  -9.170  4.685   1.000 18.775 0 36  SER AAA O   1 ? 
ATOM   293  C  CB  . SER A 1 36  ? -0.474  -6.525  4.043   1.000 15.842 0 36  SER AAA CB  1 ? 
ATOM   294  O  OG  . SER A 1 36  ? -1.294  -6.456  2.907   1.000 14.770 0 36  SER AAA OG  1 ? 
ATOM   295  N  N   . ASN A 1 37  ? -0.076  -9.655  2.678   1.000 16.652 0 37  ASN AAA N   1 ? 
ATOM   296  C  CA  . ASN A 1 37  ? -0.928  -10.837 2.397   1.000 16.104 0 37  ASN AAA CA  1 ? 
ATOM   297  C  C   . ASN A 1 37  ? -2.378  -10.347 2.424   1.000 17.809 0 37  ASN AAA C   1 ? 
ATOM   298  O  O   . ASN A 1 37  ? -3.250  -11.100 2.853   1.000 18.870 0 37  ASN AAA O   1 ? 
ATOM   299  C  CB  . ASN A 1 37  ? -0.672  -11.988 3.371   1.000 20.168 0 37  ASN AAA CB  1 ? 
ATOM   300  C  CG  . ASN A 1 37  ? -1.000  -13.336 2.749   1.000 24.420 0 37  ASN AAA CG  1 ? 
ATOM   301  O  OD1 . ASN A 1 37  ? -1.025  -13.468 1.526   1.000 27.983 0 37  ASN AAA OD1 1 ? 
ATOM   302  N  ND2 . ASN A 1 37  ? -1.222  -14.350 3.571   1.000 27.216 0 37  ASN AAA ND2 1 ? 
ATOM   303  N  N   . PHE A 1 38  ? -2.625  -9.129  1.950   1.000 15.228 0 38  PHE AAA N   1 ? 
ATOM   304  C  CA  . PHE A 1 38  ? -3.968  -8.554  1.764   1.000 14.666 0 38  PHE AAA CA  1 ? 
ATOM   305  C  C   . PHE A 1 38  ? -4.680  -8.333  3.105   1.000 15.424 0 38  PHE AAA C   1 ? 
ATOM   306  O  O   . PHE A 1 38  ? -5.887  -8.054  3.115   1.000 16.345 0 38  PHE AAA O   1 ? 
ATOM   307  C  CB  . PHE A 1 38  ? -4.825  -9.511  0.923   1.000 13.691 0 38  PHE AAA CB  1 ? 
ATOM   308  C  CG  . PHE A 1 38  ? -4.365  -9.793  -0.496  1.000 15.415 0 38  PHE AAA CG  1 ? 
ATOM   309  C  CD1 . PHE A 1 38  ? -3.865  -8.813  -1.345  1.000 15.509 0 38  PHE AAA CD1 1 ? 
ATOM   310  C  CD2 . PHE A 1 38  ? -4.583  -11.057 -1.020  1.000 15.761 0 38  PHE AAA CD2 1 ? 
ATOM   311  C  CE1 . PHE A 1 38  ? -3.497  -9.124  -2.655  1.000 13.893 0 38  PHE AAA CE1 1 ? 
ATOM   312  C  CE2 . PHE A 1 38  ? -4.242  -11.351 -2.340  1.000 17.679 0 38  PHE AAA CE2 1 ? 
ATOM   313  C  CZ  . PHE A 1 38  ? -3.745  -10.393 -3.146  1.000 15.021 0 38  PHE AAA CZ  1 ? 
ATOM   314  N  N   . ASN A 1 39  ? -3.924  -8.279  4.205   1.000 16.342 0 39  ASN AAA N   1 ? 
ATOM   315  C  CA  . ASN A 1 39  ? -4.483  -8.051  5.556   1.000 15.760 0 39  ASN AAA CA  1 ? 
ATOM   316  C  C   . ASN A 1 39  ? -4.347  -6.574  5.969   1.000 14.839 0 39  ASN AAA C   1 ? 
ATOM   317  O  O   . ASN A 1 39  ? -3.199  -6.057  6.227   1.000 18.363 0 39  ASN AAA O   1 ? 
ATOM   318  C  CB  . ASN A 1 39  ? -3.717  -8.936  6.526   1.000 16.936 0 39  ASN AAA CB  1 ? 
ATOM   319  C  CG  . ASN A 1 39  ? -4.225  -8.851  7.943   1.000 16.874 0 39  ASN AAA CG  1 ? 
ATOM   320  O  OD1 . ASN A 1 39  ? -5.210  -8.179  8.210   1.000 16.888 0 39  ASN AAA OD1 1 ? 
ATOM   321  N  ND2 . ASN A 1 39  ? -3.553  -9.533  8.842   1.000 21.983 0 39  ASN AAA ND2 1 ? 
ATOM   322  N  N   . THR A 1 40  ? -5.483  -5.871  6.104   1.000 15.037 0 40  THR AAA N   1 ? 
ATOM   323  C  CA  . THR A 1 40  ? -5.439  -4.438  6.495   1.000 14.842 0 40  THR AAA CA  1 ? 
ATOM   324  C  C   . THR A 1 40  ? -4.871  -4.280  7.902   1.000 14.556 0 40  THR AAA C   1 ? 
ATOM   325  O  O   . THR A 1 40  ? -4.360  -3.131  8.170   1.000 14.417 0 40  THR AAA O   1 ? 
ATOM   326  C  CB  . THR A 1 40  ? -6.791  -3.723  6.491   1.000 16.254 0 40  THR AAA CB  1 ? 
ATOM   327  O  OG1 . THR A 1 40  ? -7.599  -4.210  7.566   1.000 19.851 0 40  THR AAA OG1 1 ? 
ATOM   328  C  CG2 . THR A 1 40  ? -7.473  -3.822  5.146   1.000 16.569 0 40  THR AAA CG2 1 ? 
ATOM   329  N  N   . GLN A 1 41  ? -4.841  -5.266  8.754   1.000 16.624 0 41  GLN AAA N   1 ? 
ATOM   330  C  CA  . GLN A 1 41  ? -4.406  -5.112  10.163  1.000 17.374 0 41  GLN AAA CA  1 ? 
ATOM   331  C  C   . GLN A 1 41  ? -2.902  -5.390  10.314  1.000 17.337 0 41  GLN AAA C   1 ? 
ATOM   332  O  O   . GLN A 1 41  ? -2.403  -5.234  11.448  1.000 19.463 0 41  GLN AAA O   1 ? 
ATOM   333  C  CB  . GLN A 1 41  ? -5.258  -5.972  11.083  1.000 18.680 0 41  GLN AAA CB  1 ? 
ATOM   334  C  CG  . GLN A 1 41  ? -6.727  -5.594  11.152  1.000 18.415 0 41  GLN AAA CG  1 ? 
ATOM   335  C  CD  . GLN A 1 41  ? -7.363  -6.240  12.347  1.000 18.767 0 41  GLN AAA CD  1 ? 
ATOM   336  O  OE1 . GLN A 1 41  ? -7.184  -5.810  13.482  1.000 22.349 0 41  GLN AAA OE1 1 ? 
ATOM   337  N  NE2 . GLN A 1 41  ? -7.988  -7.392  12.132  1.000 16.662 0 41  GLN AAA NE2 1 ? 
ATOM   338  N  N   . ALA A 1 42  ? -2.171  -5.668  9.230   1.000 16.389 0 42  ALA AAA N   1 ? 
ATOM   339  C  CA  . ALA A 1 42  ? -0.717  -5.953  9.287   1.000 15.417 0 42  ALA AAA CA  1 ? 
ATOM   340  C  C   . ALA A 1 42  ? 0.082   -4.769  9.845   1.000 15.724 0 42  ALA AAA C   1 ? 
ATOM   341  O  O   . ALA A 1 42  ? -0.098  -3.655  9.359   1.000 16.366 0 42  ALA AAA O   1 ? 
ATOM   342  C  CB  . ALA A 1 42  ? -0.217  -6.320  7.905   1.000 16.104 0 42  ALA AAA CB  1 ? 
ATOM   343  N  N   . THR A 1 43  ? 1.011   -5.079  10.765  1.000 14.846 0 43  THR AAA N   1 ? 
ATOM   344  C  CA  . THR A 1 43  ? 1.962   -4.089  11.324  1.000 16.243 0 43  THR AAA CA  1 ? 
ATOM   345  C  C   . THR A 1 43  ? 3.321   -4.789  11.392  1.000 16.604 0 43  THR AAA C   1 ? 
ATOM   346  O  O   . THR A 1 43  ? 3.388   -6.027  11.616  1.000 20.667 0 43  THR AAA O   1 ? 
ATOM   347  C  CB  . THR A 1 43  ? 1.567   -3.580  12.725  1.000 17.307 0 43  THR AAA CB  1 ? 
ATOM   348  O  OG1 . THR A 1 43  ? 1.542   -4.629  13.702  1.000 20.059 0 43  THR AAA OG1 1 ? 
ATOM   349  C  CG2 . THR A 1 43  ? 0.245   -2.849  12.731  1.000 17.413 0 43  THR AAA CG2 1 ? 
ATOM   350  N  N   . ASN A 1 44  ? 4.365   -4.014  11.232  1.000 16.580 0 44  ASN AAA N   1 ? 
ATOM   351  C  CA  . ASN A 1 44  ? 5.751   -4.552  11.287  1.000 17.085 0 44  ASN AAA CA  1 ? 
ATOM   352  C  C   . ASN A 1 44  ? 6.695   -3.447  11.751  1.000 17.624 0 44  ASN AAA C   1 ? 
ATOM   353  O  O   . ASN A 1 44  ? 6.770   -2.389  11.106  1.000 18.117 0 44  ASN AAA O   1 ? 
ATOM   354  C  CB  . ASN A 1 44  ? 6.162   -5.127  9.924   1.000 19.953 0 44  ASN AAA CB  1 ? 
ATOM   355  C  CG  . ASN A 1 44  ? 5.442   -6.420  9.602   1.000 24.260 0 44  ASN AAA CG  1 ? 
ATOM   356  O  OD1 . ASN A 1 44  ? 4.473   -6.427  8.829   1.000 31.962 0 44  ASN AAA OD1 1 ? 
ATOM   357  N  ND2 . ASN A 1 44  ? 5.876   -7.520  10.197  1.000 26.400 0 44  ASN AAA ND2 1 ? 
ATOM   358  N  N   . ARG A 1 45  ? 7.465   -3.739  12.799  1.000 16.248 0 45  ARG AAA N   1 ? 
ATOM   359  C  CA  . ARG A 1 45  ? 8.409   -2.726  13.362  1.000 16.365 0 45  ARG AAA CA  1 ? 
ATOM   360  C  C   . ARG A 1 45  ? 9.619   -2.675  12.436  1.000 16.143 0 45  ARG AAA C   1 ? 
ATOM   361  O  O   . ARG A 1 45  ? 10.105  -3.739  12.090  1.000 24.036 0 45  ARG AAA O   1 ? 
ATOM   362  C  CB  . ARG A 1 45  ? 8.891   -3.042  14.792  1.000 18.728 0 45  ARG AAA CB  1 ? 
ATOM   363  C  CG  . ARG A 1 45  ? 9.562   -1.833  15.451  1.000 21.615 0 45  ARG AAA CG  1 ? 
ATOM   364  C  CD  . ARG A 1 45  ? 8.470   -0.894  15.903  1.000 24.191 0 45  ARG AAA CD  1 ? 
ATOM   365  N  NE  . ARG A 1 45  ? 8.891   0.331   16.591  1.000 27.763 0 45  ARG AAA NE  1 ? 
ATOM   366  C  CZ  . ARG A 1 45  ? 8.847   0.522   17.911  1.000 28.546 0 45  ARG AAA CZ  1 ? 
ATOM   367  N  NH1 . ARG A 1 45  ? 8.482   -0.455  18.728  1.000 34.157 0 45  ARG AAA NH1 1 ? 
ATOM   368  N  NH2 . ARG A 1 45  ? 9.202   1.696   18.401  1.000 28.252 0 45  ARG AAA NH2 1 ? 
ATOM   369  N  N   . ASN A 1 46  ? 10.215  -1.494  12.314  1.000 16.039 0 46  ASN AAA N   1 ? 
ATOM   370  C  CA  . ASN A 1 46  ? 11.461  -1.251  11.530  1.000 22.044 0 46  ASN AAA CA  1 ? 
ATOM   371  C  C   . ASN A 1 46  ? 12.652  -0.998  12.471  1.000 22.726 0 46  ASN AAA C   1 ? 
ATOM   372  O  O   . ASN A 1 46  ? 12.453  -0.600  13.644  1.000 21.309 0 46  ASN AAA O   1 ? 
ATOM   373  C  CB  . ASN A 1 46  ? 11.291  -0.035  10.619  1.000 20.454 0 46  ASN AAA CB  1 ? 
ATOM   374  C  CG  . ASN A 1 46  ? 10.109  -0.174  9.676   1.000 21.074 0 46  ASN AAA CG  1 ? 
ATOM   375  O  OD1 . ASN A 1 46  ? 9.385   0.786   9.434   1.000 23.000 0 46  ASN AAA OD1 1 ? 
ATOM   376  N  ND2 . ASN A 1 46  ? 9.876   -1.385  9.199   1.000 21.843 0 46  ASN AAA ND2 1 ? 
ATOM   377  N  N   . THR A 1 47  ? 13.880  -1.121  11.964  1.000 22.910 0 47  THR AAA N   1 ? 
ATOM   378  C  CA  . THR A 1 47  ? 15.060  -1.034  12.862  1.000 24.168 0 47  THR AAA CA  1 ? 
ATOM   379  C  C   . THR A 1 47  ? 15.191  0.375   13.441  1.000 25.072 0 47  THR AAA C   1 ? 
ATOM   380  O  O   . THR A 1 47  ? 15.629  0.456   14.589  1.000 27.237 0 47  THR AAA O   1 ? 
ATOM   381  C  CB  . THR A 1 47  ? 16.343  -1.498  12.169  1.000 24.323 0 47  THR AAA CB  1 ? 
ATOM   382  O  OG1 . THR A 1 47  ? 16.671  -0.647  11.077  1.000 30.529 0 47  THR AAA OG1 1 ? 
ATOM   383  C  CG2 . THR A 1 47  ? 16.186  -2.916  11.696  1.000 22.095 0 47  THR AAA CG2 1 ? 
ATOM   384  N  N   . ASP A 1 48  ? 14.803  1.422   12.714  1.000 22.149 0 48  ASP AAA N   1 ? 
ATOM   385  C  CA  . ASP A 1 48  ? 14.956  2.832   13.147  1.000 21.917 0 48  ASP AAA CA  1 ? 
ATOM   386  C  C   . ASP A 1 48  ? 13.889  3.175   14.203  1.000 21.582 0 48  ASP AAA C   1 ? 
ATOM   387  O  O   . ASP A 1 48  ? 13.865  4.358   14.624  1.000 23.989 0 48  ASP AAA O   1 ? 
ATOM   388  C  CB  . ASP A 1 48  ? 14.934  3.734   11.920  1.000 22.925 0 48  ASP AAA CB  1 ? 
ATOM   389  C  CG  . ASP A 1 48  ? 13.588  3.923   11.269  1.000 26.082 0 48  ASP AAA CG  1 ? 
ATOM   390  O  OD1 . ASP A 1 48  ? 12.667  3.086   11.544  1.000 23.622 0 48  ASP AAA OD1 1 ? 
ATOM   391  O  OD2 . ASP A 1 48  ? 13.504  4.852   10.447  1.000 27.660 0 48  ASP AAA OD2 1 ? 
ATOM   392  N  N   . GLY A 1 49  ? 13.008  2.228   14.549  1.000 21.193 0 49  GLY AAA N   1 ? 
ATOM   393  C  CA  . GLY A 1 49  ? 11.967  2.367   15.587  1.000 21.737 0 49  GLY AAA CA  1 ? 
ATOM   394  C  C   . GLY A 1 49  ? 10.643  2.867   15.022  1.000 18.872 0 49  GLY AAA C   1 ? 
ATOM   395  O  O   . GLY A 1 49  ? 9.665   3.011   15.789  1.000 20.164 0 49  GLY AAA O   1 ? 
ATOM   396  N  N   . SER A 1 50  ? 10.589  3.117   13.711  1.000 18.519 0 50  SER AAA N   1 ? 
ATOM   397  C  CA  . SER A 1 50  ? 9.312   3.323   12.975  1.000 16.793 0 50  SER AAA CA  1 ? 
ATOM   398  C  C   . SER A 1 50  ? 8.589   1.968   12.829  1.000 15.721 0 50  SER AAA C   1 ? 
ATOM   399  O  O   . SER A 1 50  ? 9.228   0.935   13.059  1.000 17.711 0 50  SER AAA O   1 ? 
ATOM   400  C  CB  . SER A 1 50  ? 9.566   3.951   11.619  1.000 19.044 0 50  SER AAA CB  1 ? 
ATOM   401  O  OG  . SER A 1 50  ? 10.224  3.047   10.757  1.000 19.811 0 50  SER AAA OG  1 ? 
ATOM   402  N  N   . THR A 1 51  ? 7.318   2.015   12.394  1.000 12.421 0 51  THR AAA N   1 ? 
ATOM   403  C  CA  . THR A 1 51  ? 6.492   0.814   12.122  1.000 12.518 0 51  THR AAA CA  1 ? 
ATOM   404  C  C   . THR A 1 51  ? 5.869   1.001   10.733  1.000 13.833 0 51  THR AAA C   1 ? 
ATOM   405  O  O   . THR A 1 51  ? 5.526   2.140   10.383  1.000 16.719 0 51  THR AAA O   1 ? 
ATOM   406  C  CB  . THR A 1 51  ? 5.489   0.692   13.256  1.000 13.237 0 51  THR AAA CB  1 ? 
ATOM   407  O  OG1 . THR A 1 51  ? 6.178   0.419   14.485  1.000 16.275 0 51  THR AAA OG1 1 ? 
ATOM   408  C  CG2 . THR A 1 51  ? 4.623   -0.526  13.048  1.000 13.556 0 51  THR AAA CG2 1 ? 
ATOM   409  N  N   . ASP A 1 52  ? 5.566   -0.124  10.090  1.000 15.235 0 52  ASP AAA N   1 ? 
ATOM   410  C  CA  . ASP A 1 52  ? 4.838   -0.166  8.794   1.000 17.365 0 52  ASP AAA CA  1 ? 
ATOM   411  C  C   . ASP A 1 52  ? 3.412   -0.656  9.099   1.000 16.302 0 52  ASP AAA C   1 ? 
ATOM   412  O  O   . ASP A 1 52  ? 3.281   -1.607  9.874   1.000 17.790 0 52  ASP AAA O   1 ? 
ATOM   413  C  CB  . ASP A 1 52  ? 5.460   -1.159  7.817   1.000 18.151 0 52  ASP AAA CB  1 ? 
ATOM   414  C  CG  . ASP A 1 52  ? 6.717   -0.648  7.115   1.000 19.693 0 52  ASP AAA CG  1 ? 
ATOM   415  O  OD1 . ASP A 1 52  ? 7.128   0.561   7.323   1.000 17.241 0 52  ASP AAA OD1 1 ? 
ATOM   416  O  OD2 . ASP A 1 52  ? 7.282   -1.430  6.299   1.000 23.026 0 52  ASP AAA OD2 1 ? 
ATOM   417  N  N   . TYR A 1 53  ? 2.404   -0.059  8.464   1.000 15.742 0 53  TYR AAA N   1 ? 
ATOM   418  C  CA  . TYR A 1 53  ? 0.986   -0.222  8.826   1.000 17.333 0 53  TYR AAA CA  1 ? 
ATOM   419  C  C   . TYR A 1 53  ? 0.120   -0.487  7.603   1.000 15.568 0 53  TYR AAA C   1 ? 
ATOM   420  O  O   . TYR A 1 53  ? 0.220   0.225   6.612   1.000 16.989 0 53  TYR AAA O   1 ? 
ATOM   421  C  CB  . TYR A 1 53  ? 0.448   1.058   9.464   1.000 17.911 0 53  TYR AAA CB  1 ? 
ATOM   422  C  CG  . TYR A 1 53  ? 1.070   1.343   10.804  1.000 16.364 0 53  TYR AAA CG  1 ? 
ATOM   423  C  CD1 . TYR A 1 53  ? 0.461   0.904   11.970  1.000 18.856 0 53  TYR AAA CD1 1 ? 
ATOM   424  C  CD2 . TYR A 1 53  ? 2.178   2.178   10.934  1.000 16.319 0 53  TYR AAA CD2 1 ? 
ATOM   425  C  CE1 . TYR A 1 53  ? 1.018   1.140   13.212  1.000 15.641 0 53  TYR AAA CE1 1 ? 
ATOM   426  C  CE2 . TYR A 1 53  ? 2.746   2.403   12.176  1.000 16.010 0 53  TYR AAA CE2 1 ? 
ATOM   427  C  CZ  . TYR A 1 53  ? 2.114   1.974   13.326  1.000 16.502 0 53  TYR AAA CZ  1 ? 
ATOM   428  O  OH  . TYR A 1 53  ? 2.638   2.159   14.571  1.000 17.962 0 53  TYR AAA OH  1 ? 
ATOM   429  N  N   . GLY A 1 54  ? -0.646  -1.583  7.662   1.000 14.610 0 54  GLY AAA N   1 ? 
ATOM   430  C  CA  . GLY A 1 54  ? -1.809  -1.772  6.795   1.000 15.726 0 54  GLY AAA CA  1 ? 
ATOM   431  C  C   . GLY A 1 54  ? -1.480  -2.558  5.528   1.000 15.539 0 54  GLY AAA C   1 ? 
ATOM   432  O  O   . GLY A 1 54  ? -0.382  -3.126  5.376   1.000 15.112 0 54  GLY AAA O   1 ? 
ATOM   433  N  N   . ILE A 1 55  ? -2.442  -2.591  4.620   1.000 16.049 0 55  ILE AAA N   1 ? 
ATOM   434  C  CA  . ILE A 1 55  ? -2.369  -3.469  3.415   1.000 19.051 0 55  ILE AAA CA  1 ? 
ATOM   435  C  C   . ILE A 1 55  ? -1.191  -3.055  2.506   1.000 15.642 0 55  ILE AAA C   1 ? 
ATOM   436  O  O   . ILE A 1 55  ? -0.634  -3.908  1.842   1.000 20.031 0 55  ILE AAA O   1 ? 
ATOM   437  C  CB  . ILE A 1 55  ? -3.740  -3.388  2.730   1.000 21.008 0 55  ILE AAA CB  1 ? 
ATOM   438  C  CG1 . ILE A 1 55  ? -4.046  -4.663  1.939   1.000 26.536 0 55  ILE AAA CG1 1 ? 
ATOM   439  C  CG2 . ILE A 1 55  ? -3.861  -2.089  1.963   1.000 22.076 0 55  ILE AAA CG2 1 ? 
ATOM   440  C  CD1 . ILE A 1 55  ? -5.488  -4.999  1.857   1.000 28.106 0 55  ILE AAA CD1 1 ? 
ATOM   441  N  N   . LEU A 1 56  ? -0.678  -1.806  2.566   1.000 15.179 0 56  LEU AAA N   1 ? 
ATOM   442  C  CA  . LEU A 1 56  ? 0.539   -1.458  1.792   1.000 18.633 0 56  LEU AAA CA  1 ? 
ATOM   443  C  C   . LEU A 1 56  ? 1.692   -1.059  2.707   1.000 17.030 0 56  LEU AAA C   1 ? 
ATOM   444  O  O   . LEU A 1 56  ? 2.630   -0.432  2.256   1.000 18.141 0 56  LEU AAA O   1 ? 
ATOM   445  C  CB  . LEU A 1 56  ? 0.189   -0.348  0.796   1.000 17.959 0 56  LEU AAA CB  1 ? 
ATOM   446  C  CG  . LEU A 1 56  ? -0.654  -0.823  -0.387  1.000 18.884 0 56  LEU AAA CG  1 ? 
ATOM   447  C  CD1 . LEU A 1 56  ? -1.194  0.363   -1.164  1.000 18.661 0 56  LEU AAA CD1 1 ? 
ATOM   448  C  CD2 . LEU A 1 56  ? 0.176   -1.691  -1.337  1.000 19.286 0 56  LEU AAA CD2 1 ? 
ATOM   449  N  N   . GLN A 1 57  ? 1.620   -1.392  3.994   1.000 14.722 0 57  GLN AAA N   1 ? 
ATOM   450  C  CA  . GLN A 1 57  ? 2.779   -1.247  4.921   1.000 15.000 0 57  GLN AAA CA  1 ? 
ATOM   451  C  C   . GLN A 1 57  ? 3.402   0.171   4.859   1.000 15.276 0 57  GLN AAA C   1 ? 
ATOM   452  O  O   . GLN A 1 57  ? 4.591   0.311   4.613   1.000 18.314 0 57  GLN AAA O   1 ? 
ATOM   453  C  CB  . GLN A 1 57  ? 3.825   -2.329  4.658   1.000 14.830 0 57  GLN AAA CB  1 ? 
ATOM   454  C  CG  . GLN A 1 57  ? 3.321   -3.732  4.968   1.000 14.616 0 57  GLN AAA CG  1 ? 
ATOM   455  C  CD  . GLN A 1 57  ? 3.219   -3.875  6.474   1.000 14.990 0 57  GLN AAA CD  1 ? 
ATOM   456  O  OE1 . GLN A 1 57  ? 4.203   -4.155  7.153   1.000 17.167 0 57  GLN AAA OE1 1 ? 
ATOM   457  N  NE2 . GLN A 1 57  ? 2.038   -3.659  7.004   1.000 16.087 0 57  GLN AAA NE2 1 ? 
ATOM   458  N  N   . ILE A 1 58  ? 2.584   1.173   5.123   1.000 14.548 0 58  ILE AAA N   1 ? 
ATOM   459  C  CA  . ILE A 1 58  ? 2.971   2.597   5.139   1.000 14.127 0 58  ILE AAA CA  1 ? 
ATOM   460  C  C   . ILE A 1 58  ? 3.726   2.873   6.435   1.000 16.921 0 58  ILE AAA C   1 ? 
ATOM   461  O  O   . ILE A 1 58  ? 3.247   2.570   7.516   1.000 15.584 0 58  ILE AAA O   1 ? 
ATOM   462  C  CB  . ILE A 1 58  ? 1.717   3.408   4.819   1.000 15.633 0 58  ILE AAA CB  1 ? 
ATOM   463  C  CG1 . ILE A 1 58  ? 1.263   3.152   3.374   1.000 18.902 0 58  ILE AAA CG1 1 ? 
ATOM   464  C  CG2 . ILE A 1 58  ? 2.029   4.863   5.123   1.000 14.013 0 58  ILE AAA CG2 1 ? 
ATOM   465  C  CD1 . ILE A 1 58  ? -0.021  3.807   2.952   1.000 20.031 0 58  ILE AAA CD1 1 ? 
ATOM   466  N  N   . ASN A 1 59  ? 4.848   3.583   6.323   1.000 17.129 0 59  ASN AAA N   1 ? 
ATOM   467  C  CA  . ASN A 1 59  ? 5.809   3.707   7.439   1.000 18.915 0 59  ASN AAA CA  1 ? 
ATOM   468  C  C   . ASN A 1 59  ? 5.612   5.027   8.209   1.000 18.052 0 59  ASN AAA C   1 ? 
ATOM   469  O  O   . ASN A 1 59  ? 5.360   6.059   7.595   1.000 21.728 0 59  ASN AAA O   1 ? 
ATOM   470  C  CB  . ASN A 1 59  ? 7.196   3.585   6.840   1.000 21.905 0 59  ASN AAA CB  1 ? 
ATOM   471  C  CG  . ASN A 1 59  ? 8.115   4.667   7.292   1.000 30.607 0 59  ASN AAA CG  1 ? 
ATOM   472  O  OD1 . ASN A 1 59  ? 8.005   5.810   6.850   1.000 28.987 0 59  ASN AAA OD1 1 ? 
ATOM   473  N  ND2 . ASN A 1 59  ? 8.961   4.285   8.225   1.000 30.840 0 59  ASN AAA ND2 1 ? 
ATOM   474  N  N   . SER A 1 60  ? 5.702   4.943   9.536   1.000 18.683 0 60  SER AAA N   1 ? 
ATOM   475  C  CA  . SER A 1 60  ? 5.536   6.080   10.483  1.000 17.321 0 60  SER AAA CA  1 ? 
ATOM   476  C  C   . SER A 1 60  ? 6.718   7.040   10.506  1.000 21.034 0 60  SER AAA C   1 ? 
ATOM   477  O  O   . SER A 1 60  ? 6.594   8.081   11.127  1.000 20.022 0 60  SER AAA O   1 ? 
ATOM   478  C  CB  . SER A 1 60  ? 5.283   5.583   11.878  1.000 18.263 0 60  SER AAA CB  1 ? 
ATOM   479  O  OG  . SER A 1 60  ? 6.383   4.831   12.373  1.000 17.079 0 60  SER AAA OG  1 ? 
ATOM   480  N  N   A ARG A 1 61  ? 7.814   6.700   9.827   0.500 18.870 0 61  ARG AAA N   1 ? 
ATOM   481  N  N   B ARG A 1 61  ? 7.843   6.703   9.893   0.500 19.434 0 61  ARG AAA N   1 ? 
ATOM   482  C  CA  A ARG A 1 61  ? 9.036   7.545   9.685   0.500 21.002 0 61  ARG AAA CA  1 ? 
ATOM   483  C  CA  B ARG A 1 61  ? 8.976   7.661   9.778   0.500 21.732 0 61  ARG AAA CA  1 ? 
ATOM   484  C  C   A ARG A 1 61  ? 8.725   8.774   8.815   0.500 20.844 0 61  ARG AAA C   1 ? 
ATOM   485  C  C   B ARG A 1 61  ? 8.496   8.884   8.987   0.500 21.264 0 61  ARG AAA C   1 ? 
ATOM   486  O  O   A ARG A 1 61  ? 9.428   9.819   8.967   0.500 19.127 0 61  ARG AAA O   1 ? 
ATOM   487  O  O   B ARG A 1 61  ? 8.811   10.049  9.388   0.500 19.417 0 61  ARG AAA O   1 ? 
ATOM   488  C  CB  A ARG A 1 61  ? 10.171  6.717   9.069   0.500 23.238 0 61  ARG AAA CB  1 ? 
ATOM   489  C  CB  B ARG A 1 61  ? 10.180  6.997   9.109   0.500 24.781 0 61  ARG AAA CB  1 ? 
ATOM   490  C  CG  A ARG A 1 61  ? 11.495  7.454   8.958   0.500 25.911 0 61  ARG AAA CG  1 ? 
ATOM   491  C  CG  B ARG A 1 61  ? 11.274  7.980   8.723   0.500 27.509 0 61  ARG AAA CG  1 ? 
ATOM   492  C  CD  A ARG A 1 61  ? 11.789  8.153   10.259  0.500 26.907 0 61  ARG AAA CD  1 ? 
ATOM   493  C  CD  B ARG A 1 61  ? 12.167  8.333   9.892   0.500 29.549 0 61  ARG AAA CD  1 ? 
ATOM   494  N  NE  A ARG A 1 61  ? 12.135  7.205   11.309  0.500 28.448 0 61  ARG AAA NE  1 ? 
ATOM   495  N  NE  B ARG A 1 61  ? 12.318  9.771   10.070  0.500 30.151 0 61  ARG AAA NE  1 ? 
ATOM   496  C  CZ  A ARG A 1 61  ? 12.669  7.560   12.466  0.500 27.251 0 61  ARG AAA CZ  1 ? 
ATOM   497  C  CZ  B ARG A 1 61  ? 13.224  10.524  9.454   0.500 32.988 0 61  ARG AAA CZ  1 ? 
ATOM   498  N  NH1 A ARG A 1 61  ? 12.917  8.836   12.694  0.500 27.623 0 61  ARG AAA NH1 1 ? 
ATOM   499  N  NH1 B ARG A 1 61  ? 14.073  9.984   8.598   0.500 34.221 0 61  ARG AAA NH1 1 ? 
ATOM   500  N  NH2 A ARG A 1 61  ? 12.961  6.658   13.376  0.500 24.977 0 61  ARG AAA NH2 1 ? 
ATOM   501  N  NH2 B ARG A 1 61  ? 13.276  11.819  9.698   0.500 29.780 0 61  ARG AAA NH2 1 ? 
ATOM   502  N  N   . TRP A 1 62  ? 7.759   8.663   7.900   1.000 22.279 0 62  TRP AAA N   1 ? 
ATOM   503  C  CA  . TRP A 1 62  ? 7.398   9.741   6.953   1.000 22.467 0 62  TRP AAA CA  1 ? 
ATOM   504  C  C   . TRP A 1 62  ? 5.909   10.050  6.971   1.000 22.330 0 62  TRP AAA C   1 ? 
ATOM   505  O  O   . TRP A 1 62  ? 5.608   11.208  6.868   1.000 21.005 0 62  TRP AAA O   1 ? 
ATOM   506  C  CB  . TRP A 1 62  ? 7.908   9.432   5.544   1.000 24.582 0 62  TRP AAA CB  1 ? 
ATOM   507  C  CG  . TRP A 1 62  ? 9.398   9.330   5.529   1.000 31.014 0 62  TRP AAA CG  1 ? 
ATOM   508  C  CD1 . TRP A 1 62  ? 10.153  8.195   5.471   1.000 31.012 0 62  TRP AAA CD1 1 ? 
ATOM   509  C  CD2 . TRP A 1 62  ? 10.318  10.425  5.691   1.000 34.255 0 62  TRP AAA CD2 1 ? 
ATOM   510  N  NE1 . TRP A 1 62  ? 11.484  8.518   5.525   1.000 35.670 0 62  TRP AAA NE1 1 ? 
ATOM   511  C  CE2 . TRP A 1 62  ? 11.615  9.875   5.673   1.000 35.381 0 62  TRP AAA CE2 1 ? 
ATOM   512  C  CE3 . TRP A 1 62  ? 10.170  11.807  5.843   1.000 36.530 0 62  TRP AAA CE3 1 ? 
ATOM   513  C  CZ2 . TRP A 1 62  ? 12.756  10.668  5.777   1.000 41.595 0 62  TRP AAA CZ2 1 ? 
ATOM   514  C  CZ3 . TRP A 1 62  ? 11.302  12.596  5.931   1.000 40.120 0 62  TRP AAA CZ3 1 ? 
ATOM   515  C  CH2 . TRP A 1 62  ? 12.576  12.028  5.914   1.000 41.298 0 62  TRP AAA CH2 1 ? 
ATOM   516  N  N   . TRP A 1 63  ? 5.035   9.031   6.943   1.000 18.657 0 63  TRP AAA N   1 ? 
ATOM   517  C  CA  . TRP A 1 63  ? 3.702   9.171   6.300   1.000 17.580 0 63  TRP AAA CA  1 ? 
ATOM   518  C  C   . TRP A 1 63  ? 2.572   9.319   7.315   1.000 15.490 0 63  TRP AAA C   1 ? 
ATOM   519  O  O   . TRP A 1 63  ? 1.555   9.870   6.950   1.000 17.295 0 63  TRP AAA O   1 ? 
ATOM   520  C  CB  . TRP A 1 63  ? 3.429   8.011   5.334   1.000 16.783 0 63  TRP AAA CB  1 ? 
ATOM   521  C  CG  . TRP A 1 63  ? 4.501   7.886   4.308   1.000 18.008 0 63  TRP AAA CG  1 ? 
ATOM   522  C  CD1 . TRP A 1 63  ? 5.483   6.940   4.262   1.000 18.180 0 63  TRP AAA CD1 1 ? 
ATOM   523  C  CD2 . TRP A 1 63  ? 4.784   8.805   3.237   1.000 18.274 0 63  TRP AAA CD2 1 ? 
ATOM   524  N  NE1 . TRP A 1 63  ? 6.331   7.174   3.212   1.000 20.338 0 63  TRP AAA NE1 1 ? 
ATOM   525  C  CE2 . TRP A 1 63  ? 5.918   8.295   2.553   1.000 19.673 0 63  TRP AAA CE2 1 ? 
ATOM   526  C  CE3 . TRP A 1 63  ? 4.188   9.971   2.780   1.000 21.462 0 63  TRP AAA CE3 1 ? 
ATOM   527  C  CZ2 . TRP A 1 63  ? 6.471   8.936   1.448   1.000 20.240 0 63  TRP AAA CZ2 1 ? 
ATOM   528  C  CZ3 . TRP A 1 63  ? 4.717   10.582  1.668   1.000 18.239 0 63  TRP AAA CZ3 1 ? 
ATOM   529  C  CH2 . TRP A 1 63  ? 5.856   10.098  1.049   1.000 18.762 0 63  TRP AAA CH2 1 ? 
ATOM   530  N  N   . CYS A 1 64  ? 2.745   8.847   8.554   1.000 17.474 0 64  CYS AAA N   1 ? 
ATOM   531  C  CA  . CYS A 1 64  ? 1.657   8.855   9.552   1.000 17.945 0 64  CYS AAA CA  1 ? 
ATOM   532  C  C   . CYS A 1 64  ? 2.226   8.974   10.964  1.000 15.849 0 64  CYS AAA C   1 ? 
ATOM   533  O  O   . CYS A 1 64  ? 3.439   8.730   11.133  1.000 17.169 0 64  CYS AAA O   1 ? 
ATOM   534  C  CB  . CYS A 1 64  ? 0.825   7.582   9.390   1.000 18.353 0 64  CYS AAA CB  1 ? 
ATOM   535  S  SG  . CYS A 1 64  ? 1.673   6.007   9.743   1.000 18.570 0 64  CYS AAA SG  1 ? 
ATOM   536  N  N   . ASN A 1 65  ? 1.367   9.361   11.901  1.000 18.796 0 65  ASN AAA N   1 ? 
ATOM   537  C  CA  . ASN A 1 65  ? 1.753   9.496   13.322  1.000 20.111 0 65  ASN AAA CA  1 ? 
ATOM   538  C  C   . ASN A 1 65  ? 1.288   8.273   14.117  1.000 19.446 0 65  ASN AAA C   1 ? 
ATOM   539  O  O   . ASN A 1 65  ? 0.109   7.979   14.137  1.000 18.524 0 65  ASN AAA O   1 ? 
ATOM   540  C  CB  . ASN A 1 65  ? 1.213   10.789  13.925  1.000 20.961 0 65  ASN AAA CB  1 ? 
ATOM   541  C  CG  . ASN A 1 65  ? 1.490   10.811  15.411  1.000 22.758 0 65  ASN AAA CG  1 ? 
ATOM   542  O  OD1 . ASN A 1 65  ? 2.647   10.807  15.826  1.000 28.542 0 65  ASN AAA OD1 1 ? 
ATOM   543  N  ND2 . ASN A 1 65  ? 0.448   10.685  16.200  1.000 25.023 0 65  ASN AAA ND2 1 ? 
ATOM   544  N  N   . ASP A 1 66  ? 2.224   7.628   14.802  1.000 18.816 0 66  ASP AAA N   1 ? 
ATOM   545  C  CA  . ASP A 1 66  ? 1.891   6.546   15.747  1.000 19.002 0 66  ASP AAA CA  1 ? 
ATOM   546  C  C   . ASP A 1 66  ? 2.242   6.939   17.193  1.000 17.071 0 66  ASP AAA C   1 ? 
ATOM   547  O  O   . ASP A 1 66  ? 2.158   6.065   18.031  1.000 20.948 0 66  ASP AAA O   1 ? 
ATOM   548  C  CB  . ASP A 1 66  ? 2.476   5.186   15.345  1.000 18.294 0 66  ASP AAA CB  1 ? 
ATOM   549  C  CG  . ASP A 1 66  ? 3.989   5.098   15.322  1.000 16.950 0 66  ASP AAA CG  1 ? 
ATOM   550  O  OD1 . ASP A 1 66  ? 4.623   6.100   15.689  1.000 18.612 0 66  ASP AAA OD1 1 ? 
ATOM   551  O  OD2 . ASP A 1 66  ? 4.521   4.097   14.841  1.000 17.729 0 66  ASP AAA OD2 1 ? 
ATOM   552  N  N   . GLY A 1 67  ? 2.761   8.154   17.424  1.000 17.329 0 67  GLY AAA N   1 ? 
ATOM   553  C  CA  . GLY A 1 67  ? 3.114   8.628   18.771  1.000 21.593 0 67  GLY AAA CA  1 ? 
ATOM   554  C  C   . GLY A 1 67  ? 4.397   8.004   19.308  1.000 22.499 0 67  GLY AAA C   1 ? 
ATOM   555  O  O   . GLY A 1 67  ? 4.774   8.328   20.449  1.000 25.989 0 67  GLY AAA O   1 ? 
ATOM   556  N  N   . ARG A 1 68  ? 5.071   7.118   18.575  1.000 20.313 0 68  ARG AAA N   1 ? 
ATOM   557  C  CA  . ARG A 1 68  ? 6.277   6.455   19.135  1.000 21.170 0 68  ARG AAA CA  1 ? 
ATOM   558  C  C   . ARG A 1 68  ? 7.440   6.494   18.143  1.000 21.148 0 68  ARG AAA C   1 ? 
ATOM   559  O  O   . ARG A 1 68  ? 8.439   5.792   18.359  1.000 24.919 0 68  ARG AAA O   1 ? 
ATOM   560  C  CB  . ARG A 1 68  ? 5.955   5.038   19.615  1.000 21.255 0 68  ARG AAA CB  1 ? 
ATOM   561  C  CG  . ARG A 1 68  ? 5.550   4.050   18.540  1.000 22.256 0 68  ARG AAA CG  1 ? 
ATOM   562  C  CD  . ARG A 1 68  ? 5.586   2.655   19.097  1.000 23.398 0 68  ARG AAA CD  1 ? 
ATOM   563  N  NE  . ARG A 1 68  ? 5.682   1.704   18.008  1.000 20.504 0 68  ARG AAA NE  1 ? 
ATOM   564  C  CZ  . ARG A 1 68  ? 5.378   0.409   18.122  1.000 21.453 0 68  ARG AAA CZ  1 ? 
ATOM   565  N  NH1 . ARG A 1 68  ? 5.084   -0.103  19.311  1.000 23.205 0 68  ARG AAA NH1 1 ? 
ATOM   566  N  NH2 . ARG A 1 68  ? 5.471   -0.384  17.072  1.000 20.295 0 68  ARG AAA NH2 1 ? 
ATOM   567  N  N   . THR A 1 69  ? 7.378   7.348   17.145  1.000 20.524 0 69  THR AAA N   1 ? 
ATOM   568  C  CA  . THR A 1 69  ? 8.473   7.491   16.162  1.000 19.764 0 69  THR AAA CA  1 ? 
ATOM   569  C  C   . THR A 1 69  ? 9.031   8.902   16.304  1.000 22.281 0 69  THR AAA C   1 ? 
ATOM   570  O  O   . THR A 1 69  ? 8.732   9.758   15.495  1.000 22.488 0 69  THR AAA O   1 ? 
ATOM   571  C  CB  . THR A 1 69  ? 7.992   7.144   14.743  1.000 17.814 0 69  THR AAA CB  1 ? 
ATOM   572  O  OG1 . THR A 1 69  ? 7.196   5.951   14.758  1.000 18.735 0 69  THR AAA OG1 1 ? 
ATOM   573  C  CG2 . THR A 1 69  ? 9.139   6.851   13.794  1.000 18.540 0 69  THR AAA CG2 1 ? 
ATOM   574  N  N   . PRO A 1 70  ? 9.820   9.192   17.367  1.000 27.532 0 70  PRO AAA N   1 ? 
ATOM   575  C  CA  . PRO A 1 70  ? 10.335  10.541  17.610  1.000 27.510 0 70  PRO AAA CA  1 ? 
ATOM   576  C  C   . PRO A 1 70  ? 11.047  11.213  16.429  1.000 29.827 0 70  PRO AAA C   1 ? 
ATOM   577  O  O   . PRO A 1 70  ? 11.871  10.567  15.758  1.000 33.248 0 70  PRO AAA O   1 ? 
ATOM   578  C  CB  . PRO A 1 70  ? 11.348  10.372  18.754  1.000 28.967 0 70  PRO AAA CB  1 ? 
ATOM   579  C  CG  . PRO A 1 70  ? 11.014  9.068   19.415  1.000 28.833 0 70  PRO AAA CG  1 ? 
ATOM   580  C  CD  . PRO A 1 70  ? 10.207  8.249   18.421  1.000 27.723 0 70  PRO AAA CD  1 ? 
ATOM   581  N  N   . GLY A 1 71  ? 10.750  12.504  16.226  1.000 31.729 0 71  GLY AAA N   1 ? 
ATOM   582  C  CA  . GLY A 1 71  ? 11.315  13.354  15.166  1.000 32.635 0 71  GLY AAA CA  1 ? 
ATOM   583  C  C   . GLY A 1 71  ? 10.857  12.953  13.771  1.000 33.088 0 71  GLY AAA C   1 ? 
ATOM   584  O  O   . GLY A 1 71  ? 11.483  13.401  12.805  1.000 35.512 0 71  GLY AAA O   1 ? 
ATOM   585  N  N   . SER A 1 72  ? 9.823   12.114  13.655  1.000 32.025 0 72  SER AAA N   1 ? 
ATOM   586  C  CA  . SER A 1 72  ? 9.322   11.601  12.357  1.000 28.877 0 72  SER AAA CA  1 ? 
ATOM   587  C  C   . SER A 1 72  ? 8.421   12.649  11.693  1.000 31.920 0 72  SER AAA C   1 ? 
ATOM   588  O  O   . SER A 1 72  ? 8.127   13.697  12.322  1.000 26.989 0 72  SER AAA O   1 ? 
ATOM   589  C  CB  . SER A 1 72  ? 8.606   10.279  12.545  1.000 24.015 0 72  SER AAA CB  1 ? 
ATOM   590  O  OG  . SER A 1 72  ? 7.411   10.454  13.295  1.000 24.839 0 72  SER AAA OG  1 ? 
ATOM   591  N  N   . ARG A 1 73  ? 8.007   12.397  10.450  1.000 29.711 0 73  ARG AAA N   1 ? 
ATOM   592  C  CA  . ARG A 1 73  ? 7.000   13.254  9.786   1.000 28.471 0 73  ARG AAA CA  1 ? 
ATOM   593  C  C   . ARG A 1 73  ? 5.643   12.543  9.790   1.000 25.743 0 73  ARG AAA C   1 ? 
ATOM   594  O  O   . ARG A 1 73  ? 5.556   11.333  10.143  1.000 26.083 0 73  ARG AAA O   1 ? 
ATOM   595  C  CB  . ARG A 1 73  ? 7.461   13.610  8.371   1.000 29.687 0 73  ARG AAA CB  1 ? 
ATOM   596  C  CG  . ARG A 1 73  ? 8.858   14.211  8.313   1.000 34.977 0 73  ARG AAA CG  1 ? 
ATOM   597  C  CD  . ARG A 1 73  ? 8.929   15.607  8.902   1.000 39.640 0 73  ARG AAA CD  1 ? 
ATOM   598  N  NE  . ARG A 1 73  ? 8.908   16.583  7.822   1.000 46.471 0 73  ARG AAA NE  1 ? 
ATOM   599  C  CZ  . ARG A 1 73  ? 7.833   17.231  7.373   1.000 44.456 0 73  ARG AAA CZ  1 ? 
ATOM   600  N  NH1 . ARG A 1 73  ? 6.645   17.048  7.923   1.000 47.640 0 73  ARG AAA NH1 1 ? 
ATOM   601  N  NH2 . ARG A 1 73  ? 7.958   18.067  6.359   1.000 45.169 0 73  ARG AAA NH2 1 ? 
ATOM   602  N  N   . ASN A 1 74  ? 4.619   13.279  9.379   1.000 24.309 0 74  ASN AAA N   1 ? 
ATOM   603  C  CA  . ASN A 1 74  ? 3.238   12.774  9.174   1.000 21.383 0 74  ASN AAA CA  1 ? 
ATOM   604  C  C   . ASN A 1 74  ? 2.718   13.400  7.873   1.000 19.605 0 74  ASN AAA C   1 ? 
ATOM   605  O  O   . ASN A 1 74  ? 1.768   14.182  7.937   1.000 20.554 0 74  ASN AAA O   1 ? 
ATOM   606  C  CB  . ASN A 1 74  ? 2.359   13.099  10.391  1.000 22.554 0 74  ASN AAA CB  1 ? 
ATOM   607  C  CG  . ASN A 1 74  ? 0.909   12.675  10.227  1.000 19.404 0 74  ASN AAA CG  1 ? 
ATOM   608  O  OD1 . ASN A 1 74  ? 0.560   11.894  9.327   1.000 21.414 0 74  ASN AAA OD1 1 ? 
ATOM   609  N  ND2 . ASN A 1 74  ? 0.073   13.011  11.200  1.000 22.638 0 74  ASN AAA ND2 1 ? 
ATOM   610  N  N   . LEU A 1 75  ? 3.287   13.026  6.725   1.000 21.202 0 75  LEU AAA N   1 ? 
ATOM   611  C  CA  . LEU A 1 75  ? 2.994   13.689  5.429   1.000 23.716 0 75  LEU AAA CA  1 ? 
ATOM   612  C  C   . LEU A 1 75  ? 1.579   13.356  4.946   1.000 23.574 0 75  LEU AAA C   1 ? 
ATOM   613  O  O   . LEU A 1 75  ? 1.059   14.141  4.139   1.000 26.336 0 75  LEU AAA O   1 ? 
ATOM   614  C  CB  . LEU A 1 75  ? 4.051   13.323  4.380   1.000 22.917 0 75  LEU AAA CB  1 ? 
ATOM   615  C  CG  . LEU A 1 75  ? 5.460   13.818  4.715   1.000 22.711 0 75  LEU AAA CG  1 ? 
ATOM   616  C  CD1 . LEU A 1 75  ? 6.486   13.309  3.726   1.000 23.079 0 75  LEU AAA CD1 1 ? 
ATOM   617  C  CD2 . LEU A 1 75  ? 5.540   15.336  4.809   1.000 23.608 0 75  LEU AAA CD2 1 ? 
ATOM   618  N  N   . CYS A 1 76  ? 0.975   12.216  5.322   1.000 20.037 0 76  CYS AAA N   1 ? 
ATOM   619  C  CA  . CYS A 1 76  ? -0.438  11.914  4.981   1.000 18.846 0 76  CYS AAA CA  1 ? 
ATOM   620  C  C   . CYS A 1 76  ? -1.394  12.517  6.030   1.000 20.075 0 76  CYS AAA C   1 ? 
ATOM   621  O  O   . CYS A 1 76  ? -2.600  12.430  5.831   1.000 22.125 0 76  CYS AAA O   1 ? 
ATOM   622  C  CB  . CYS A 1 76  ? -0.653  10.410  4.772   1.000 19.789 0 76  CYS AAA CB  1 ? 
ATOM   623  S  SG  . CYS A 1 76  ? 0.405   9.681   3.473   1.000 19.252 0 76  CYS AAA SG  1 ? 
ATOM   624  N  N   . ASN A 1 77  ? -0.871  13.182  7.058   1.000 20.761 0 77  ASN AAA N   1 ? 
ATOM   625  C  CA  . ASN A 1 77  ? -1.689  13.865  8.089   1.000 23.018 0 77  ASN AAA CA  1 ? 
ATOM   626  C  C   . ASN A 1 77  ? -2.781  12.939  8.635   1.000 23.814 0 77  ASN AAA C   1 ? 
ATOM   627  O  O   . ASN A 1 77  ? -3.924  13.333  8.663   1.000 24.187 0 77  ASN AAA O   1 ? 
ATOM   628  C  CB  . ASN A 1 77  ? -2.305  15.124  7.482   1.000 27.170 0 77  ASN AAA CB  1 ? 
ATOM   629  C  CG  . ASN A 1 77  ? -2.209  16.251  8.471   1.000 33.263 0 77  ASN AAA CG  1 ? 
ATOM   630  O  OD1 . ASN A 1 77  ? -2.790  16.162  9.548   1.000 37.877 0 77  ASN AAA OD1 1 ? 
ATOM   631  N  ND2 . ASN A 1 77  ? -1.404  17.251  8.156   1.000 38.672 0 77  ASN AAA ND2 1 ? 
ATOM   632  N  N   . ILE A 1 78  ? -2.396  11.760  9.116   1.000 23.528 0 78  ILE AAA N   1 ? 
ATOM   633  C  CA  . ILE A 1 78  ? -3.327  10.716  9.612   1.000 20.354 0 78  ILE AAA CA  1 ? 
ATOM   634  C  C   . ILE A 1 78  ? -2.641  9.971   10.751  1.000 19.706 0 78  ILE AAA C   1 ? 
ATOM   635  O  O   . ILE A 1 78  ? -1.423  9.773   10.754  1.000 19.145 0 78  ILE AAA O   1 ? 
ATOM   636  C  CB  . ILE A 1 78  ? -3.751  9.722   8.520   1.000 23.342 0 78  ILE AAA CB  1 ? 
ATOM   637  C  CG1 . ILE A 1 78  ? -2.539  9.222   7.743   1.000 21.949 0 78  ILE AAA CG1 1 ? 
ATOM   638  C  CG2 . ILE A 1 78  ? -4.803  10.304  7.594   1.000 23.165 0 78  ILE AAA CG2 1 ? 
ATOM   639  C  CD1 . ILE A 1 78  ? -2.794  7.896   7.055   1.000 24.511 0 78  ILE AAA CD1 1 ? 
ATOM   640  N  N   . PRO A 1 79  ? -3.412  9.509   11.742  1.000 19.953 0 79  PRO AAA N   1 ? 
ATOM   641  C  CA  . PRO A 1 79  ? -2.893  8.507   12.670  1.000 18.165 0 79  PRO AAA CA  1 ? 
ATOM   642  C  C   . PRO A 1 79  ? -2.633  7.187   11.928  1.000 17.433 0 79  PRO AAA C   1 ? 
ATOM   643  O  O   . PRO A 1 79  ? -3.400  6.806   11.089  1.000 18.469 0 79  PRO AAA O   1 ? 
ATOM   644  C  CB  . PRO A 1 79  ? -4.005  8.323   13.703  1.000 20.224 0 79  PRO AAA CB  1 ? 
ATOM   645  C  CG  . PRO A 1 79  ? -5.275  8.833   13.032  1.000 23.854 0 79  PRO AAA CG  1 ? 
ATOM   646  C  CD  . PRO A 1 79  ? -4.844  9.811   11.960  1.000 21.922 0 79  PRO AAA CD  1 ? 
ATOM   647  N  N   . CYS A 1 80  ? -1.532  6.526   12.252  1.000 17.616 0 80  CYS AAA N   1 ? 
ATOM   648  C  CA  . CYS A 1 80  ? -1.181  5.267   11.562  1.000 17.196 0 80  CYS AAA CA  1 ? 
ATOM   649  C  C   . CYS A 1 80  ? -2.356  4.305   11.728  1.000 15.477 0 80  CYS AAA C   1 ? 
ATOM   650  O  O   . CYS A 1 80  ? -2.538  3.465   10.846  1.000 18.454 0 80  CYS AAA O   1 ? 
ATOM   651  C  CB  . CYS A 1 80  ? 0.154   4.670   11.987  1.000 15.988 0 80  CYS AAA CB  1 ? 
ATOM   652  S  SG  . CYS A 1 80  ? 1.527   5.819   11.781  1.000 17.909 0 80  CYS AAA SG  1 ? 
ATOM   653  N  N   . SER A 1 81  ? -3.128  4.378   12.823  1.000 16.866 0 81  SER AAA N   1 ? 
ATOM   654  C  CA  . SER A 1 81  ? -4.236  3.406   13.046  1.000 17.077 0 81  SER AAA CA  1 ? 
ATOM   655  C  C   . SER A 1 81  ? -5.294  3.543   11.947  1.000 17.543 0 81  SER AAA C   1 ? 
ATOM   656  O  O   . SER A 1 81  ? -5.971  2.512   11.676  1.000 18.626 0 81  SER AAA O   1 ? 
ATOM   657  C  CB  . SER A 1 81  ? -4.893  3.589   14.392  1.000 19.500 0 81  SER AAA CB  1 ? 
ATOM   658  O  OG  . SER A 1 81  ? -5.282  4.934   14.547  1.000 22.396 0 81  SER AAA OG  1 ? 
ATOM   659  N  N   . ALA A 1 82  ? -5.441  4.682   11.306  1.000 17.348 0 82  ALA AAA N   1 ? 
ATOM   660  C  CA  . ALA A 1 82  ? -6.346  4.872   10.133  1.000 19.304 0 82  ALA AAA CA  1 ? 
ATOM   661  C  C   . ALA A 1 82  ? -5.994  3.882   9.005   1.000 20.805 0 82  ALA AAA C   1 ? 
ATOM   662  O  O   . ALA A 1 82  ? -6.891  3.498   8.185   1.000 20.803 0 82  ALA AAA O   1 ? 
ATOM   663  C  CB  . ALA A 1 82  ? -6.263  6.287   9.635   1.000 20.546 0 82  ALA AAA CB  1 ? 
ATOM   664  N  N   . LEU A 1 83  ? -4.728  3.484   8.922   1.000 18.935 0 83  LEU AAA N   1 ? 
ATOM   665  C  CA  . LEU A 1 83  ? -4.208  2.618   7.842   1.000 18.259 0 83  LEU AAA CA  1 ? 
ATOM   666  C  C   . LEU A 1 83  ? -4.526  1.153   8.102   1.000 19.096 0 83  LEU AAA C   1 ? 
ATOM   667  O  O   . LEU A 1 83  ? -4.095  0.326   7.272   1.000 19.617 0 83  LEU AAA O   1 ? 
ATOM   668  C  CB  . LEU A 1 83  ? -2.710  2.839   7.680   1.000 20.389 0 83  LEU AAA CB  1 ? 
ATOM   669  C  CG  . LEU A 1 83  ? -2.336  4.277   7.340   1.000 21.795 0 83  LEU AAA CG  1 ? 
ATOM   670  C  CD1 . LEU A 1 83  ? -0.826  4.496   7.346   1.000 26.076 0 83  LEU AAA CD1 1 ? 
ATOM   671  C  CD2 . LEU A 1 83  ? -2.933  4.632   5.974   1.000 24.879 0 83  LEU AAA CD2 1 ? 
ATOM   672  N  N   . LEU A 1 84  ? -5.145  0.826   9.245   1.000 17.463 0 84  LEU AAA N   1 ? 
ATOM   673  C  CA  . LEU A 1 84  ? -5.485  -0.593  9.521   1.000 17.228 0 84  LEU AAA CA  1 ? 
ATOM   674  C  C   . LEU A 1 84  ? -6.978  -0.852  9.392   1.000 16.968 0 84  LEU AAA C   1 ? 
ATOM   675  O  O   . LEU A 1 84  ? -7.384  -2.049  9.529   1.000 18.163 0 84  LEU AAA O   1 ? 
ATOM   676  C  CB  . LEU A 1 84  ? -5.020  -0.949  10.940  1.000 18.137 0 84  LEU AAA CB  1 ? 
ATOM   677  C  CG  . LEU A 1 84  ? -3.570  -0.601  11.289  1.000 19.293 0 84  LEU AAA CG  1 ? 
ATOM   678  C  CD1 . LEU A 1 84  ? -3.372  -0.755  12.784  1.000 19.646 0 84  LEU AAA CD1 1 ? 
ATOM   679  C  CD2 . LEU A 1 84  ? -2.592  -1.476  10.523  1.000 19.258 0 84  LEU AAA CD2 1 ? 
ATOM   680  N  N   . SER A 1 85  ? -7.784  0.143   9.028   1.000 20.510 0 85  SER AAA N   1 ? 
ATOM   681  C  CA  . SER A 1 85  ? -9.251  0.027   8.839   1.000 20.383 0 85  SER AAA CA  1 ? 
ATOM   682  C  C   . SER A 1 85  ? -9.612  -1.017  7.762   1.000 20.941 0 85  SER AAA C   1 ? 
ATOM   683  O  O   . SER A 1 85  ? -8.861  -1.214  6.790   1.000 18.933 0 85  SER AAA O   1 ? 
ATOM   684  C  CB  . SER A 1 85  ? -9.792  1.368   8.499   1.000 22.652 0 85  SER AAA CB  1 ? 
ATOM   685  O  OG  . SER A 1 85  ? -11.184 1.284   8.258   1.000 23.257 0 85  SER AAA OG  1 ? 
ATOM   686  N  N   . SER A 1 86  ? -10.789 -1.621  7.873   1.000 21.953 0 86  SER AAA N   1 ? 
ATOM   687  C  CA  . SER A 1 86  ? -11.373 -2.433  6.779   1.000 22.322 0 86  SER AAA CA  1 ? 
ATOM   688  C  C   . SER A 1 86  ? -11.709 -1.551  5.561   1.000 21.530 0 86  SER AAA C   1 ? 
ATOM   689  O  O   . SER A 1 86  ? -11.773 -2.089  4.453   1.000 22.021 0 86  SER AAA O   1 ? 
ATOM   690  C  CB  A SER A 1 86  ? -12.571 -3.210  7.227   0.500 21.953 0 86  SER AAA CB  1 ? 
ATOM   691  C  CB  B SER A 1 86  ? -12.568 -3.189  7.286   0.500 25.078 0 86  SER AAA CB  1 ? 
ATOM   692  O  OG  A SER A 1 86  ? -13.595 -2.340  7.651   0.500 19.116 0 86  SER AAA OG  1 ? 
ATOM   693  O  OG  B SER A 1 86  ? -12.233 -3.893  8.480   0.500 28.165 0 86  SER AAA OG  1 ? 
ATOM   694  N  N   . ASP A 1 87  ? -11.787 -0.229  5.750   1.000 19.676 0 87  ASP AAA N   1 ? 
ATOM   695  C  CA  . ASP A 1 87  ? -12.030 0.782   4.693   1.000 23.767 0 87  ASP AAA CA  1 ? 
ATOM   696  C  C   . ASP A 1 87  ? -10.667 1.280   4.191   1.000 20.698 0 87  ASP AAA C   1 ? 
ATOM   697  O  O   . ASP A 1 87  ? -9.967  1.900   4.961   1.000 20.853 0 87  ASP AAA O   1 ? 
ATOM   698  C  CB  . ASP A 1 87  ? -12.848 1.936   5.279   1.000 24.046 0 87  ASP AAA CB  1 ? 
ATOM   699  C  CG  . ASP A 1 87  ? -13.162 3.051   4.294   1.000 27.409 0 87  ASP AAA CG  1 ? 
ATOM   700  O  OD1 . ASP A 1 87  ? -12.477 3.156   3.271   1.000 23.274 0 87  ASP AAA OD1 1 ? 
ATOM   701  O  OD2 . ASP A 1 87  ? -14.140 3.788   4.553   1.000 31.604 0 87  ASP AAA OD2 1 ? 
ATOM   702  N  N   . ILE A 1 88  ? -10.268 0.937   2.976   1.000 21.604 0 88  ILE AAA N   1 ? 
ATOM   703  C  CA  . ILE A 1 88  ? -8.877  1.165   2.484   1.000 19.904 0 88  ILE AAA CA  1 ? 
ATOM   704  C  C   . ILE A 1 88  ? -8.713  2.628   2.045   1.000 18.758 0 88  ILE AAA C   1 ? 
ATOM   705  O  O   . ILE A 1 88  ? -7.635  2.985   1.600   1.000 17.336 0 88  ILE AAA O   1 ? 
ATOM   706  C  CB  . ILE A 1 88  ? -8.481  0.158   1.389   1.000 20.506 0 88  ILE AAA CB  1 ? 
ATOM   707  C  CG1 . ILE A 1 88  ? -9.261  0.336   0.080   1.000 19.155 0 88  ILE AAA CG1 1 ? 
ATOM   708  C  CG2 . ILE A 1 88  ? -8.597  -1.271  1.897   1.000 20.203 0 88  ILE AAA CG2 1 ? 
ATOM   709  C  CD1 . ILE A 1 88  ? -8.583  -0.323  -1.114  1.000 21.746 0 88  ILE AAA CD1 1 ? 
ATOM   710  N  N   . THR A 1 89  ? -9.760  3.463   2.108   1.000 19.410 0 89  THR AAA N   1 ? 
ATOM   711  C  CA  . THR A 1 89  ? -9.621  4.877   1.674   1.000 19.617 0 89  THR AAA CA  1 ? 
ATOM   712  C  C   . THR A 1 89  ? -8.343  5.538   2.188   1.000 18.856 0 89  THR AAA C   1 ? 
ATOM   713  O  O   . THR A 1 89  ? -7.634  6.168   1.376   1.000 19.791 0 89  THR AAA O   1 ? 
ATOM   714  C  CB  . THR A 1 89  ? -10.800 5.760   2.122   1.000 21.080 0 89  THR AAA CB  1 ? 
ATOM   715  O  OG1 . THR A 1 89  ? -11.924 5.056   1.620   1.000 21.326 0 89  THR AAA OG1 1 ? 
ATOM   716  C  CG2 . THR A 1 89  ? -10.728 7.188   1.633   1.000 23.565 0 89  THR AAA CG2 1 ? 
ATOM   717  N  N   . ALA A 1 90  ? -8.037  5.449   3.473   1.000 17.884 0 90  ALA AAA N   1 ? 
ATOM   718  C  CA  . ALA A 1 90  ? -6.906  6.233   4.014   1.000 17.394 0 90  ALA AAA CA  1 ? 
ATOM   719  C  C   . ALA A 1 90  ? -5.606  5.649   3.448   1.000 16.836 0 90  ALA AAA C   1 ? 
ATOM   720  O  O   . ALA A 1 90  ? -4.724  6.421   3.111   1.000 18.828 0 90  ALA AAA O   1 ? 
ATOM   721  C  CB  . ALA A 1 90  ? -6.923  6.237   5.539   1.000 17.897 0 90  ALA AAA CB  1 ? 
ATOM   722  N  N   . SER A 1 91  ? -5.497  4.326   3.354   1.000 16.587 0 91  SER AAA N   1 ? 
ATOM   723  C  CA  . SER A 1 91  ? -4.296  3.684   2.767   1.000 15.210 0 91  SER AAA CA  1 ? 
ATOM   724  C  C   . SER A 1 91  ? -4.147  4.097   1.307   1.000 17.221 0 91  SER AAA C   1 ? 
ATOM   725  O  O   . SER A 1 91  ? -3.016  4.403   0.909   1.000 15.883 0 91  SER AAA O   1 ? 
ATOM   726  C  CB  . SER A 1 91  ? -4.397  2.203   2.854   1.000 14.625 0 91  SER AAA CB  1 ? 
ATOM   727  O  OG  . SER A 1 91  ? -3.980  1.792   4.155   1.000 17.246 0 91  SER AAA OG  1 ? 
ATOM   728  N  N   . VAL A 1 92  ? -5.241  4.105   0.522   1.000 15.520 0 92  VAL AAA N   1 ? 
ATOM   729  C  CA  . VAL A 1 92  ? -5.102  4.468   -0.923  1.000 17.342 0 92  VAL AAA CA  1 ? 
ATOM   730  C  C   . VAL A 1 92  ? -4.659  5.936   -1.002  1.000 17.063 0 92  VAL AAA C   1 ? 
ATOM   731  O  O   . VAL A 1 92  ? -3.795  6.264   -1.811  1.000 19.680 0 92  VAL AAA O   1 ? 
ATOM   732  C  CB  . VAL A 1 92  ? -6.398  4.207   -1.692  1.000 16.254 0 92  VAL AAA CB  1 ? 
ATOM   733  C  CG1 . VAL A 1 92  ? -6.336  4.786   -3.106  1.000 19.163 0 92  VAL AAA CG1 1 ? 
ATOM   734  C  CG2 . VAL A 1 92  ? -6.713  2.731   -1.745  1.000 16.858 0 92  VAL AAA CG2 1 ? 
ATOM   735  N  N   . ASN A 1 93  ? -5.326  6.836   -0.276  1.000 18.141 0 93  ASN AAA N   1 ? 
ATOM   736  C  CA  . ASN A 1 93  ? -5.012  8.282   -0.326  1.000 18.478 0 93  ASN AAA CA  1 ? 
ATOM   737  C  C   . ASN A 1 93  ? -3.550  8.479   0.043   1.000 20.960 0 93  ASN AAA C   1 ? 
ATOM   738  O  O   . ASN A 1 93  ? -2.862  9.288   -0.598  1.000 19.984 0 93  ASN AAA O   1 ? 
ATOM   739  C  CB  . ASN A 1 93  ? -6.017  9.086   0.489   1.000 23.693 0 93  ASN AAA CB  1 ? 
ATOM   740  C  CG  . ASN A 1 93  ? -7.390  9.128   -0.146  1.000 27.773 0 93  ASN AAA CG  1 ? 
ATOM   741  O  OD1 . ASN A 1 93  ? -7.556  8.781   -1.315  1.000 35.097 0 93  ASN AAA OD1 1 ? 
ATOM   742  N  ND2 . ASN A 1 93  ? -8.383  9.534   0.626   1.000 29.230 0 93  ASN AAA ND2 1 ? 
ATOM   743  N  N   . CYS A 1 94  ? -3.039  7.730   0.995   1.000 17.313 0 94  CYS AAA N   1 ? 
ATOM   744  C  CA  . CYS A 1 94  ? -1.639  7.911   1.432   1.000 17.796 0 94  CYS AAA CA  1 ? 
ATOM   745  C  C   . CYS A 1 94  ? -0.717  7.292   0.376   1.000 15.362 0 94  CYS AAA C   1 ? 
ATOM   746  O  O   . CYS A 1 94  ? 0.263   7.878   0.062   1.000 16.772 0 94  CYS AAA O   1 ? 
ATOM   747  C  CB  . CYS A 1 94  ? -1.459  7.341   2.826   1.000 19.890 0 94  CYS AAA CB  1 ? 
ATOM   748  S  SG  . CYS A 1 94  ? 0.153   7.745   3.535   1.000 18.565 0 94  CYS AAA SG  1 ? 
ATOM   749  N  N   . ALA A 1 95  ? -1.073  6.125   -0.158  1.000 16.063 0 95  ALA AAA N   1 ? 
ATOM   750  C  CA  . ALA A 1 95  ? -0.283  5.478   -1.229  1.000 12.997 0 95  ALA AAA CA  1 ? 
ATOM   751  C  C   . ALA A 1 95  ? -0.141  6.401   -2.424  1.000 15.675 0 95  ALA AAA C   1 ? 
ATOM   752  O  O   . ALA A 1 95  ? 0.923   6.325   -3.045  1.000 15.667 0 95  ALA AAA O   1 ? 
ATOM   753  C  CB  . ALA A 1 95  ? -0.915  4.167   -1.612  1.000 14.413 0 95  ALA AAA CB  1 ? 
ATOM   754  N  N   . LYS A 1 96  ? -1.187  7.143   -2.794  1.000 15.644 0 96  LYS AAA N   1 ? 
ATOM   755  C  CA  . LYS A 1 96  ? -1.109  8.086   -3.952  1.000 15.329 0 96  LYS AAA CA  1 ? 
ATOM   756  C  C   . LYS A 1 96  ? -0.046  9.143   -3.671  1.000 16.010 0 96  LYS AAA C   1 ? 
ATOM   757  O  O   . LYS A 1 96  ? 0.719   9.480   -4.576  1.000 18.346 0 96  LYS AAA O   1 ? 
ATOM   758  C  CB  . LYS A 1 96  ? -2.453  8.754   -4.277  1.000 15.000 0 96  LYS AAA CB  1 ? 
ATOM   759  C  CG  . LYS A 1 96  ? -3.471  7.750   -4.777  1.000 15.227 0 96  LYS AAA CG  1 ? 
ATOM   760  C  CD  . LYS A 1 96  ? -4.780  8.408   -5.087  1.000 16.765 0 96  LYS AAA CD  1 ? 
ATOM   761  C  CE  . LYS A 1 96  ? -5.825  7.462   -5.643  1.000 19.466 0 96  LYS AAA CE  1 ? 
ATOM   762  N  NZ  . LYS A 1 96  ? -7.115  8.163   -5.810  1.000 23.244 0 96  LYS AAA NZ  1 ? 
ATOM   763  N  N   A LYS A 1 97  ? 0.096   9.557   -2.418  0.700 18.029 0 97  LYS AAA N   1 ? 
ATOM   764  N  N   B LYS A 1 97  ? 0.033   9.607   -2.420  0.300 16.880 0 97  LYS AAA N   1 ? 
ATOM   765  C  CA  A LYS A 1 97  ? 1.107   10.590  -2.061  0.700 18.896 0 97  LYS AAA CA  1 ? 
ATOM   766  C  CA  B LYS A 1 97  ? 1.072   10.575  -1.966  0.300 17.021 0 97  LYS AAA CA  1 ? 
ATOM   767  C  C   A LYS A 1 97  ? 2.512   9.954   -2.067  0.700 19.489 0 97  LYS AAA C   1 ? 
ATOM   768  C  C   B LYS A 1 97  ? 2.456   9.927   -2.137  0.300 17.367 0 97  LYS AAA C   1 ? 
ATOM   769  O  O   A LYS A 1 97  ? 3.458   10.583  -2.523  0.700 20.348 0 97  LYS AAA O   1 ? 
ATOM   770  O  O   B LYS A 1 97  ? 3.309   10.526  -2.811  0.300 16.706 0 97  LYS AAA O   1 ? 
ATOM   771  C  CB  A LYS A 1 97  ? 0.787   11.170  -0.686  0.700 21.176 0 97  LYS AAA CB  1 ? 
ATOM   772  C  CB  B LYS A 1 97  ? 0.849   10.970  -0.500  0.300 17.304 0 97  LYS AAA CB  1 ? 
ATOM   773  C  CG  A LYS A 1 97  ? -0.518  11.947  -0.648  0.700 23.910 0 97  LYS AAA CG  1 ? 
ATOM   774  C  CG  B LYS A 1 97  ? 1.832   11.994  0.057   0.300 18.674 0 97  LYS AAA CG  1 ? 
ATOM   775  C  CD  A LYS A 1 97  ? -0.479  13.085  0.333   0.700 27.722 0 97  LYS AAA CD  1 ? 
ATOM   776  C  CD  B LYS A 1 97  ? 1.698   13.370  -0.536  0.300 19.428 0 97  LYS AAA CD  1 ? 
ATOM   777  C  CE  A LYS A 1 97  ? 0.058   14.341  -0.315  0.700 29.195 0 97  LYS AAA CE  1 ? 
ATOM   778  C  CE  B LYS A 1 97  ? 2.658   14.379  0.069   0.300 20.546 0 97  LYS AAA CE  1 ? 
ATOM   779  N  NZ  A LYS A 1 97  ? 0.003   15.480  0.619   0.700 32.374 0 97  LYS AAA NZ  1 ? 
ATOM   780  N  NZ  B LYS A 1 97  ? 2.040   15.108  1.207   0.300 21.182 0 97  LYS AAA NZ  1 ? 
ATOM   781  N  N   . ILE A 1 98  ? 2.637   8.719   -1.588  1.000 16.925 0 98  ILE AAA N   1 ? 
ATOM   782  C  CA  . ILE A 1 98  ? 3.933   7.993   -1.526  1.000 16.935 0 98  ILE AAA CA  1 ? 
ATOM   783  C  C   . ILE A 1 98  ? 4.422   7.786   -2.970  1.000 16.299 0 98  ILE AAA C   1 ? 
ATOM   784  O  O   . ILE A 1 98  ? 5.612   7.997   -3.254  1.000 18.425 0 98  ILE AAA O   1 ? 
ATOM   785  C  CB  . ILE A 1 98  ? 3.748   6.640   -0.794  1.000 16.566 0 98  ILE AAA CB  1 ? 
ATOM   786  C  CG1 . ILE A 1 98  ? 3.424   6.876   0.687   1.000 17.096 0 98  ILE AAA CG1 1 ? 
ATOM   787  C  CG2 . ILE A 1 98  ? 4.994   5.791   -0.969  1.000 17.299 0 98  ILE AAA CG2 1 ? 
ATOM   788  C  CD1 . ILE A 1 98  ? 2.894   5.653   1.410   1.000 17.129 0 98  ILE AAA CD1 1 ? 
ATOM   789  N  N   . VAL A 1 99  ? 3.555   7.236   -3.842  1.000 16.270 0 99  VAL AAA N   1 ? 
ATOM   790  C  CA  . VAL A 1 99  ? 3.981   6.862   -5.215  1.000 15.242 0 99  VAL AAA CA  1 ? 
ATOM   791  C  C   . VAL A 1 99  ? 4.273   8.122   -6.044  1.000 17.020 0 99  VAL AAA C   1 ? 
ATOM   792  O  O   . VAL A 1 99  ? 4.934   7.990   -7.109  1.000 18.034 0 99  VAL AAA O   1 ? 
ATOM   793  C  CB  . VAL A 1 99  ? 2.963   5.906   -5.864  1.000 15.736 0 99  VAL AAA CB  1 ? 
ATOM   794  C  CG1 . VAL A 1 99  ? 1.687   6.662   -6.238  1.000 15.247 0 99  VAL AAA CG1 1 ? 
ATOM   795  C  CG2 . VAL A 1 99  ? 3.559   5.120   -7.041  1.000 15.236 0 99  VAL AAA CG2 1 ? 
ATOM   796  N  N   . SER A 1 100 ? 3.797   9.295   -5.615  1.000 18.901 0 100 SER AAA N   1 ? 
ATOM   797  C  CA  . SER A 1 100 ? 3.975   10.616  -6.290  1.000 20.064 0 100 SER AAA CA  1 ? 
ATOM   798  C  C   . SER A 1 100 ? 5.272   11.247  -5.812  1.000 20.245 0 100 SER AAA C   1 ? 
ATOM   799  O  O   . SER A 1 100 ? 5.624   12.332  -6.292  1.000 23.106 0 100 SER AAA O   1 ? 
ATOM   800  C  CB  . SER A 1 100 ? 2.773   11.535  -6.086  1.000 19.368 0 100 SER AAA CB  1 ? 
ATOM   801  O  OG  . SER A 1 100 ? 1.607   10.932  -6.607  1.000 20.754 0 100 SER AAA OG  1 ? 
ATOM   802  N  N   . ASP A 1 101 ? 5.957   10.613  -4.869  1.000 19.705 0 101 ASP AAA N   1 ? 
ATOM   803  C  CA  . ASP A 1 101 ? 7.089   11.211  -4.119  1.000 21.413 0 101 ASP AAA CA  1 ? 
ATOM   804  C  C   . ASP A 1 101 ? 8.350   11.210  -4.989  1.000 23.038 0 101 ASP AAA C   1 ? 
ATOM   805  O  O   . ASP A 1 101 ? 9.341   11.839  -4.563  1.000 24.841 0 101 ASP AAA O   1 ? 
ATOM   806  C  CB  . ASP A 1 101 ? 7.268   10.415  -2.821  1.000 22.320 0 101 ASP AAA CB  1 ? 
ATOM   807  C  CG  . ASP A 1 101 ? 8.390   10.879  -1.946  1.000 21.215 0 101 ASP AAA CG  1 ? 
ATOM   808  O  OD1 . ASP A 1 101 ? 8.316   12.106  -1.545  1.000 19.310 0 101 ASP AAA OD1 1 ? 
ATOM   809  O  OD2 . ASP A 1 101 ? 9.343   10.097  -1.726  1.000 19.381 0 101 ASP AAA OD2 1 ? 
ATOM   810  N  N   . GLY A 1 102 ? 8.321   10.513  -6.132  1.000 24.132 0 102 GLY AAA N   1 ? 
ATOM   811  C  CA  . GLY A 1 102 ? 9.327   10.562  -7.210  1.000 22.476 0 102 GLY AAA CA  1 ? 
ATOM   812  C  C   . GLY A 1 102 ? 10.175  9.299   -7.304  1.000 24.157 0 102 GLY AAA C   1 ? 
ATOM   813  O  O   . GLY A 1 102 ? 11.024  9.231   -8.191  1.000 22.348 0 102 GLY AAA O   1 ? 
ATOM   814  N  N   . ASN A 1 103 ? 9.967   8.321   -6.416  1.000 23.202 0 103 ASN AAA N   1 ? 
ATOM   815  C  CA  . ASN A 1 103 ? 10.669  7.024   -6.471  1.000 21.018 0 103 ASN AAA CA  1 ? 
ATOM   816  C  C   . ASN A 1 103 ? 9.669   6.006   -6.985  1.000 19.447 0 103 ASN AAA C   1 ? 
ATOM   817  O  O   . ASN A 1 103 ? 10.012  4.839   -7.023  1.000 17.677 0 103 ASN AAA O   1 ? 
ATOM   818  C  CB  . ASN A 1 103 ? 11.129  6.617   -5.078  1.000 23.686 0 103 ASN AAA CB  1 ? 
ATOM   819  C  CG  . ASN A 1 103 ? 12.268  5.644   -5.123  1.000 25.515 0 103 ASN AAA CG  1 ? 
ATOM   820  O  OD1 . ASN A 1 103 ? 12.900  5.491   -6.165  1.000 28.885 0 103 ASN AAA OD1 1 ? 
ATOM   821  N  ND2 . ASN A 1 103 ? 12.572  5.031   -3.990  1.000 28.910 0 103 ASN AAA ND2 1 ? 
ATOM   822  N  N   . GLY A 1 104 ? 8.458   6.439   -7.368  1.000 17.574 0 104 GLY AAA N   1 ? 
ATOM   823  C  CA  . GLY A 1 104 ? 7.497   5.448   -7.875  1.000 17.307 0 104 GLY AAA CA  1 ? 
ATOM   824  C  C   . GLY A 1 104 ? 7.221   4.424   -6.828  1.000 14.820 0 104 GLY AAA C   1 ? 
ATOM   825  O  O   . GLY A 1 104 ? 7.249   4.693   -5.593  1.000 18.550 0 104 GLY AAA O   1 ? 
ATOM   826  N  N   . MET A 1 105 ? 6.914   3.208   -7.305  1.000 14.790 0 105 MET AAA N   1 ? 
ATOM   827  C  CA  . MET A 1 105 ? 6.557   2.096   -6.418  1.000 13.109 0 105 MET AAA CA  1 ? 
ATOM   828  C  C   . MET A 1 105 ? 7.838   1.477   -5.806  1.000 14.632 0 105 MET AAA C   1 ? 
ATOM   829  O  O   . MET A 1 105 ? 7.734   0.624   -4.929  1.000 14.718 0 105 MET AAA O   1 ? 
ATOM   830  C  CB  . MET A 1 105 ? 5.631   1.068   -7.084  1.000 13.152 0 105 MET AAA CB  1 ? 
ATOM   831  C  CG  . MET A 1 105 ? 4.186   1.608   -7.462  1.000 9.590  0 105 MET AAA CG  1 ? 
ATOM   832  S  SD  . MET A 1 105 ? 3.225   0.274   -7.800  1.000 14.999 0 105 MET AAA SD  1 ? 
ATOM   833  C  CE  . MET A 1 105 ? 2.999   -0.540  -6.208  1.000 17.638 0 105 MET AAA CE  1 ? 
ATOM   834  N  N   . ASN A 1 106 ? 9.044   1.985   -6.087  1.000 15.681 0 106 ASN AAA N   1 ? 
ATOM   835  C  CA  . ASN A 1 106 ? 10.268  1.509   -5.382  1.000 14.988 0 106 ASN AAA CA  1 ? 
ATOM   836  C  C   . ASN A 1 106 ? 10.206  1.840   -3.887  1.000 14.709 0 106 ASN AAA C   1 ? 
ATOM   837  O  O   . ASN A 1 106 ? 11.009  1.261   -3.153  1.000 17.525 0 106 ASN AAA O   1 ? 
ATOM   838  C  CB  . ASN A 1 106 ? 11.528  2.116   -5.981  1.000 15.057 0 106 ASN AAA CB  1 ? 
ATOM   839  C  CG  . ASN A 1 106 ? 11.766  1.683   -7.406  1.000 15.218 0 106 ASN AAA CG  1 ? 
ATOM   840  O  OD1 . ASN A 1 106 ? 11.860  0.475   -7.692  1.000 16.692 0 106 ASN AAA OD1 1 ? 
ATOM   841  N  ND2 . ASN A 1 106 ? 11.567  2.583   -8.357  1.000 18.030 0 106 ASN AAA ND2 1 ? 
ATOM   842  N  N   . ALA A 1 107 ? 9.308   2.716   -3.461  1.000 16.057 0 107 ALA AAA N   1 ? 
ATOM   843  C  CA  . ALA A 1 107 ? 9.069   2.970   -2.019  1.000 17.369 0 107 ALA AAA CA  1 ? 
ATOM   844  C  C   . ALA A 1 107 ? 8.591   1.695   -1.322  1.000 15.431 0 107 ALA AAA C   1 ? 
ATOM   845  O  O   . ALA A 1 107 ? 8.780   1.591   -0.056  1.000 17.588 0 107 ALA AAA O   1 ? 
ATOM   846  C  CB  . ALA A 1 107 ? 8.049   4.071   -1.861  1.000 18.057 0 107 ALA AAA CB  1 ? 
ATOM   847  N  N   . TRP A 1 108 ? 8.050   0.688   -2.036  1.000 15.164 0 108 TRP AAA N   1 ? 
ATOM   848  C  CA  . TRP A 1 108 ? 7.544   -0.584  -1.484  1.000 15.504 0 108 TRP AAA CA  1 ? 
ATOM   849  C  C   . TRP A 1 108 ? 8.557   -1.697  -1.755  1.000 15.587 0 108 TRP AAA C   1 ? 
ATOM   850  O  O   . TRP A 1 108 ? 8.750   -2.110  -2.931  1.000 14.618 0 108 TRP AAA O   1 ? 
ATOM   851  C  CB  . TRP A 1 108 ? 6.182   -0.904  -2.030  1.000 15.205 0 108 TRP AAA CB  1 ? 
ATOM   852  C  CG  . TRP A 1 108 ? 5.147   -0.042  -1.424  1.000 15.343 0 108 TRP AAA CG  1 ? 
ATOM   853  C  CD1 . TRP A 1 108 ? 4.582   -0.184  -0.193  1.000 15.050 0 108 TRP AAA CD1 1 ? 
ATOM   854  C  CD2 . TRP A 1 108 ? 4.555   1.128   -2.000  1.000 15.390 0 108 TRP AAA CD2 1 ? 
ATOM   855  N  NE1 . TRP A 1 108 ? 3.652   0.792   0.008   1.000 17.548 0 108 TRP AAA NE1 1 ? 
ATOM   856  C  CE2 . TRP A 1 108 ? 3.594   1.601   -1.097  1.000 16.067 0 108 TRP AAA CE2 1 ? 
ATOM   857  C  CE3 . TRP A 1 108 ? 4.725   1.784   -3.220  1.000 16.369 0 108 TRP AAA CE3 1 ? 
ATOM   858  C  CZ2 . TRP A 1 108 ? 2.858   2.769   -1.326  1.000 15.630 0 108 TRP AAA CZ2 1 ? 
ATOM   859  C  CZ3 . TRP A 1 108 ? 3.919   2.867   -3.496  1.000 16.327 0 108 TRP AAA CZ3 1 ? 
ATOM   860  C  CH2 . TRP A 1 108 ? 2.976   3.334   -2.576  1.000 15.234 0 108 TRP AAA CH2 1 ? 
ATOM   861  N  N   . VAL A 1 109 ? 9.263   -2.109  -0.725  1.000 16.369 0 109 VAL AAA N   1 ? 
ATOM   862  C  CA  . VAL A 1 109 ? 10.380  -3.066  -0.929  1.000 17.022 0 109 VAL AAA CA  1 ? 
ATOM   863  C  C   . VAL A 1 109 ? 9.848   -4.401  -1.469  1.000 15.742 0 109 VAL AAA C   1 ? 
ATOM   864  O  O   . VAL A 1 109 ? 10.564  -5.047  -2.252  1.000 17.402 0 109 VAL AAA O   1 ? 
ATOM   865  C  CB  . VAL A 1 109 ? 11.163  -3.265  0.379   1.000 19.682 0 109 VAL AAA CB  1 ? 
ATOM   866  C  CG1 . VAL A 1 109 ? 12.200  -4.372  0.275   1.000 22.147 0 109 VAL AAA CG1 1 ? 
ATOM   867  C  CG2 . VAL A 1 109 ? 11.833  -1.948  0.749   1.000 21.139 0 109 VAL AAA CG2 1 ? 
ATOM   868  N  N   . ALA A 1 110 ? 8.687   -4.839  -1.047  1.000 14.608 0 110 ALA AAA N   1 ? 
ATOM   869  C  CA  . ALA A 1 110 ? 8.143   -6.135  -1.481  1.000 15.161 0 110 ALA AAA CA  1 ? 
ATOM   870  C  C   . ALA A 1 110 ? 7.769   -6.013  -2.966  1.000 17.778 0 110 ALA AAA C   1 ? 
ATOM   871  O  O   . ALA A 1 110 ? 7.926   -6.993  -3.712  1.000 16.790 0 110 ALA AAA O   1 ? 
ATOM   872  C  CB  . ALA A 1 110 ? 7.002   -6.480  -0.591  1.000 17.900 0 110 ALA AAA CB  1 ? 
ATOM   873  N  N   . TRP A 1 111 ? 7.246   -4.865  -3.381  1.000 17.721 0 111 TRP AAA N   1 ? 
ATOM   874  C  CA  . TRP A 1 111 ? 6.992   -4.589  -4.807  1.000 15.964 0 111 TRP AAA CA  1 ? 
ATOM   875  C  C   . TRP A 1 111 ? 8.309   -4.745  -5.581  1.000 16.845 0 111 TRP AAA C   1 ? 
ATOM   876  O  O   . TRP A 1 111 ? 8.320   -5.402  -6.631  1.000 16.667 0 111 TRP AAA O   1 ? 
ATOM   877  C  CB  . TRP A 1 111 ? 6.323   -3.221  -5.054  1.000 16.649 0 111 TRP AAA CB  1 ? 
ATOM   878  C  CG  . TRP A 1 111 ? 6.099   -2.988  -6.512  1.000 18.664 0 111 TRP AAA CG  1 ? 
ATOM   879  C  CD1 . TRP A 1 111 ? 5.073   -3.435  -7.284  1.000 16.186 0 111 TRP AAA CD1 1 ? 
ATOM   880  C  CD2 . TRP A 1 111 ? 6.962   -2.252  -7.386  1.000 16.547 0 111 TRP AAA CD2 1 ? 
ATOM   881  N  NE1 . TRP A 1 111 ? 5.259   -3.066  -8.590  1.000 15.694 0 111 TRP AAA NE1 1 ? 
ATOM   882  C  CE2 . TRP A 1 111 ? 6.373   -2.254  -8.673  1.000 15.790 0 111 TRP AAA CE2 1 ? 
ATOM   883  C  CE3 . TRP A 1 111 ? 8.122   -1.495  -7.181  1.000 17.394 0 111 TRP AAA CE3 1 ? 
ATOM   884  C  CZ2 . TRP A 1 111 ? 7.013   -1.719  -9.793  1.000 17.265 0 111 TRP AAA CZ2 1 ? 
ATOM   885  C  CZ3 . TRP A 1 111 ? 8.740   -0.953  -8.286  1.000 17.518 0 111 TRP AAA CZ3 1 ? 
ATOM   886  C  CH2 . TRP A 1 111 ? 8.135   -0.947  -9.548  1.000 17.879 0 111 TRP AAA CH2 1 ? 
ATOM   887  N  N   . ARG A 1 112 ? 9.328   -3.997  -5.175  1.000 16.721 0 112 ARG AAA N   1 ? 
ATOM   888  C  CA  . ARG A 1 112 ? 10.636  -4.017  -5.864  1.000 17.243 0 112 ARG AAA CA  1 ? 
ATOM   889  C  C   . ARG A 1 112 ? 11.112  -5.473  -6.015  1.000 17.298 0 112 ARG AAA C   1 ? 
ATOM   890  O  O   . ARG A 1 112 ? 11.663  -5.837  -7.068  1.000 19.172 0 112 ARG AAA O   1 ? 
ATOM   891  C  CB  . ARG A 1 112 ? 11.638  -3.124  -5.128  1.000 20.957 0 112 ARG AAA CB  1 ? 
ATOM   892  C  CG  . ARG A 1 112 ? 12.704  -2.493  -6.005  1.000 27.683 0 112 ARG AAA CG  1 ? 
ATOM   893  C  CD  . ARG A 1 112 ? 13.396  -1.409  -5.189  1.000 28.087 0 112 ARG AAA CD  1 ? 
ATOM   894  N  NE  . ARG A 1 112 ? 13.997  -2.032  -4.009  1.000 31.564 0 112 ARG AAA NE  1 ? 
ATOM   895  C  CZ  . ARG A 1 112 ? 13.802  -1.704  -2.724  1.000 32.488 0 112 ARG AAA CZ  1 ? 
ATOM   896  N  NH1 . ARG A 1 112 ? 14.410  -2.410  -1.781  1.000 36.182 0 112 ARG AAA NH1 1 ? 
ATOM   897  N  NH2 . ARG A 1 112 ? 13.054  -0.670  -2.366  1.000 33.019 0 112 ARG AAA NH2 1 ? 
ATOM   898  N  N   . ASN A 1 113 ? 11.026  -6.259  -4.958  1.000 16.989 0 113 ASN AAA N   1 ? 
ATOM   899  C  CA  . ASN A 1 113 ? 11.692  -7.588  -4.929  1.000 16.709 0 113 ASN AAA CA  1 ? 
ATOM   900  C  C   . ASN A 1 113 ? 10.826  -8.735  -5.462  1.000 17.780 0 113 ASN AAA C   1 ? 
ATOM   901  O  O   . ASN A 1 113 ? 11.419  -9.724  -5.818  1.000 18.289 0 113 ASN AAA O   1 ? 
ATOM   902  C  CB  . ASN A 1 113 ? 12.171  -7.889  -3.507  1.000 16.607 0 113 ASN AAA CB  1 ? 
ATOM   903  C  CG  . ASN A 1 113 ? 13.290  -6.955  -3.106  1.000 19.671 0 113 ASN AAA CG  1 ? 
ATOM   904  O  OD1 . ASN A 1 113 ? 14.127  -6.653  -3.943  1.000 24.159 0 113 ASN AAA OD1 1 ? 
ATOM   905  N  ND2 . ASN A 1 113 ? 13.411  -6.713  -1.819  1.000 18.520 0 113 ASN AAA ND2 1 ? 
ATOM   906  N  N   . ARG A 1 114 ? 9.508   -8.605  -5.524  1.000 13.717 0 114 ARG AAA N   1 ? 
ATOM   907  C  CA  . ARG A 1 114 ? 8.645   -9.741  -5.881  1.000 13.703 0 114 ARG AAA CA  1 ? 
ATOM   908  C  C   . ARG A 1 114 ? 7.721   -9.361  -7.026  1.000 14.096 0 114 ARG AAA C   1 ? 
ATOM   909  O  O   . ARG A 1 114 ? 7.073   -10.287 -7.525  1.000 17.547 0 114 ARG AAA O   1 ? 
ATOM   910  C  CB  . ARG A 1 114 ? 7.926   -10.148 -4.610  1.000 15.544 0 114 ARG AAA CB  1 ? 
ATOM   911  C  CG  . ARG A 1 114 ? 8.986   -10.523 -3.578  1.000 17.476 0 114 ARG AAA CG  1 ? 
ATOM   912  C  CD  . ARG A 1 114 ? 8.399   -10.919 -2.293  1.000 15.715 0 114 ARG AAA CD  1 ? 
ATOM   913  N  NE  . ARG A 1 114 ? 7.903   -12.267 -2.398  1.000 16.837 0 114 ARG AAA NE  1 ? 
ATOM   914  C  CZ  . ARG A 1 114 ? 7.417   -12.912 -1.372  1.000 17.304 0 114 ARG AAA CZ  1 ? 
ATOM   915  N  NH1 . ARG A 1 114 ? 7.248   -12.300 -0.206  1.000 19.349 0 114 ARG AAA NH1 1 ? 
ATOM   916  N  NH2 . ARG A 1 114 ? 7.003   -14.145 -1.555  1.000 18.485 0 114 ARG AAA NH2 1 ? 
ATOM   917  N  N   . CYS A 1 115 ? 7.607   -8.104  -7.395  1.000 15.389 0 115 CYS AAA N   1 ? 
ATOM   918  C  CA  . CYS A 1 115 ? 6.630   -7.625  -8.403  1.000 15.030 0 115 CYS AAA CA  1 ? 
ATOM   919  C  C   . CYS A 1 115 ? 7.329   -6.992  -9.594  1.000 15.459 0 115 CYS AAA C   1 ? 
ATOM   920  O  O   . CYS A 1 115 ? 6.952   -7.259  -10.727 1.000 17.137 0 115 CYS AAA O   1 ? 
ATOM   921  C  CB  . CYS A 1 115 ? 5.609   -6.649  -7.831  1.000 15.252 0 115 CYS AAA CB  1 ? 
ATOM   922  S  SG  . CYS A 1 115 ? 4.618   -7.350  -6.463  1.000 15.983 0 115 CYS AAA SG  1 ? 
ATOM   923  N  N   . LYS A 1 116 ? 8.170   -5.989  -9.350  1.000 14.193 0 116 LYS AAA N   1 ? 
ATOM   924  C  CA  . LYS A 1 116 ? 8.842   -5.274  -10.449 1.000 17.242 0 116 LYS AAA CA  1 ? 
ATOM   925  C  C   . LYS A 1 116 ? 9.521   -6.252  -11.422 1.000 14.944 0 116 LYS AAA C   1 ? 
ATOM   926  O  O   . LYS A 1 116 ? 10.214  -7.138  -10.980 1.000 16.815 0 116 LYS AAA O   1 ? 
ATOM   927  C  CB  . LYS A 1 116 ? 9.764   -4.249  -9.791  1.000 17.325 0 116 LYS AAA CB  1 ? 
ATOM   928  C  CG  . LYS A 1 116 ? 10.547  -3.393  -10.761 1.000 17.662 0 116 LYS AAA CG  1 ? 
ATOM   929  C  CD  . LYS A 1 116 ? 11.463  -2.462  -10.054 1.000 18.551 0 116 LYS AAA CD  1 ? 
ATOM   930  C  CE  . LYS A 1 116 ? 12.153  -1.507  -10.986 1.000 19.047 0 116 LYS AAA CE  1 ? 
ATOM   931  N  NZ  . LYS A 1 116 ? 12.963  -0.516  -10.253 1.000 18.456 0 116 LYS AAA NZ  1 ? 
ATOM   932  N  N   . GLY A 1 117 ? 9.343   -6.056  -12.724 1.000 17.574 0 117 GLY AAA N   1 ? 
ATOM   933  C  CA  . GLY A 1 117 ? 9.942   -6.939  -13.740 1.000 18.741 0 117 GLY AAA CA  1 ? 
ATOM   934  C  C   . GLY A 1 117 ? 9.257   -8.289  -13.851 1.000 19.464 0 117 GLY AAA C   1 ? 
ATOM   935  O  O   . GLY A 1 117 ? 9.784   -9.162  -14.584 1.000 22.132 0 117 GLY AAA O   1 ? 
ATOM   936  N  N   . THR A 1 118 ? 8.100   -8.436  -13.219 1.000 15.748 0 118 THR AAA N   1 ? 
ATOM   937  C  CA  . THR A 1 118 ? 7.264   -9.644  -13.376 1.000 15.372 0 118 THR AAA CA  1 ? 
ATOM   938  C  C   . THR A 1 118 ? 6.017   -9.190  -14.118 1.000 15.897 0 118 THR AAA C   1 ? 
ATOM   939  O  O   . THR A 1 118 ? 5.736   -7.942  -14.286 1.000 19.354 0 118 THR AAA O   1 ? 
ATOM   940  C  CB  . THR A 1 118 ? 6.890   -10.312 -12.050 1.000 17.411 0 118 THR AAA CB  1 ? 
ATOM   941  O  OG1 . THR A 1 118 ? 5.849   -9.591  -11.401 1.000 17.151 0 118 THR AAA OG1 1 ? 
ATOM   942  C  CG2 . THR A 1 118 ? 8.042   -10.539 -11.102 1.000 18.339 0 118 THR AAA CG2 1 ? 
ATOM   943  N  N   A ASP A 1 119 ? 5.219   -10.164 -14.563 0.500 15.975 0 119 ASP AAA N   1 ? 
ATOM   944  N  N   B ASP A 1 119 ? 5.278   -10.221 -14.514 0.500 18.072 0 119 ASP AAA N   1 ? 
ATOM   945  C  CA  A ASP A 1 119 ? 3.983   -9.852  -15.318 0.500 15.562 0 119 ASP AAA CA  1 ? 
ATOM   946  C  CA  B ASP A 1 119 ? 3.973   -10.102 -15.184 0.500 20.252 0 119 ASP AAA CA  1 ? 
ATOM   947  C  C   A ASP A 1 119 ? 2.855   -9.725  -14.301 0.500 15.866 0 119 ASP AAA C   1 ? 
ATOM   948  C  C   B ASP A 1 119 ? 2.936   -9.804  -14.109 0.500 17.517 0 119 ASP AAA C   1 ? 
ATOM   949  O  O   A ASP A 1 119 ? 2.048   -10.682 -14.151 0.500 16.234 0 119 ASP AAA O   1 ? 
ATOM   950  O  O   B ASP A 1 119 ? 2.298   -10.806 -13.647 0.500 18.749 0 119 ASP AAA O   1 ? 
ATOM   951  C  CB  A ASP A 1 119 ? 3.683   -10.907 -16.379 0.500 15.228 0 119 ASP AAA CB  1 ? 
ATOM   952  C  CB  B ASP A 1 119 ? 3.620   -11.444 -15.823 0.500 20.444 0 119 ASP AAA CB  1 ? 
ATOM   953  C  CG  A ASP A 1 119 ? 4.743   -10.839 -17.451 0.500 15.169 0 119 ASP AAA CG  1 ? 
ATOM   954  C  CG  B ASP A 1 119 ? 2.258   -11.462 -16.490 0.500 25.894 0 119 ASP AAA CG  1 ? 
ATOM   955  O  OD1 A ASP A 1 119 ? 4.992   -9.681  -17.925 0.500 15.316 0 119 ASP AAA OD1 1 ? 
ATOM   956  O  OD1 B ASP A 1 119 ? 1.802   -10.364 -16.852 0.500 28.530 0 119 ASP AAA OD1 1 ? 
ATOM   957  O  OD2 A ASP A 1 119 ? 5.427   -11.820 -17.649 0.500 16.426 0 119 ASP AAA OD2 1 ? 
ATOM   958  O  OD2 B ASP A 1 119 ? 1.662   -12.574 -16.608 0.500 28.577 0 119 ASP AAA OD2 1 ? 
ATOM   959  N  N   . VAL A 1 120 ? 2.755   -8.532  -13.753 1.000 19.625 0 120 VAL AAA N   1 ? 
ATOM   960  C  CA  . VAL A 1 120 ? 1.828   -8.186  -12.646 1.000 20.362 0 120 VAL AAA CA  1 ? 
ATOM   961  C  C   . VAL A 1 120 ? 0.365   -8.300  -13.117 1.000 21.237 0 120 VAL AAA C   1 ? 
ATOM   962  O  O   . VAL A 1 120 ? -0.474  -8.374  -12.262 1.000 20.940 0 120 VAL AAA O   1 ? 
ATOM   963  C  CB  . VAL A 1 120 ? 2.193   -6.819  -12.052 1.000 22.165 0 120 VAL AAA CB  1 ? 
ATOM   964  C  CG1 . VAL A 1 120 ? 3.556   -6.870  -11.372 1.000 21.725 0 120 VAL AAA CG1 1 ? 
ATOM   965  C  CG2 . VAL A 1 120 ? 2.176   -5.733  -13.098 1.000 22.837 0 120 VAL AAA CG2 1 ? 
ATOM   966  N  N   . GLN A 1 121 ? 0.070   -8.310  -14.418 1.000 22.239 0 121 GLN AAA N   1 ? 
ATOM   967  C  CA  . GLN A 1 121 ? -1.293  -8.593  -14.964 1.000 24.295 0 121 GLN AAA CA  1 ? 
ATOM   968  C  C   . GLN A 1 121 ? -1.861  -9.914  -14.408 1.000 21.104 0 121 GLN AAA C   1 ? 
ATOM   969  O  O   . GLN A 1 121 ? -3.070  -10.013 -14.232 1.000 21.779 0 121 GLN AAA O   1 ? 
ATOM   970  C  CB  . GLN A 1 121 ? -1.253  -8.628  -16.499 1.000 28.623 0 121 GLN AAA CB  1 ? 
ATOM   971  C  CG  . GLN A 1 121 ? -2.396  -9.424  -17.133 1.000 35.562 0 121 GLN AAA CG  1 ? 
ATOM   972  C  CD  . GLN A 1 121 ? -3.711  -8.685  -17.099 1.000 42.960 0 121 GLN AAA CD  1 ? 
ATOM   973  O  OE1 . GLN A 1 121 ? -4.739  -9.220  -16.679 1.000 54.179 0 121 GLN AAA OE1 1 ? 
ATOM   974  N  NE2 . GLN A 1 121 ? -3.693  -7.438  -17.547 1.000 47.140 0 121 GLN AAA NE2 1 ? 
ATOM   975  N  N   . ALA A 1 122 ? -1.006  -10.878 -14.095 1.000 18.953 0 122 ALA AAA N   1 ? 
ATOM   976  C  CA  . ALA A 1 122 ? -1.404  -12.185 -13.531 1.000 17.155 0 122 ALA AAA CA  1 ? 
ATOM   977  C  C   . ALA A 1 122 ? -2.243  -11.970 -12.244 1.000 16.607 0 122 ALA AAA C   1 ? 
ATOM   978  O  O   . ALA A 1 122 ? -3.067  -12.759 -11.919 1.000 19.564 0 122 ALA AAA O   1 ? 
ATOM   979  C  CB  . ALA A 1 122 ? -0.172  -13.031 -13.252 1.000 19.632 0 122 ALA AAA CB  1 ? 
ATOM   980  N  N   . TRP A 1 123 ? -1.976  -10.896 -11.515 1.000 15.132 0 123 TRP AAA N   1 ? 
ATOM   981  C  CA  . TRP A 1 123 ? -2.606  -10.629 -10.203 1.000 14.354 0 123 TRP AAA CA  1 ? 
ATOM   982  C  C   . TRP A 1 123 ? -4.078  -10.237 -10.359 1.000 14.271 0 123 TRP AAA C   1 ? 
ATOM   983  O  O   . TRP A 1 123 ? -4.770  -10.279 -9.346  1.000 15.769 0 123 TRP AAA O   1 ? 
ATOM   984  C  CB  . TRP A 1 123 ? -1.783  -9.560  -9.457  1.000 14.734 0 123 TRP AAA CB  1 ? 
ATOM   985  C  CG  . TRP A 1 123 ? -0.552  -10.215 -8.933  1.000 16.507 0 123 TRP AAA CG  1 ? 
ATOM   986  C  CD1 . TRP A 1 123 ? 0.680   -10.249 -9.520  1.000 20.105 0 123 TRP AAA CD1 1 ? 
ATOM   987  C  CD2 . TRP A 1 123 ? -0.486  -11.102 -7.817  1.000 17.638 0 123 TRP AAA CD2 1 ? 
ATOM   988  N  NE1 . TRP A 1 123 ? 1.532   -11.038 -8.793  1.000 17.836 0 123 TRP AAA NE1 1 ? 
ATOM   989  C  CE2 . TRP A 1 123 ? 0.836   -11.616 -7.769  1.000 19.956 0 123 TRP AAA CE2 1 ? 
ATOM   990  C  CE3 . TRP A 1 123 ? -1.423  -11.544 -6.874  1.000 19.646 0 123 TRP AAA CE3 1 ? 
ATOM   991  C  CZ2 . TRP A 1 123 ? 1.225   -12.551 -6.804  1.000 21.338 0 123 TRP AAA CZ2 1 ? 
ATOM   992  C  CZ3 . TRP A 1 123 ? -1.029  -12.451 -5.910  1.000 22.261 0 123 TRP AAA CZ3 1 ? 
ATOM   993  C  CH2 . TRP A 1 123 ? 0.283   -12.941 -5.881  1.000 23.032 0 123 TRP AAA CH2 1 ? 
ATOM   994  N  N   . ILE A 1 124 ? -4.529  -9.879  -11.571 1.000 16.742 0 124 ILE AAA N   1 ? 
ATOM   995  C  CA  . ILE A 1 124 ? -5.965  -9.543  -11.792 1.000 18.940 0 124 ILE AAA CA  1 ? 
ATOM   996  C  C   . ILE A 1 124 ? -6.640  -10.629 -12.647 1.000 21.066 0 124 ILE AAA C   1 ? 
ATOM   997  O  O   . ILE A 1 124 ? -7.820  -10.388 -13.073 1.000 22.549 0 124 ILE AAA O   1 ? 
ATOM   998  C  CB  . ILE A 1 124 ? -6.186  -8.106  -12.280 1.000 21.712 0 124 ILE AAA CB  1 ? 
ATOM   999  C  CG1 . ILE A 1 124 ? -5.515  -7.852  -13.630 1.000 24.867 0 124 ILE AAA CG1 1 ? 
ATOM   1000 C  CG2 . ILE A 1 124 ? -5.744  -7.095  -11.219 1.000 21.913 0 124 ILE AAA CG2 1 ? 
ATOM   1001 C  CD1 . ILE A 1 124 ? -5.848  -6.505  -14.234 1.000 26.485 0 124 ILE AAA CD1 1 ? 
ATOM   1002 N  N   . ARG A 1 125 ? -5.965  -11.758 -12.875 1.000 22.131 0 125 ARG AAA N   1 ? 
ATOM   1003 C  CA  . ARG A 1 125 ? -6.522  -12.883 -13.674 1.000 25.462 0 125 ARG AAA CA  1 ? 
ATOM   1004 C  C   . ARG A 1 125 ? -7.839  -13.333 -13.046 1.000 23.922 0 125 ARG AAA C   1 ? 
ATOM   1005 O  O   . ARG A 1 125 ? -7.926  -13.490 -11.829 1.000 21.169 0 125 ARG AAA O   1 ? 
ATOM   1006 C  CB  . ARG A 1 125 ? -5.513  -14.025 -13.847 1.000 31.736 0 125 ARG AAA CB  1 ? 
ATOM   1007 C  CG  . ARG A 1 125 ? -5.209  -14.829 -12.590 1.000 34.564 0 125 ARG AAA CG  1 ? 
ATOM   1008 C  CD  . ARG A 1 125 ? -4.304  -16.011 -12.921 1.000 40.066 0 125 ARG AAA CD  1 ? 
ATOM   1009 N  NE  . ARG A 1 125 ? -5.062  -17.176 -13.376 1.000 41.724 0 125 ARG AAA NE  1 ? 
ATOM   1010 C  CZ  . ARG A 1 125 ? -4.573  -18.196 -14.089 1.000 43.781 0 125 ARG AAA CZ  1 ? 
ATOM   1011 N  NH1 . ARG A 1 125 ? -3.304  -18.223 -14.465 1.000 47.188 0 125 ARG AAA NH1 1 ? 
ATOM   1012 N  NH2 . ARG A 1 125 ? -5.367  -19.191 -14.439 1.000 46.683 0 125 ARG AAA NH2 1 ? 
ATOM   1013 N  N   . GLY A 1 126 ? -8.857  -13.490 -13.896 1.000 23.849 0 126 GLY AAA N   1 ? 
ATOM   1014 C  CA  . GLY A 1 126 ? -10.145 -14.074 -13.497 1.000 24.927 0 126 GLY AAA CA  1 ? 
ATOM   1015 C  C   . GLY A 1 126 ? -11.080 -13.053 -12.879 1.000 22.445 0 126 GLY AAA C   1 ? 
ATOM   1016 O  O   . GLY A 1 126 ? -12.293 -13.367 -12.800 1.000 27.378 0 126 GLY AAA O   1 ? 
ATOM   1017 N  N   . CYS A 1 127 ? -10.603 -11.849 -12.517 1.000 19.718 0 127 CYS AAA N   1 ? 
ATOM   1018 C  CA  . CYS A 1 127 ? -11.466 -10.863 -11.810 1.000 19.165 0 127 CYS AAA CA  1 ? 
ATOM   1019 C  C   . CYS A 1 127 ? -12.356 -10.171 -12.853 1.000 20.671 0 127 CYS AAA C   1 ? 
ATOM   1020 O  O   . CYS A 1 127 ? -11.908 -9.973  -13.999 1.000 21.121 0 127 CYS AAA O   1 ? 
ATOM   1021 C  CB  . CYS A 1 127 ? -10.638 -9.780  -11.119 1.000 18.533 0 127 CYS AAA CB  1 ? 
ATOM   1022 S  SG  . CYS A 1 127 ? -9.366  -10.381 -9.964  1.000 21.888 0 127 CYS AAA SG  1 ? 
ATOM   1023 N  N   A ARG A 1 128 ? -13.580 -9.810  -12.457 0.500 21.774 0 128 ARG AAA N   1 ? 
ATOM   1024 N  N   B ARG A 1 128 ? -13.584 -9.819  -12.457 0.500 22.514 0 128 ARG AAA N   1 ? 
ATOM   1025 C  CA  A ARG A 1 128 ? -14.532 -9.011  -13.274 0.500 24.684 0 128 ARG AAA CA  1 ? 
ATOM   1026 C  CA  B ARG A 1 128 ? -14.532 -9.003  -13.263 0.500 25.857 0 128 ARG AAA CA  1 ? 
ATOM   1027 C  C   A ARG A 1 128 ? -14.354 -7.563  -12.825 0.500 28.850 0 128 ARG AAA C   1 ? 
ATOM   1028 C  C   B ARG A 1 128 ? -14.335 -7.561  -12.811 0.500 29.596 0 128 ARG AAA C   1 ? 
ATOM   1029 O  O   A ARG A 1 128 ? -14.831 -7.224  -11.711 0.500 31.803 0 128 ARG AAA O   1 ? 
ATOM   1030 O  O   B ARG A 1 128 ? -14.780 -7.227  -11.682 0.500 32.342 0 128 ARG AAA O   1 ? 
ATOM   1031 C  CB  A ARG A 1 128 ? -15.972 -9.503  -13.101 0.500 26.527 0 128 ARG AAA CB  1 ? 
ATOM   1032 C  CB  B ARG A 1 128 ? -15.980 -9.454  -13.060 0.500 28.771 0 128 ARG AAA CB  1 ? 
ATOM   1033 C  CG  A ARG A 1 128 ? -16.127 -11.014 -12.987 0.500 28.244 0 128 ARG AAA CG  1 ? 
ATOM   1034 C  CG  B ARG A 1 128 ? -16.196 -10.957 -13.150 0.500 31.374 0 128 ARG AAA CG  1 ? 
ATOM   1035 C  CD  A ARG A 1 128 ? -17.585 -11.424 -13.100 0.500 28.508 0 128 ARG AAA CD  1 ? 
ATOM   1036 C  CD  B ARG A 1 128 ? -17.659 -11.319 -12.979 0.500 32.745 0 128 ARG AAA CD  1 ? 
ATOM   1037 N  NE  A ARG A 1 128 ? -17.864 -12.860 -13.000 0.500 28.704 0 128 ARG AAA NE  1 ? 
ATOM   1038 N  NE  B ARG A 1 128 ? -17.956 -12.745 -13.109 0.500 34.067 0 128 ARG AAA NE  1 ? 
ATOM   1039 C  CZ  A ARG A 1 128 ? -17.957 -13.534 -11.854 0.500 25.881 0 128 ARG AAA CZ  1 ? 
ATOM   1040 C  CZ  B ARG A 1 128 ? -18.699 -13.283 -14.068 0.500 33.051 0 128 ARG AAA CZ  1 ? 
ATOM   1041 N  NH1 A ARG A 1 128 ? -18.238 -14.823 -11.859 0.500 25.801 0 128 ARG AAA NH1 1 ? 
ATOM   1042 N  NH1 B ARG A 1 128 ? -18.914 -14.587 -14.082 0.500 31.513 0 128 ARG AAA NH1 1 ? 
ATOM   1043 N  NH2 A ARG A 1 128 ? -17.782 -12.928 -10.702 0.500 25.381 0 128 ARG AAA NH2 1 ? 
ATOM   1044 N  NH2 B ARG A 1 128 ? -19.215 -12.517 -15.015 0.500 35.085 0 128 ARG AAA NH2 1 ? 
ATOM   1045 N  N   . LEU A 1 129 ? -13.628 -6.777  -13.619 1.000 31.054 0 129 LEU AAA N   1 ? 
ATOM   1046 C  CA  . LEU A 1 129 ? -13.096 -5.456  -13.209 1.000 35.158 0 129 LEU AAA CA  1 ? 
ATOM   1047 C  C   . LEU A 1 129 ? -13.512 -4.358  -14.186 1.000 35.234 0 129 LEU AAA C   1 ? 
ATOM   1048 O  O   . LEU A 1 129 ? -13.975 -3.343  -13.680 1.000 38.949 0 129 LEU AAA O   1 ? 
ATOM   1049 C  CB  . LEU A 1 129 ? -11.577 -5.561  -13.136 1.000 34.055 0 129 LEU AAA CB  1 ? 
ATOM   1050 C  CG  . LEU A 1 129 ? -11.013 -6.082  -11.818 1.000 32.814 0 129 LEU AAA CG  1 ? 
ATOM   1051 C  CD1 . LEU A 1 129 ? -9.524  -6.291  -11.969 1.000 32.307 0 129 LEU AAA CD1 1 ? 
ATOM   1052 C  CD2 . LEU A 1 129 ? -11.306 -5.148  -10.649 1.000 33.413 0 129 LEU AAA CD2 1 ? 
ATOM   1053 O  OXT . LEU A 1 129 ? -13.388 -4.445  -15.416 1.000 45.246 0 129 LEU AAA OXT 1 ? 
HETATM 1054 N  N1  . EPE B 2 .   ? 11.193  -0.786  6.039   0.800 25.244 0 201 EPE AAA N1  1 ? 
HETATM 1055 C  C2  . EPE B 2 .   ? 10.814  -1.882  5.125   0.800 21.768 0 201 EPE AAA C2  1 ? 
HETATM 1056 C  C3  . EPE B 2 .   ? 9.985   -1.357  3.969   0.800 20.086 0 201 EPE AAA C3  1 ? 
HETATM 1057 N  N4  . EPE B 2 .   ? 8.985   -0.402  4.455   0.800 20.586 0 201 EPE AAA N4  1 ? 
HETATM 1058 C  C5  . EPE B 2 .   ? 9.675   0.798   4.978   0.800 20.856 0 201 EPE AAA C5  1 ? 
HETATM 1059 C  C6  . EPE B 2 .   ? 11.092  0.514   5.396   0.800 27.010 0 201 EPE AAA C6  1 ? 
HETATM 1060 C  C7  . EPE B 2 .   ? 8.062   0.038   3.402   0.800 18.697 0 201 EPE AAA C7  1 ? 
HETATM 1061 C  C8  . EPE B 2 .   ? 7.180   -1.059  2.871   0.800 17.640 0 201 EPE AAA C8  1 ? 
HETATM 1062 O  O8  . EPE B 2 .   ? 7.872   -1.658  1.793   0.800 16.882 0 201 EPE AAA O8  1 ? 
HETATM 1063 C  C9  . EPE B 2 .   ? 12.404  -0.923  6.870   0.800 27.829 0 201 EPE AAA C9  1 ? 
HETATM 1064 C  C10 . EPE B 2 .   ? 13.296  -2.131  6.732   0.800 25.293 0 201 EPE AAA C10 1 ? 
HETATM 1065 S  S   . EPE B 2 .   ? 14.457  -2.207  8.085   0.800 26.988 0 201 EPE AAA S   1 ? 
HETATM 1066 O  O1S . EPE B 2 .   ? 13.686  -2.439  9.272   0.800 26.112 0 201 EPE AAA O1S 1 ? 
HETATM 1067 O  O2S . EPE B 2 .   ? 15.364  -3.249  7.684   0.800 28.956 0 201 EPE AAA O2S 1 ? 
HETATM 1068 O  O3S . EPE B 2 .   ? 15.169  -0.875  8.159   0.800 22.554 0 201 EPE AAA O3S 1 ? 
HETATM 1069 RU RU1 . ZJK C 3 .   ? 9.848   12.933  -0.433  0.300 8.597  0 202 ZJK AAA RU1 1 ? 
HETATM 1070 RU RU2 . ZJK C 3 .   ? 10.969  10.897  -0.620  0.300 8.631  0 202 ZJK AAA RU2 1 ? 
HETATM 1071 O  O1  . ZJK C 3 .   ? 10.037  10.224  1.107   0.300 9.903  0 202 ZJK AAA O1  1 ? 
HETATM 1072 O  O2  . ZJK C 3 .   ? 8.846   12.117  1.215   0.300 10.755 0 202 ZJK AAA O2  1 ? 
HETATM 1073 N  N1  . ZJK C 3 .   ? 11.862  11.488  -2.358  0.300 10.390 0 202 ZJK AAA N1  1 ? 
HETATM 1074 N  N4  . ZJK C 3 .   ? 12.458  11.741  0.493   0.300 8.798  0 202 ZJK AAA N4  1 ? 
HETATM 1075 N  N3  . ZJK C 3 .   ? 11.361  13.773  0.657   0.300 8.270  0 202 ZJK AAA N3  1 ? 
HETATM 1076 N  N2  . ZJK C 3 .   ? 10.678  13.485  -2.208  0.300 10.406 0 202 ZJK AAA N2  1 ? 
HETATM 1077 C  C1  . ZJK C 3 .   ? 13.543  10.915  0.934   0.300 9.692  0 202 ZJK AAA C1  1 ? 
HETATM 1078 C  C2  . ZJK C 3 .   ? 12.269  16.029  1.324   0.300 9.321  0 202 ZJK AAA C2  1 ? 
HETATM 1079 C  C3  . ZJK C 3 .   ? 11.300  15.026  1.370   0.300 8.397  0 202 ZJK AAA C3  1 ? 
HETATM 1080 C  C4  . ZJK C 3 .   ? 13.407  9.817   1.770   0.300 11.579 0 202 ZJK AAA C4  1 ? 
HETATM 1081 C  C5  . ZJK C 3 .   ? 12.635  10.642  -3.205  0.300 10.358 0 202 ZJK AAA C5  1 ? 
HETATM 1082 C  C6  . ZJK C 3 .   ? 15.790  9.289   1.712   0.300 12.475 0 202 ZJK AAA C6  1 ? 
HETATM 1083 C  C7  . ZJK C 3 .   ? 10.220  15.249  2.204   0.300 9.004  0 202 ZJK AAA C7  1 ? 
HETATM 1084 C  C8  . ZJK C 3 .   ? 9.217   10.998  1.649   0.300 9.686  0 202 ZJK AAA C8  1 ? 
HETATM 1085 C  C9  . ZJK C 3 .   ? 10.376  14.744  -2.801  0.300 8.799  0 202 ZJK AAA C9  1 ? 
HETATM 1086 C  C10 . ZJK C 3 .   ? 10.077  16.418  2.931   0.300 9.621  0 202 ZJK AAA C10 1 ? 
HETATM 1087 C  C11 . ZJK C 3 .   ? 14.830  11.100  0.480   0.300 11.102 0 202 ZJK AAA C11 1 ? 
HETATM 1088 C  C12 . ZJK C 3 .   ? 14.506  9.058   2.135   0.300 11.266 0 202 ZJK AAA C12 1 ? 
HETATM 1089 C  C13 . ZJK C 3 .   ? 11.472  12.650  -2.840  0.300 9.208  0 202 ZJK AAA C13 1 ? 
HETATM 1090 C  C14 . ZJK C 3 .   ? 10.989  17.434  2.848   0.300 9.927  0 202 ZJK AAA C14 1 ? 
HETATM 1091 C  C15 . ZJK C 3 .   ? 12.343  10.553  -4.557  0.300 10.759 0 202 ZJK AAA C15 1 ? 
HETATM 1092 C  C16 . ZJK C 3 .   ? 12.323  12.961  1.020   0.300 8.975  0 202 ZJK AAA C16 1 ? 
HETATM 1093 C  C17 . ZJK C 3 .   ? 15.919  10.344  0.861   0.300 11.216 0 202 ZJK AAA C17 1 ? 
HETATM 1094 C  C18 . ZJK C 3 .   ? 12.085  17.202  2.053   0.300 10.191 0 202 ZJK AAA C18 1 ? 
HETATM 1095 C  C20 . ZJK C 3 .   ? 13.688  9.880   -2.759  0.300 11.013 0 202 ZJK AAA C20 1 ? 
HETATM 1096 C  C21 . ZJK C 3 .   ? 10.938  15.858  -2.221  0.300 8.838  0 202 ZJK AAA C21 1 ? 
HETATM 1097 C  C23 . ZJK C 3 .   ? 9.604   14.934  -3.925  0.300 9.229  0 202 ZJK AAA C23 1 ? 
HETATM 1098 C  C25 . ZJK C 3 .   ? 13.080  9.735   -5.424  0.300 10.862 0 202 ZJK AAA C25 1 ? 
HETATM 1099 C  C26 . ZJK C 3 .   ? 14.429  9.091   -3.633  0.300 11.307 0 202 ZJK AAA C26 1 ? 
HETATM 1100 C  C27 . ZJK C 3 .   ? 9.417   16.222  -4.427  0.300 9.361  0 202 ZJK AAA C27 1 ? 
HETATM 1101 C  C28 . ZJK C 3 .   ? 10.740  17.113  -2.745  0.300 9.475  0 202 ZJK AAA C28 1 ? 
HETATM 1102 C  C29 . ZJK C 3 .   ? 14.124  8.987   -4.955  0.300 11.611 0 202 ZJK AAA C29 1 ? 
HETATM 1103 C  C30 . ZJK C 3 .   ? 9.954   17.343  -3.829  0.300 8.923  0 202 ZJK AAA C30 1 ? 
HETATM 1104 O  O5  . ZJK C 3 .   ? 11.625  8.616   -0.545  0.300 9.772  0 202 ZJK AAA O5  1 ? 
HETATM 1105 RU RU1 . ZJK D 3 .   ? 6.745   -11.992 -19.029 0.300 9.191  0 203 ZJK AAA RU1 1 ? 
HETATM 1106 RU RU2 . ZJK D 3 .   ? 6.489   -9.751  -19.437 0.300 9.432  0 203 ZJK AAA RU2 1 ? 
HETATM 1107 O  O1  . ZJK D 3 .   ? 5.046   -10.342 -20.800 0.300 9.578  0 203 ZJK AAA O1  1 ? 
HETATM 1108 O  O2  . ZJK D 3 .   ? 5.160   -12.457 -20.321 0.300 8.234  0 203 ZJK AAA O2  1 ? 
HETATM 1109 N  N1  . ZJK D 3 .   ? 7.758   -9.178  -17.939 0.300 8.230  0 203 ZJK AAA N1  1 ? 
HETATM 1110 N  N4  . ZJK D 3 .   ? 7.736   -9.859  -21.033 0.300 10.161 0 203 ZJK AAA N4  1 ? 
HETATM 1111 N  N3  . ZJK D 3 .   ? 8.028   -12.090 -20.613 0.300 10.383 0 203 ZJK AAA N3  1 ? 
HETATM 1112 N  N2  . ZJK D 3 .   ? 8.158   -11.416 -17.645 0.300 9.956  0 203 ZJK AAA N2  1 ? 
HETATM 1113 C  C1  . ZJK D 3 .   ? 8.173   -8.667  -21.689 0.300 11.671 0 203 ZJK AAA C1  1 ? 
HETATM 1114 C  C2  . ZJK D 3 .   ? 8.990   -14.323 -20.609 0.300 11.929 0 203 ZJK AAA C2  1 ? 
HETATM 1115 C  C3  . ZJK D 3 .   ? 8.362   -13.300 -21.296 0.300 11.293 0 203 ZJK AAA C3  1 ? 
HETATM 1116 C  C4  . ZJK D 3 .   ? 7.309   -8.128  -22.629 0.300 13.313 0 203 ZJK AAA C4  1 ? 
HETATM 1117 C  C5  . ZJK D 3 .   ? 8.289   -7.885  -17.685 0.300 8.078  0 203 ZJK AAA C5  1 ? 
HETATM 1118 C  C6  . ZJK D 3 .   ? 8.818   -6.389  -23.095 0.300 12.533 0 203 ZJK AAA C6  1 ? 
HETATM 1119 C  C7  . ZJK D 3 .   ? 8.008   -13.429 -22.623 0.300 11.885 0 203 ZJK AAA C7  1 ? 
HETATM 1120 C  C8  . ZJK D 3 .   ? 4.616   -11.532 -20.944 0.300 7.820  0 203 ZJK AAA C8  1 ? 
HETATM 1121 C  C9  . ZJK D 3 .   ? 8.904   -12.420 -16.940 0.300 10.917 0 203 ZJK AAA C9  1 ? 
HETATM 1122 C  C10 . ZJK D 3 .   ? 8.306   -14.621 -23.258 0.300 12.240 0 203 ZJK AAA C10 1 ? 
HETATM 1123 C  C11 . ZJK D 3 .   ? 9.361   -8.023  -21.430 0.300 11.866 0 203 ZJK AAA C11 1 ? 
HETATM 1124 C  C12 . ZJK D 3 .   ? 7.615   -6.984  -23.341 0.300 13.111 0 203 ZJK AAA C12 1 ? 
HETATM 1125 C  C13 . ZJK D 3 .   ? 8.467   -10.143 -17.407 0.300 8.926  0 203 ZJK AAA C13 1 ? 
HETATM 1126 C  C14 . ZJK D 3 .   ? 8.913   -15.637 -22.582 0.300 13.230 0 203 ZJK AAA C14 1 ? 
HETATM 1127 C  C15 . ZJK D 3 .   ? 7.396   -6.935  -17.252 0.300 8.572  0 203 ZJK AAA C15 1 ? 
HETATM 1128 C  C16 . ZJK D 3 .   ? 8.433   -10.962 -21.161 0.300 10.091 0 203 ZJK AAA C16 1 ? 
HETATM 1129 C  C17 . ZJK D 3 .   ? 9.658   -6.886  -22.144 0.300 11.730 0 203 ZJK AAA C17 1 ? 
HETATM 1130 C  C18 . ZJK D 3 .   ? 9.262   -15.521 -21.258 0.300 12.458 0 203 ZJK AAA C18 1 ? 
HETATM 1131 C  C20 . ZJK D 3 .   ? 9.636   -7.688  -17.886 0.300 9.278  0 203 ZJK AAA C20 1 ? 
HETATM 1132 C  C21 . ZJK D 3 .   ? 10.257  -12.611 -17.104 0.300 11.799 0 203 ZJK AAA C21 1 ? 
HETATM 1133 C  C23 . ZJK D 3 .   ? 8.238   -13.353 -16.168 0.300 12.737 0 203 ZJK AAA C23 1 ? 
HETATM 1134 C  C25 . ZJK D 3 .   ? 7.887   -5.650  -16.987 0.300 8.292  0 203 ZJK AAA C25 1 ? 
HETATM 1135 C  C26 . ZJK D 3 .   ? 10.096  -6.404  -17.615 0.300 9.284  0 203 ZJK AAA C26 1 ? 
HETATM 1136 C  C27 . ZJK D 3 .   ? 8.937   -14.373 -15.524 0.300 12.945 0 203 ZJK AAA C27 1 ? 
HETATM 1137 C  C28 . ZJK D 3 .   ? 10.960  -13.596 -16.452 0.300 11.952 0 203 ZJK AAA C28 1 ? 
HETATM 1138 C  C29 . ZJK D 3 .   ? 9.217   -5.453  -17.191 0.300 9.653  0 203 ZJK AAA C29 1 ? 
HETATM 1139 C  C30 . ZJK D 3 .   ? 10.298  -14.493 -15.671 0.300 12.999 0 203 ZJK AAA C30 1 ? 
HETATM 1140 O  O5  . ZJK D 3 .   ? 5.521   -7.592  -19.704 0.300 9.165  0 203 ZJK AAA O5  1 ? 
HETATM 1141 O  O   . HOH E 4 .   ? 5.418   9.862   12.008  1.000 16.947 0 301 HOH AAA O   1 ? 
HETATM 1142 O  O   . HOH E 4 .   ? 3.957   12.910  -2.676  1.000 28.998 0 302 HOH AAA O   1 ? 
HETATM 1143 O  O   . HOH E 4 .   ? -15.510 -5.845  0.085   1.000 29.621 0 303 HOH AAA O   1 ? 
HETATM 1144 O  O   . HOH E 4 .   ? 4.442   12.504  -9.319  1.000 32.365 0 304 HOH AAA O   1 ? 
HETATM 1145 O  O   . HOH E 4 .   ? 1.815   -14.890 -15.624 1.000 38.787 0 305 HOH AAA O   1 ? 
HETATM 1146 O  O   . HOH E 4 .   ? 6.839   -8.234  2.732   1.000 28.509 0 306 HOH AAA O   1 ? 
HETATM 1147 O  O   . HOH E 4 .   ? 6.939   8.895   -8.374  1.000 25.240 0 307 HOH AAA O   1 ? 
HETATM 1148 O  O   . HOH E 4 .   ? 4.794   16.083  9.368   1.000 42.452 0 308 HOH AAA O   1 ? 
HETATM 1149 O  O   . HOH E 4 .   ? 7.366   -12.817 -7.521  1.000 29.572 0 309 HOH AAA O   1 ? 
HETATM 1150 O  O   . HOH E 4 .   ? -4.664  -0.954  5.123   1.000 23.064 0 310 HOH AAA O   1 ? 
HETATM 1151 O  O   . HOH E 4 .   ? 7.485   5.886   -11.281 1.000 36.966 0 311 HOH AAA O   1 ? 
HETATM 1152 O  O   A HOH E 4 .   ? 7.617   -4.309  3.928   0.500 17.323 0 312 HOH AAA O   1 ? 
HETATM 1153 O  O   B HOH E 4 .   ? 7.078   -5.544  3.620   0.500 21.563 0 312 HOH AAA O   1 ? 
HETATM 1154 O  O   . HOH E 4 .   ? 3.248   -12.823 -12.312 1.000 28.964 0 313 HOH AAA O   1 ? 
HETATM 1155 O  O   . HOH E 4 .   ? 14.627  3.523   -6.266  1.000 39.137 0 314 HOH AAA O   1 ? 
HETATM 1156 O  O   . HOH E 4 .   ? 12.202  -9.145  -15.601 1.000 32.422 0 315 HOH AAA O   1 ? 
HETATM 1157 O  O   . HOH E 4 .   ? 6.536   -5.425  -14.385 1.000 33.488 0 316 HOH AAA O   1 ? 
HETATM 1158 O  O   . HOH E 4 .   ? 14.454  1.120   9.740   1.000 26.187 0 317 HOH AAA O   1 ? 
HETATM 1159 O  O   . HOH E 4 .   ? -7.039  -13.343 0.937   1.000 25.150 0 318 HOH AAA O   1 ? 
HETATM 1160 O  O   . HOH E 4 .   ? -8.090  1.283   12.728  1.000 31.239 0 319 HOH AAA O   1 ? 
HETATM 1161 O  O   . HOH E 4 .   ? 7.825   7.137   -4.466  1.000 28.117 0 320 HOH AAA O   1 ? 
HETATM 1162 O  O   . HOH E 4 .   ? -0.653  2.362   -16.324 1.000 38.780 0 321 HOH AAA O   1 ? 
HETATM 1163 O  O   . HOH E 4 .   ? 2.404   0.535   16.685  1.000 18.602 0 322 HOH AAA O   1 ? 
HETATM 1164 O  O   . HOH E 4 .   ? -13.824 2.137   0.272   1.000 30.722 0 323 HOH AAA O   1 ? 
HETATM 1165 O  O   . HOH E 4 .   ? 3.738   -4.272  15.207  0.500 23.876 0 324 HOH AAA O   1 ? 
HETATM 1166 O  O   . HOH E 4 .   ? -8.733  -2.361  -14.508 1.000 39.592 0 325 HOH AAA O   1 ? 
HETATM 1167 O  O   . HOH E 4 .   ? -5.638  5.689   17.108  1.000 29.302 0 326 HOH AAA O   1 ? 
HETATM 1168 O  O   . HOH E 4 .   ? -10.002 4.557   5.415   1.000 24.151 0 327 HOH AAA O   1 ? 
HETATM 1169 O  O   . HOH E 4 .   ? -9.468  -9.624  -15.111 1.000 25.949 0 328 HOH AAA O   1 ? 
HETATM 1170 O  O   . HOH E 4 .   ? -4.684  8.972   4.008   1.000 24.444 0 329 HOH AAA O   1 ? 
HETATM 1171 O  O   . HOH E 4 .   ? 4.560   10.844  21.427  1.000 34.788 0 330 HOH AAA O   1 ? 
HETATM 1172 O  O   . HOH E 4 .   ? 6.829   2.892   15.591  1.000 17.565 0 331 HOH AAA O   1 ? 
HETATM 1173 O  O   . HOH E 4 .   ? 10.694  7.578   1.783   1.000 36.416 0 332 HOH AAA O   1 ? 
HETATM 1174 O  O   . HOH E 4 .   ? 2.469   3.277   -17.481 1.000 23.633 0 333 HOH AAA O   1 ? 
HETATM 1175 O  O   . HOH E 4 .   ? -7.138  -0.171  4.962   1.000 20.709 0 334 HOH AAA O   1 ? 
HETATM 1176 O  O   . HOH E 4 .   ? 6.783   -4.106  6.255   1.000 22.272 0 335 HOH AAA O   1 ? 
HETATM 1177 O  O   . HOH E 4 .   ? 13.760  -4.860  -8.508  1.000 39.672 0 336 HOH AAA O   1 ? 
HETATM 1178 O  O   . HOH E 4 .   ? -12.633 -9.997  2.948   1.000 34.215 0 337 HOH AAA O   1 ? 
HETATM 1179 O  O   . HOH E 4 .   ? 4.073   -11.306 -10.218 1.000 24.862 0 338 HOH AAA O   1 ? 
HETATM 1180 O  O   . HOH E 4 .   ? -3.685  11.609  -1.804  1.000 34.778 0 339 HOH AAA O   1 ? 
HETATM 1181 O  O   . HOH E 4 .   ? -0.713  -10.197 7.213   1.000 23.044 0 340 HOH AAA O   1 ? 
HETATM 1182 O  O   . HOH E 4 .   ? 15.650  5.533   8.877   1.000 36.695 0 341 HOH AAA O   1 ? 
HETATM 1183 O  O   . HOH E 4 .   ? -8.270  2.981   -11.038 1.000 23.688 0 342 HOH AAA O   1 ? 
HETATM 1184 O  O   . HOH E 4 .   ? -7.619  -8.606  9.472   1.000 18.154 0 343 HOH AAA O   1 ? 
HETATM 1185 O  O   . HOH E 4 .   ? 15.071  -2.287  -9.999  1.000 34.935 0 344 HOH AAA O   1 ? 
HETATM 1186 O  O   . HOH E 4 .   ? -4.465  -13.491 2.172   1.000 25.553 0 345 HOH AAA O   1 ? 
HETATM 1187 O  O   . HOH E 4 .   ? -6.925  10.355  -7.526  1.000 36.693 0 346 HOH AAA O   1 ? 
HETATM 1188 O  O   . HOH E 4 .   ? -14.017 -4.271  -3.182  1.000 26.103 0 347 HOH AAA O   1 ? 
HETATM 1189 O  O   A HOH E 4 .   ? -10.789 -5.178  10.106  0.500 18.352 0 348 HOH AAA O   1 ? 
HETATM 1190 O  O   B HOH E 4 .   ? -11.932 -5.987  10.624  0.500 26.828 0 348 HOH AAA O   1 ? 
HETATM 1191 O  O   . HOH E 4 .   ? 2.000   -12.899 1.021   1.000 27.003 0 349 HOH AAA O   1 ? 
HETATM 1192 O  O   . HOH E 4 .   ? 5.180   4.858   -14.137 1.000 24.448 0 350 HOH AAA O   1 ? 
HETATM 1193 O  O   . HOH E 4 .   ? 0.148   10.195  18.958  1.000 27.078 0 351 HOH AAA O   1 ? 
HETATM 1194 O  O   . HOH E 4 .   ? 6.088   -3.546  -12.721 1.000 29.754 0 352 HOH AAA O   1 ? 
HETATM 1195 O  O   . HOH E 4 .   ? -1.688  9.350   -12.434 1.000 27.846 0 353 HOH AAA O   1 ? 
HETATM 1196 O  O   . HOH E 4 .   ? 3.191   -8.200  6.595   1.000 31.153 0 354 HOH AAA O   1 ? 
HETATM 1197 O  O   . HOH E 4 .   ? 5.582   -12.998 -14.108 1.000 29.364 0 355 HOH AAA O   1 ? 
HETATM 1198 O  O   . HOH E 4 .   ? -2.832  -4.697  -14.283 1.000 26.995 0 356 HOH AAA O   1 ? 
HETATM 1199 O  O   . HOH E 4 .   ? -14.335 -10.614 -9.847  1.000 27.866 0 357 HOH AAA O   1 ? 
HETATM 1200 O  O   . HOH E 4 .   ? 10.942  -8.460  -8.579  1.000 21.339 0 358 HOH AAA O   1 ? 
HETATM 1201 O  O   . HOH E 4 .   ? 8.548   -3.548  7.903   1.000 38.105 0 359 HOH AAA O   1 ? 
HETATM 1202 O  O   . HOH E 4 .   ? -4.337  12.219  -6.510  1.000 34.119 0 360 HOH AAA O   1 ? 
HETATM 1203 O  O   . HOH E 4 .   ? -1.331  0.478   4.154   1.000 16.285 0 361 HOH AAA O   1 ? 
HETATM 1204 O  O   . HOH E 4 .   ? 5.790   -8.251  12.983  1.000 32.280 0 362 HOH AAA O   1 ? 
HETATM 1205 O  O   . HOH E 4 .   ? 6.128   2.614   3.780   1.000 28.037 0 363 HOH AAA O   1 ? 
HETATM 1206 O  O   . HOH E 4 .   ? -13.824 -0.940  -9.396  1.000 29.327 0 364 HOH AAA O   1 ? 
HETATM 1207 O  O   . HOH E 4 .   ? -14.998 -1.707  -3.973  1.000 27.781 0 365 HOH AAA O   1 ? 
HETATM 1208 O  O   . HOH E 4 .   ? -3.458  11.278  3.288   1.000 32.035 0 366 HOH AAA O   1 ? 
HETATM 1209 O  O   . HOH E 4 .   ? -11.899 -1.149  10.535  1.000 27.864 0 367 HOH AAA O   1 ? 
HETATM 1210 O  O   . HOH E 4 .   ? 5.305   1.157   21.939  1.000 22.433 0 368 HOH AAA O   1 ? 
HETATM 1211 O  O   . HOH E 4 .   ? -7.151  2.622   5.305   1.000 19.724 0 369 HOH AAA O   1 ? 
HETATM 1212 O  O   . HOH E 4 .   ? 4.874   8.751   14.227  1.000 23.706 0 370 HOH AAA O   1 ? 
HETATM 1213 O  O   . HOH E 4 .   ? -10.298 -13.281 -5.533  1.000 27.972 0 371 HOH AAA O   1 ? 
HETATM 1214 O  O   . HOH E 4 .   ? -6.513  -15.476 -5.332  1.000 34.364 0 372 HOH AAA O   1 ? 
HETATM 1215 O  O   . HOH E 4 .   ? 5.465   9.509   16.487  1.000 29.640 0 373 HOH AAA O   1 ? 
HETATM 1216 O  O   . HOH E 4 .   ? -9.491  4.912   8.057   1.000 29.152 0 374 HOH AAA O   1 ? 
HETATM 1217 O  O   . HOH E 4 .   ? -11.486 -10.690 6.731   1.000 30.510 0 375 HOH AAA O   1 ? 
HETATM 1218 O  O   A HOH E 4 .   ? 7.970   -13.799 -4.943  0.500 17.472 0 376 HOH AAA O   1 ? 
HETATM 1219 O  O   B HOH E 4 .   ? 6.840   -14.904 -6.400  0.500 21.993 0 376 HOH AAA O   1 ? 
HETATM 1220 O  O   . HOH E 4 .   ? 5.471   -15.235 0.754   1.000 19.899 0 377 HOH AAA O   1 ? 
HETATM 1221 O  O   . HOH E 4 .   ? -7.262  4.635   -15.955 1.000 34.946 0 378 HOH AAA O   1 ? 
HETATM 1222 O  O   . HOH E 4 .   ? -7.808  -14.381 -2.907  1.000 31.744 0 379 HOH AAA O   1 ? 
HETATM 1223 O  O   . HOH E 4 .   ? -11.819 -11.880 -4.100  1.000 23.049 0 380 HOH AAA O   1 ? 
HETATM 1224 O  O   . HOH E 4 .   ? 2.905   -3.162  -15.220 1.000 32.303 0 381 HOH AAA O   1 ? 
HETATM 1225 O  O   . HOH E 4 .   ? -2.776  12.863  12.231  1.000 37.887 0 382 HOH AAA O   1 ? 
HETATM 1226 O  O   . HOH E 4 .   ? 6.146   2.620   1.202   1.000 25.916 0 383 HOH AAA O   1 ? 
HETATM 1227 O  O   . HOH E 4 .   ? 8.447   14.896  -0.113  0.300 9.818  0 384 HOH AAA O   1 ? 
HETATM 1228 O  O   . HOH E 4 .   ? 6.015   -5.986  14.415  1.000 31.231 0 385 HOH AAA O   1 ? 
HETATM 1229 O  O   . HOH E 4 .   ? 7.428   9.963   20.133  1.000 35.584 0 386 HOH AAA O   1 ? 
HETATM 1230 O  O   . HOH E 4 .   ? 11.477  5.224   -1.059  1.000 38.027 0 387 HOH AAA O   1 ? 
HETATM 1231 O  O   . HOH E 4 .   ? -8.192  5.156   13.308  1.000 36.868 0 388 HOH AAA O   1 ? 
HETATM 1232 O  O   . HOH E 4 .   ? 4.787   -12.410 -8.179  1.000 42.051 0 389 HOH AAA O   1 ? 
HETATM 1233 O  O   . HOH E 4 .   ? 4.912   5.890   22.563  1.000 35.128 0 390 HOH AAA O   1 ? 
HETATM 1234 O  O   . HOH E 4 .   ? 4.288   11.665  13.181  1.000 27.781 0 391 HOH AAA O   1 ? 
HETATM 1235 O  O   . HOH E 4 .   ? -2.222  -15.417 -15.677 1.000 35.878 0 392 HOH AAA O   1 ? 
HETATM 1236 O  O   . HOH E 4 .   ? -13.731 -1.507  0.173   1.000 34.575 0 393 HOH AAA O   1 ? 
HETATM 1237 O  O   . HOH E 4 .   ? 4.802   -14.688 -16.000 1.000 31.490 0 394 HOH AAA O   1 ? 
HETATM 1238 O  O   . HOH E 4 .   ? -11.658 4.543   9.222   1.000 41.501 0 395 HOH AAA O   1 ? 
HETATM 1239 O  O   . HOH E 4 .   ? -5.304  -3.390  -15.460 1.000 38.022 0 396 HOH AAA O   1 ? 
HETATM 1240 O  O   . HOH E 4 .   ? 12.512  -4.532  -13.643 1.000 30.733 0 397 HOH AAA O   1 ? 
HETATM 1241 O  O   . HOH E 4 .   ? -4.721  -15.111 4.475   1.000 39.228 0 398 HOH AAA O   1 ? 
HETATM 1242 O  O   . HOH E 4 .   ? -15.563 6.301   -4.490  1.000 44.001 0 399 HOH AAA O   1 ? 
HETATM 1243 O  O   . HOH E 4 .   ? -10.801 0.588   12.176  1.000 36.434 0 400 HOH AAA O   1 ? 
HETATM 1244 O  O   . HOH E 4 .   ? -2.141  12.025  19.024  1.000 38.681 0 401 HOH AAA O   1 ? 
HETATM 1245 O  O   . HOH E 4 .   ? -3.728  -14.790 -4.064  1.000 36.748 0 402 HOH AAA O   1 ? 
HETATM 1246 O  O   . HOH E 4 .   ? -7.155  9.910   4.646   1.000 28.984 0 403 HOH AAA O   1 ? 
HETATM 1247 O  O   . HOH E 4 .   ? 2.166   11.708  20.099  1.000 30.606 0 404 HOH AAA O   1 ? 
HETATM 1248 O  O   . HOH E 4 .   ? 14.057  -4.774  -11.364 1.000 26.949 0 405 HOH AAA O   1 ? 
HETATM 1249 O  O   . HOH E 4 .   ? 2.704   -15.408 -12.948 1.000 30.187 0 406 HOH AAA O   1 ? 
HETATM 1250 O  O   . HOH E 4 .   ? 10.330  -5.294  3.607   1.000 42.197 0 407 HOH AAA O   1 ? 
HETATM 1251 O  O   . HOH E 4 .   ? -9.204  7.747   8.373   1.000 42.915 0 408 HOH AAA O   1 ? 
HETATM 1252 O  O   . HOH E 4 .   ? -9.210  7.749   12.295  1.000 39.221 0 409 HOH AAA O   1 ? 
HETATM 1253 O  O   . HOH E 4 .   ? -11.728 3.148   13.611  0.500 46.276 0 410 HOH AAA O   1 ? 
# 
